data_5DER
# 
_entry.id   5DER 
# 
_audit_conform.dict_name       mmcif_pdbx.dic 
_audit_conform.dict_version    5.387 
_audit_conform.dict_location   http://mmcif.pdb.org/dictionaries/ascii/mmcif_pdbx.dic 
# 
loop_
_database_2.database_id 
_database_2.database_code 
_database_2.pdbx_database_accession 
_database_2.pdbx_DOI 
PDB   5DER         pdb_00005der 10.2210/pdb5der/pdb 
WWPDB D_1000213098 ?            ?                   
# 
loop_
_pdbx_audit_revision_history.ordinal 
_pdbx_audit_revision_history.data_content_type 
_pdbx_audit_revision_history.major_revision 
_pdbx_audit_revision_history.minor_revision 
_pdbx_audit_revision_history.revision_date 
1 'Structure model' 1 0 2016-06-29 
2 'Structure model' 1 1 2024-03-06 
# 
_pdbx_audit_revision_details.ordinal             1 
_pdbx_audit_revision_details.revision_ordinal    1 
_pdbx_audit_revision_details.data_content_type   'Structure model' 
_pdbx_audit_revision_details.provider            repository 
_pdbx_audit_revision_details.type                'Initial release' 
_pdbx_audit_revision_details.description         ? 
_pdbx_audit_revision_details.details             ? 
# 
loop_
_pdbx_audit_revision_group.ordinal 
_pdbx_audit_revision_group.revision_ordinal 
_pdbx_audit_revision_group.data_content_type 
_pdbx_audit_revision_group.group 
1 2 'Structure model' 'Data collection'      
2 2 'Structure model' 'Database references'  
3 2 'Structure model' 'Derived calculations' 
# 
loop_
_pdbx_audit_revision_category.ordinal 
_pdbx_audit_revision_category.revision_ordinal 
_pdbx_audit_revision_category.data_content_type 
_pdbx_audit_revision_category.category 
1 2 'Structure model' chem_comp_atom              
2 2 'Structure model' chem_comp_bond              
3 2 'Structure model' citation                    
4 2 'Structure model' database_2                  
5 2 'Structure model' diffrn_radiation_wavelength 
6 2 'Structure model' pdbx_struct_oper_list       
# 
loop_
_pdbx_audit_revision_item.ordinal 
_pdbx_audit_revision_item.revision_ordinal 
_pdbx_audit_revision_item.data_content_type 
_pdbx_audit_revision_item.item 
1 2 'Structure model' '_citation.journal_id_CSD'                  
2 2 'Structure model' '_database_2.pdbx_DOI'                      
3 2 'Structure model' '_database_2.pdbx_database_accession'       
4 2 'Structure model' '_pdbx_struct_oper_list.symmetry_operation' 
# 
_pdbx_database_status.status_code                     REL 
_pdbx_database_status.status_code_sf                  REL 
_pdbx_database_status.status_code_mr                  ? 
_pdbx_database_status.entry_id                        5DER 
_pdbx_database_status.recvd_initial_deposition_date   2015-08-25 
_pdbx_database_status.SG_entry                        N 
_pdbx_database_status.deposit_site                    RCSB 
_pdbx_database_status.process_site                    RCSB 
_pdbx_database_status.status_code_cs                  ? 
_pdbx_database_status.methods_development_category    ? 
_pdbx_database_status.pdb_format_compatible           Y 
_pdbx_database_status.status_code_nmr_data            ? 
# 
_pdbx_database_related.db_name        PDB 
_pdbx_database_related.details        . 
_pdbx_database_related.db_id          5DEK 
_pdbx_database_related.content_type   unspecified 
# 
loop_
_audit_author.name 
_audit_author.pdbx_ordinal 
'Harp, J.M.' 1 
'Egli, M.'   2 
# 
_citation.abstract                  ? 
_citation.abstract_id_CAS           ? 
_citation.book_id_ISBN              ? 
_citation.book_publisher            ? 
_citation.book_publisher_city       ? 
_citation.book_title                ? 
_citation.coordinate_linkage        ? 
_citation.country                   US 
_citation.database_id_Medline       ? 
_citation.details                   ? 
_citation.id                        primary 
_citation.journal_abbrev            J.Org.Chem. 
_citation.journal_id_ASTM           JOCEAH 
_citation.journal_id_CSD            0035 
_citation.journal_id_ISSN           0022-3263 
_citation.journal_full              ? 
_citation.journal_issue             ? 
_citation.journal_volume            81 
_citation.language                  ? 
_citation.page_first                2261 
_citation.page_last                 2279 
_citation.title                     
;Structural Basis of Duplex Thermodynamic Stability and Enhanced Nuclease Resistance of 5'-C-Methyl Pyrimidine-Modified Oligonucleotides.
;
_citation.year                      2016 
_citation.database_id_CSD           ? 
_citation.pdbx_database_id_DOI      10.1021/acs.joc.5b02375 
_citation.pdbx_database_id_PubMed   26940174 
_citation.unpublished_flag          ? 
# 
loop_
_citation_author.citation_id 
_citation_author.name 
_citation_author.ordinal 
_citation_author.identifier_ORCID 
primary 'Kel In, A.V.'    1  ? 
primary 'Zlatev, I.'      2  ? 
primary 'Harp, J.'        3  ? 
primary 'Jayaraman, M.'   4  ? 
primary 'Bisbe, A.'       5  ? 
primary 'O Shea, J.'      6  ? 
primary 'Taneja, N.'      7  ? 
primary 'Manoharan, R.M.' 8  ? 
primary 'Khan, S.'        9  ? 
primary 'Charisse, K.'    10 ? 
primary 'Maier, M.A.'     11 ? 
primary 'Egli, M.'        12 ? 
primary 'Rajeev, K.G.'    13 ? 
primary 'Manoharan, M.'   14 ? 
# 
loop_
_entity.id 
_entity.type 
_entity.src_method 
_entity.pdbx_description 
_entity.formula_weight 
_entity.pdbx_number_of_molecules 
_entity.pdbx_ec 
_entity.pdbx_mutation 
_entity.pdbx_fragment 
_entity.details 
1 polymer syn 
;RNA oligonucleotide containing (R)-C5'-Me-2'-FU
;
2542.579 4   ? ? ? ? 
2 water   nat water                                             18.015   194 ? ? ? ? 
# 
_entity_poly.entity_id                      1 
_entity_poly.type                           polyribonucleotide 
_entity_poly.nstd_linkage                   no 
_entity_poly.nstd_monomer                   yes 
_entity_poly.pdbx_seq_one_letter_code       'CGAA(U5R)UCG' 
_entity_poly.pdbx_seq_one_letter_code_can   CGAAXUCG 
_entity_poly.pdbx_strand_id                 A,B,C,D 
_entity_poly.pdbx_target_identifier         ? 
# 
_pdbx_entity_nonpoly.entity_id   2 
_pdbx_entity_nonpoly.name        water 
_pdbx_entity_nonpoly.comp_id     HOH 
# 
loop_
_entity_poly_seq.entity_id 
_entity_poly_seq.num 
_entity_poly_seq.mon_id 
_entity_poly_seq.hetero 
1 1 C   n 
1 2 G   n 
1 3 A   n 
1 4 A   n 
1 5 U5R n 
1 6 U   n 
1 7 C   n 
1 8 G   n 
# 
_pdbx_entity_src_syn.entity_id              1 
_pdbx_entity_src_syn.pdbx_src_id            1 
_pdbx_entity_src_syn.pdbx_alt_source_flag   sample 
_pdbx_entity_src_syn.pdbx_beg_seq_num       1 
_pdbx_entity_src_syn.pdbx_end_seq_num       8 
_pdbx_entity_src_syn.organism_scientific    'synthetic construct' 
_pdbx_entity_src_syn.organism_common_name   ? 
_pdbx_entity_src_syn.ncbi_taxonomy_id       32630 
_pdbx_entity_src_syn.details                ? 
# 
loop_
_chem_comp.id 
_chem_comp.type 
_chem_comp.mon_nstd_flag 
_chem_comp.name 
_chem_comp.pdbx_synonyms 
_chem_comp.formula 
_chem_comp.formula_weight 
A   'RNA linking' y "ADENOSINE-5'-MONOPHOSPHATE"                                                             ? 'C10 H14 N5 O7 P'   
347.221 
C   'RNA linking' y "CYTIDINE-5'-MONOPHOSPHATE"                                                              ? 'C9 H14 N3 O8 P'    
323.197 
G   'RNA linking' y "GUANOSINE-5'-MONOPHOSPHATE"                                                             ? 'C10 H14 N5 O8 P'   
363.221 
HOH non-polymer   . WATER                                                                                    ? 'H2 O'              
18.015  
U   'RNA linking' y "URIDINE-5'-MONOPHOSPHATE"                                                               ? 'C9 H13 N2 O9 P'    
324.181 
U5R non-polymer   . '1-(2,6-dideoxy-2-fluoro-5-O-phosphono-beta-D-allofuranosyl)pyrimidine-2,4(1H,3H)-dione' ? 'C10 H14 F N2 O8 P' 
340.199 
# 
loop_
_pdbx_poly_seq_scheme.asym_id 
_pdbx_poly_seq_scheme.entity_id 
_pdbx_poly_seq_scheme.seq_id 
_pdbx_poly_seq_scheme.mon_id 
_pdbx_poly_seq_scheme.ndb_seq_num 
_pdbx_poly_seq_scheme.pdb_seq_num 
_pdbx_poly_seq_scheme.auth_seq_num 
_pdbx_poly_seq_scheme.pdb_mon_id 
_pdbx_poly_seq_scheme.auth_mon_id 
_pdbx_poly_seq_scheme.pdb_strand_id 
_pdbx_poly_seq_scheme.pdb_ins_code 
_pdbx_poly_seq_scheme.hetero 
A 1 1 C   1 101 101 C   C   A . n 
A 1 2 G   2 102 102 G   G   A . n 
A 1 3 A   3 103 103 A   A   A . n 
A 1 4 A   4 104 104 A   A   A . n 
A 1 5 U5R 5 105 105 U5R U5R A . n 
A 1 6 U   6 106 106 U   U   A . n 
A 1 7 C   7 107 107 C   C   A . n 
A 1 8 G   8 108 108 G   G   A . n 
B 1 1 C   1 209 209 C   C   B . n 
B 1 2 G   2 210 210 G   G   B . n 
B 1 3 A   3 211 211 A   A   B . n 
B 1 4 A   4 212 212 A   A   B . n 
B 1 5 U5R 5 213 213 U5R U5R B . n 
B 1 6 U   6 214 214 U   U   B . n 
B 1 7 C   7 215 215 C   C   B . n 
B 1 8 G   8 216 216 G   G   B . n 
C 1 1 C   1 101 101 C   C   C . n 
C 1 2 G   2 102 102 G   G   C . n 
C 1 3 A   3 103 103 A   A   C . n 
C 1 4 A   4 104 104 A   A   C . n 
C 1 5 U5R 5 105 105 U5R U5R C . n 
C 1 6 U   6 106 106 U   U   C . n 
C 1 7 C   7 107 107 C   C   C . n 
C 1 8 G   8 108 108 G   G   C . n 
D 1 1 C   1 209 209 C   C   D . n 
D 1 2 G   2 210 210 G   G   D . n 
D 1 3 A   3 211 211 A   A   D . n 
D 1 4 A   4 212 212 A   A   D . n 
D 1 5 U5R 5 213 213 U5R U5R D . n 
D 1 6 U   6 214 214 U   U   D . n 
D 1 7 C   7 215 215 C   C   D . n 
D 1 8 G   8 216 216 G   G   D . n 
# 
loop_
_pdbx_nonpoly_scheme.asym_id 
_pdbx_nonpoly_scheme.entity_id 
_pdbx_nonpoly_scheme.mon_id 
_pdbx_nonpoly_scheme.ndb_seq_num 
_pdbx_nonpoly_scheme.pdb_seq_num 
_pdbx_nonpoly_scheme.auth_seq_num 
_pdbx_nonpoly_scheme.pdb_mon_id 
_pdbx_nonpoly_scheme.auth_mon_id 
_pdbx_nonpoly_scheme.pdb_strand_id 
_pdbx_nonpoly_scheme.pdb_ins_code 
E 2 HOH 1  201 191 HOH HOH A . 
E 2 HOH 2  202 73  HOH HOH A . 
E 2 HOH 3  203 17  HOH HOH A . 
E 2 HOH 4  204 42  HOH HOH A . 
E 2 HOH 5  205 146 HOH HOH A . 
E 2 HOH 6  206 8   HOH HOH A . 
E 2 HOH 7  207 39  HOH HOH A . 
E 2 HOH 8  208 18  HOH HOH A . 
E 2 HOH 9  209 114 HOH HOH A . 
E 2 HOH 10 210 185 HOH HOH A . 
E 2 HOH 11 211 118 HOH HOH A . 
E 2 HOH 12 212 48  HOH HOH A . 
E 2 HOH 13 213 181 HOH HOH A . 
E 2 HOH 14 214 24  HOH HOH A . 
E 2 HOH 15 215 159 HOH HOH A . 
E 2 HOH 16 216 177 HOH HOH A . 
E 2 HOH 17 217 98  HOH HOH A . 
E 2 HOH 18 218 116 HOH HOH A . 
E 2 HOH 19 219 83  HOH HOH A . 
E 2 HOH 20 220 49  HOH HOH A . 
E 2 HOH 21 221 91  HOH HOH A . 
E 2 HOH 22 222 178 HOH HOH A . 
E 2 HOH 23 223 33  HOH HOH A . 
E 2 HOH 24 224 112 HOH HOH A . 
E 2 HOH 25 225 25  HOH HOH A . 
E 2 HOH 26 226 78  HOH HOH A . 
E 2 HOH 27 227 103 HOH HOH A . 
E 2 HOH 28 228 122 HOH HOH A . 
E 2 HOH 29 229 120 HOH HOH A . 
E 2 HOH 30 230 143 HOH HOH A . 
E 2 HOH 31 231 30  HOH HOH A . 
E 2 HOH 32 232 144 HOH HOH A . 
E 2 HOH 33 233 128 HOH HOH A . 
E 2 HOH 34 234 65  HOH HOH A . 
E 2 HOH 35 235 135 HOH HOH A . 
E 2 HOH 36 236 155 HOH HOH A . 
E 2 HOH 37 237 117 HOH HOH A . 
E 2 HOH 38 238 21  HOH HOH A . 
E 2 HOH 39 239 189 HOH HOH A . 
E 2 HOH 40 240 9   HOH HOH A . 
E 2 HOH 41 241 182 HOH HOH A . 
E 2 HOH 42 242 186 HOH HOH A . 
E 2 HOH 43 243 51  HOH HOH A . 
E 2 HOH 44 244 84  HOH HOH A . 
E 2 HOH 45 245 152 HOH HOH A . 
F 2 HOH 1  301 2   HOH HOH B . 
F 2 HOH 2  302 96  HOH HOH B . 
F 2 HOH 3  303 45  HOH HOH B . 
F 2 HOH 4  304 85  HOH HOH B . 
F 2 HOH 5  305 35  HOH HOH B . 
F 2 HOH 6  306 5   HOH HOH B . 
F 2 HOH 7  307 29  HOH HOH B . 
F 2 HOH 8  308 63  HOH HOH B . 
F 2 HOH 9  309 32  HOH HOH B . 
F 2 HOH 10 310 105 HOH HOH B . 
F 2 HOH 11 311 70  HOH HOH B . 
F 2 HOH 12 312 1   HOH HOH B . 
F 2 HOH 13 313 28  HOH HOH B . 
F 2 HOH 14 314 193 HOH HOH B . 
F 2 HOH 15 315 102 HOH HOH B . 
F 2 HOH 16 316 66  HOH HOH B . 
F 2 HOH 17 317 54  HOH HOH B . 
F 2 HOH 18 318 62  HOH HOH B . 
F 2 HOH 19 319 15  HOH HOH B . 
F 2 HOH 20 320 60  HOH HOH B . 
F 2 HOH 21 321 137 HOH HOH B . 
F 2 HOH 22 322 34  HOH HOH B . 
F 2 HOH 23 323 14  HOH HOH B . 
F 2 HOH 24 324 127 HOH HOH B . 
F 2 HOH 25 325 115 HOH HOH B . 
F 2 HOH 26 326 108 HOH HOH B . 
F 2 HOH 27 327 93  HOH HOH B . 
F 2 HOH 28 328 59  HOH HOH B . 
F 2 HOH 29 329 184 HOH HOH B . 
F 2 HOH 30 330 169 HOH HOH B . 
F 2 HOH 31 331 82  HOH HOH B . 
F 2 HOH 32 332 162 HOH HOH B . 
F 2 HOH 33 333 123 HOH HOH B . 
F 2 HOH 34 334 64  HOH HOH B . 
F 2 HOH 35 335 133 HOH HOH B . 
F 2 HOH 36 336 124 HOH HOH B . 
F 2 HOH 37 337 140 HOH HOH B . 
F 2 HOH 38 338 95  HOH HOH B . 
F 2 HOH 39 339 71  HOH HOH B . 
F 2 HOH 40 340 104 HOH HOH B . 
F 2 HOH 41 341 179 HOH HOH B . 
F 2 HOH 42 342 61  HOH HOH B . 
F 2 HOH 43 343 148 HOH HOH B . 
F 2 HOH 44 344 55  HOH HOH B . 
F 2 HOH 45 345 110 HOH HOH B . 
F 2 HOH 46 346 183 HOH HOH B . 
F 2 HOH 47 347 187 HOH HOH B . 
F 2 HOH 48 348 142 HOH HOH B . 
F 2 HOH 49 349 163 HOH HOH B . 
F 2 HOH 50 350 176 HOH HOH B . 
F 2 HOH 51 351 145 HOH HOH B . 
G 2 HOH 1  201 99  HOH HOH C . 
G 2 HOH 2  202 74  HOH HOH C . 
G 2 HOH 3  203 126 HOH HOH C . 
G 2 HOH 4  204 90  HOH HOH C . 
G 2 HOH 5  205 111 HOH HOH C . 
G 2 HOH 6  206 173 HOH HOH C . 
G 2 HOH 7  207 69  HOH HOH C . 
G 2 HOH 8  208 16  HOH HOH C . 
G 2 HOH 9  209 58  HOH HOH C . 
G 2 HOH 10 210 20  HOH HOH C . 
G 2 HOH 11 211 125 HOH HOH C . 
G 2 HOH 12 212 131 HOH HOH C . 
G 2 HOH 13 213 106 HOH HOH C . 
G 2 HOH 14 214 138 HOH HOH C . 
G 2 HOH 15 215 81  HOH HOH C . 
G 2 HOH 16 216 147 HOH HOH C . 
G 2 HOH 17 217 136 HOH HOH C . 
G 2 HOH 18 218 168 HOH HOH C . 
G 2 HOH 19 219 6   HOH HOH C . 
G 2 HOH 20 220 22  HOH HOH C . 
G 2 HOH 21 221 23  HOH HOH C . 
G 2 HOH 22 222 171 HOH HOH C . 
G 2 HOH 23 223 26  HOH HOH C . 
G 2 HOH 24 224 88  HOH HOH C . 
G 2 HOH 25 225 94  HOH HOH C . 
G 2 HOH 26 226 180 HOH HOH C . 
G 2 HOH 27 227 175 HOH HOH C . 
G 2 HOH 28 228 12  HOH HOH C . 
G 2 HOH 29 229 188 HOH HOH C . 
G 2 HOH 30 230 154 HOH HOH C . 
G 2 HOH 31 231 56  HOH HOH C . 
G 2 HOH 32 232 172 HOH HOH C . 
G 2 HOH 33 233 158 HOH HOH C . 
G 2 HOH 34 234 100 HOH HOH C . 
G 2 HOH 35 235 52  HOH HOH C . 
G 2 HOH 36 236 11  HOH HOH C . 
G 2 HOH 37 237 119 HOH HOH C . 
G 2 HOH 38 238 156 HOH HOH C . 
G 2 HOH 39 239 157 HOH HOH C . 
G 2 HOH 40 240 76  HOH HOH C . 
G 2 HOH 41 241 174 HOH HOH C . 
G 2 HOH 42 242 86  HOH HOH C . 
G 2 HOH 43 243 109 HOH HOH C . 
G 2 HOH 44 244 194 HOH HOH C . 
G 2 HOH 45 245 89  HOH HOH C . 
G 2 HOH 46 246 165 HOH HOH C . 
G 2 HOH 47 247 79  HOH HOH C . 
H 2 HOH 1  301 50  HOH HOH D . 
H 2 HOH 2  302 47  HOH HOH D . 
H 2 HOH 3  303 107 HOH HOH D . 
H 2 HOH 4  304 130 HOH HOH D . 
H 2 HOH 5  305 113 HOH HOH D . 
H 2 HOH 6  306 68  HOH HOH D . 
H 2 HOH 7  307 151 HOH HOH D . 
H 2 HOH 8  308 31  HOH HOH D . 
H 2 HOH 9  309 101 HOH HOH D . 
H 2 HOH 10 310 4   HOH HOH D . 
H 2 HOH 11 311 129 HOH HOH D . 
H 2 HOH 12 312 164 HOH HOH D . 
H 2 HOH 13 313 40  HOH HOH D . 
H 2 HOH 14 314 36  HOH HOH D . 
H 2 HOH 15 315 161 HOH HOH D . 
H 2 HOH 16 316 166 HOH HOH D . 
H 2 HOH 17 317 44  HOH HOH D . 
H 2 HOH 18 318 53  HOH HOH D . 
H 2 HOH 19 319 3   HOH HOH D . 
H 2 HOH 20 320 92  HOH HOH D . 
H 2 HOH 21 321 19  HOH HOH D . 
H 2 HOH 22 322 7   HOH HOH D . 
H 2 HOH 23 323 141 HOH HOH D . 
H 2 HOH 24 324 43  HOH HOH D . 
H 2 HOH 25 325 192 HOH HOH D . 
H 2 HOH 26 326 139 HOH HOH D . 
H 2 HOH 27 327 80  HOH HOH D . 
H 2 HOH 28 328 121 HOH HOH D . 
H 2 HOH 29 329 57  HOH HOH D . 
H 2 HOH 30 330 170 HOH HOH D . 
H 2 HOH 31 331 38  HOH HOH D . 
H 2 HOH 32 332 150 HOH HOH D . 
H 2 HOH 33 333 46  HOH HOH D . 
H 2 HOH 34 334 37  HOH HOH D . 
H 2 HOH 35 335 167 HOH HOH D . 
H 2 HOH 36 336 149 HOH HOH D . 
H 2 HOH 37 337 13  HOH HOH D . 
H 2 HOH 38 338 27  HOH HOH D . 
H 2 HOH 39 339 153 HOH HOH D . 
H 2 HOH 40 340 97  HOH HOH D . 
H 2 HOH 41 341 134 HOH HOH D . 
H 2 HOH 42 342 132 HOH HOH D . 
H 2 HOH 43 343 190 HOH HOH D . 
H 2 HOH 44 344 72  HOH HOH D . 
H 2 HOH 45 345 87  HOH HOH D . 
H 2 HOH 46 346 75  HOH HOH D . 
H 2 HOH 47 347 67  HOH HOH D . 
H 2 HOH 48 348 77  HOH HOH D . 
H 2 HOH 49 349 10  HOH HOH D . 
H 2 HOH 50 350 41  HOH HOH D . 
H 2 HOH 51 351 160 HOH HOH D . 
# 
loop_
_software.citation_id 
_software.classification 
_software.compiler_name 
_software.compiler_version 
_software.contact_author 
_software.contact_author_email 
_software.date 
_software.description 
_software.dependencies 
_software.hardware 
_software.language 
_software.location 
_software.mods 
_software.name 
_software.os 
_software.os_version 
_software.type 
_software.version 
_software.pdbx_ordinal 
? 'data collection' ? ? ? ? ? ? ? ? ? ? ? 'PROTEUM PLUS' ? ? ? .        1 
? refinement        ? ? ? ? ? ? ? ? ? ? ? PHENIX         ? ? ? 1.9_1692 2 
? 'data extraction' ? ? ? ? ? ? ? ? ? ? ? PDB_EXTRACT    ? ? ? 3.15     3 
? 'data reduction'  ? ? ? ? ? ? ? ? ? ? ? 'PROTEUM PLUS' ? ? ? .        4 
? 'data scaling'    ? ? ? ? ? ? ? ? ? ? ? 'PROTEUM PLUS' ? ? ? .        5 
? phasing           ? ? ? ? ? ? ? ? ? ? ? PHENIX         ? ? ? 1.9_1692 6 
# 
_cell.angle_alpha                  90.0 
_cell.angle_alpha_esd              ? 
_cell.angle_beta                   90.0 
_cell.angle_beta_esd               ? 
_cell.angle_gamma                  90.0 
_cell.angle_gamma_esd              ? 
_cell.entry_id                     5DER 
_cell.details                      ? 
_cell.formula_units_Z              ? 
_cell.length_a                     44.116 
_cell.length_a_esd                 ? 
_cell.length_b                     44.116 
_cell.length_b_esd                 ? 
_cell.length_c                     86.927 
_cell.length_c_esd                 ? 
_cell.volume                       169179.192506 
_cell.volume_esd                   ? 
_cell.Z_PDB                        32 
_cell.reciprocal_angle_alpha       ? 
_cell.reciprocal_angle_beta        ? 
_cell.reciprocal_angle_gamma       ? 
_cell.reciprocal_angle_alpha_esd   ? 
_cell.reciprocal_angle_beta_esd    ? 
_cell.reciprocal_angle_gamma_esd   ? 
_cell.reciprocal_length_a          ? 
_cell.reciprocal_length_b          ? 
_cell.reciprocal_length_c          ? 
_cell.reciprocal_length_a_esd      ? 
_cell.reciprocal_length_b_esd      ? 
_cell.reciprocal_length_c_esd      ? 
_cell.pdbx_unique_axis             ? 
# 
_symmetry.entry_id                         5DER 
_symmetry.cell_setting                     ? 
_symmetry.Int_Tables_number                96 
_symmetry.space_group_name_Hall            'P 4nw 2abw' 
_symmetry.space_group_name_H-M             'P 43 21 2' 
_symmetry.pdbx_full_space_group_name_H-M   ? 
# 
_exptl.absorpt_coefficient_mu     ? 
_exptl.absorpt_correction_T_max   ? 
_exptl.absorpt_correction_T_min   ? 
_exptl.absorpt_correction_type    ? 
_exptl.absorpt_process_details    ? 
_exptl.entry_id                   5DER 
_exptl.crystals_number            1 
_exptl.details                    ? 
_exptl.method                     'X-RAY DIFFRACTION' 
_exptl.method_details             ? 
# 
_exptl_crystal.colour                      ? 
_exptl_crystal.density_diffrn              ? 
_exptl_crystal.density_Matthews            2.08 
_exptl_crystal.density_method              ? 
_exptl_crystal.density_percent_sol         40.85 
_exptl_crystal.description                 ? 
_exptl_crystal.F_000                       ? 
_exptl_crystal.id                          1 
_exptl_crystal.preparation                 ? 
_exptl_crystal.size_max                    ? 
_exptl_crystal.size_mid                    ? 
_exptl_crystal.size_min                    ? 
_exptl_crystal.size_rad                    ? 
_exptl_crystal.colour_lustre               ? 
_exptl_crystal.colour_modifier             ? 
_exptl_crystal.colour_primary              ? 
_exptl_crystal.density_meas                ? 
_exptl_crystal.density_meas_esd            ? 
_exptl_crystal.density_meas_gt             ? 
_exptl_crystal.density_meas_lt             ? 
_exptl_crystal.density_meas_temp           ? 
_exptl_crystal.density_meas_temp_esd       ? 
_exptl_crystal.density_meas_temp_gt        ? 
_exptl_crystal.density_meas_temp_lt        ? 
_exptl_crystal.pdbx_crystal_image_url      ? 
_exptl_crystal.pdbx_crystal_image_format   ? 
_exptl_crystal.pdbx_mosaicity              ? 
_exptl_crystal.pdbx_mosaicity_esd          ? 
# 
_exptl_crystal_grow.apparatus       ? 
_exptl_crystal_grow.atmosphere      ? 
_exptl_crystal_grow.crystal_id      1 
_exptl_crystal_grow.details         ? 
_exptl_crystal_grow.method          'VAPOR DIFFUSION, SITTING DROP' 
_exptl_crystal_grow.method_ref      ? 
_exptl_crystal_grow.pH              5.5 
_exptl_crystal_grow.pressure        ? 
_exptl_crystal_grow.pressure_esd    ? 
_exptl_crystal_grow.seeding         ? 
_exptl_crystal_grow.seeding_ref     ? 
_exptl_crystal_grow.temp            293 
_exptl_crystal_grow.temp_details    ? 
_exptl_crystal_grow.temp_esd        ? 
_exptl_crystal_grow.time            ? 
_exptl_crystal_grow.pdbx_details    
'40 mM sodium cacodylate, 20 mM hexamine Co(III) chloride, 12 mM NaCl, 80 mM KCl, reservoir 40% MPD' 
_exptl_crystal_grow.pdbx_pH_range   ? 
# 
_diffrn.ambient_environment    ? 
_diffrn.ambient_temp           100 
_diffrn.ambient_temp_details   ? 
_diffrn.ambient_temp_esd       ? 
_diffrn.crystal_id             1 
_diffrn.crystal_support        ? 
_diffrn.crystal_treatment      ? 
_diffrn.details                ? 
_diffrn.id                     1 
_diffrn.ambient_pressure       ? 
_diffrn.ambient_pressure_esd   ? 
_diffrn.ambient_pressure_gt    ? 
_diffrn.ambient_pressure_lt    ? 
_diffrn.ambient_temp_gt        ? 
_diffrn.ambient_temp_lt        ? 
# 
_diffrn_detector.details                      'Montel multilayer, confocal mirrors' 
_diffrn_detector.detector                     CCD 
_diffrn_detector.diffrn_id                    1 
_diffrn_detector.type                         'Bruker Platinum 135' 
_diffrn_detector.area_resol_mean              ? 
_diffrn_detector.dtime                        ? 
_diffrn_detector.pdbx_frames_total            ? 
_diffrn_detector.pdbx_collection_time_total   ? 
_diffrn_detector.pdbx_collection_date         2014-09-30 
# 
_diffrn_radiation.collimation                      ? 
_diffrn_radiation.diffrn_id                        1 
_diffrn_radiation.filter_edge                      ? 
_diffrn_radiation.inhomogeneity                    ? 
_diffrn_radiation.monochromator                    ? 
_diffrn_radiation.polarisn_norm                    ? 
_diffrn_radiation.polarisn_ratio                   ? 
_diffrn_radiation.probe                            ? 
_diffrn_radiation.type                             ? 
_diffrn_radiation.xray_symbol                      ? 
_diffrn_radiation.wavelength_id                    1 
_diffrn_radiation.pdbx_monochromatic_or_laue_m_l   M 
_diffrn_radiation.pdbx_wavelength_list             ? 
_diffrn_radiation.pdbx_wavelength                  ? 
_diffrn_radiation.pdbx_diffrn_protocol             'SINGLE WAVELENGTH' 
_diffrn_radiation.pdbx_analyzer                    ? 
_diffrn_radiation.pdbx_scattering_type             x-ray 
# 
_diffrn_radiation_wavelength.id           1 
_diffrn_radiation_wavelength.wavelength   1.54178 
_diffrn_radiation_wavelength.wt           1.0 
# 
_diffrn_source.current                     ? 
_diffrn_source.details                     ? 
_diffrn_source.diffrn_id                   1 
_diffrn_source.power                       ? 
_diffrn_source.size                        ? 
_diffrn_source.source                      'ROTATING ANODE' 
_diffrn_source.target                      ? 
_diffrn_source.type                        'BRUKER AXS MICROSTAR' 
_diffrn_source.voltage                     ? 
_diffrn_source.take-off_angle              ? 
_diffrn_source.pdbx_wavelength_list        1.54178 
_diffrn_source.pdbx_wavelength             ? 
_diffrn_source.pdbx_synchrotron_beamline   ? 
_diffrn_source.pdbx_synchrotron_site       ? 
# 
_reflns.B_iso_Wilson_estimate            ? 
_reflns.entry_id                         5DER 
_reflns.data_reduction_details           ? 
_reflns.data_reduction_method            ? 
_reflns.d_resolution_high                1.80 
_reflns.d_resolution_low                 25.34 
_reflns.details                          ? 
_reflns.limit_h_max                      ? 
_reflns.limit_h_min                      ? 
_reflns.limit_k_max                      ? 
_reflns.limit_k_min                      ? 
_reflns.limit_l_max                      ? 
_reflns.limit_l_min                      ? 
_reflns.number_all                       ? 
_reflns.number_obs                       15381 
_reflns.observed_criterion               ? 
_reflns.observed_criterion_F_max         ? 
_reflns.observed_criterion_F_min         ? 
_reflns.observed_criterion_I_max         ? 
_reflns.observed_criterion_I_min         ? 
_reflns.observed_criterion_sigma_F       ? 
_reflns.observed_criterion_sigma_I       ? 
_reflns.percent_possible_obs             99.6 
_reflns.R_free_details                   ? 
_reflns.Rmerge_F_all                     ? 
_reflns.Rmerge_F_obs                     ? 
_reflns.Friedel_coverage                 ? 
_reflns.number_gt                        ? 
_reflns.threshold_expression             ? 
_reflns.pdbx_redundancy                  4.90 
_reflns.pdbx_Rmerge_I_obs                0.099 
_reflns.pdbx_Rmerge_I_all                ? 
_reflns.pdbx_Rsym_value                  ? 
_reflns.pdbx_netI_over_av_sigmaI         ? 
_reflns.pdbx_netI_over_sigmaI            9.57 
_reflns.pdbx_res_netI_over_av_sigmaI_2   ? 
_reflns.pdbx_res_netI_over_sigmaI_2      ? 
_reflns.pdbx_chi_squared                 ? 
_reflns.pdbx_scaling_rejects             ? 
_reflns.pdbx_d_res_high_opt              ? 
_reflns.pdbx_d_res_low_opt               ? 
_reflns.pdbx_d_res_opt_method            ? 
_reflns.phase_calculation_details        ? 
_reflns.pdbx_Rrim_I_all                  ? 
_reflns.pdbx_Rpim_I_all                  ? 
_reflns.pdbx_d_opt                       ? 
_reflns.pdbx_number_measured_all         ? 
_reflns.pdbx_diffrn_id                   1 
_reflns.pdbx_ordinal                     1 
_reflns.pdbx_CC_half                     ? 
_reflns.pdbx_R_split                     ? 
# 
_reflns_shell.d_res_high                  1.80 
_reflns_shell.d_res_low                   1.89 
_reflns_shell.meanI_over_sigI_all         ? 
_reflns_shell.meanI_over_sigI_obs         1.77 
_reflns_shell.number_measured_all         ? 
_reflns_shell.number_measured_obs         ? 
_reflns_shell.number_possible             ? 
_reflns_shell.number_unique_all           ? 
_reflns_shell.number_unique_obs           ? 
_reflns_shell.percent_possible_all        97.7 
_reflns_shell.percent_possible_obs        ? 
_reflns_shell.Rmerge_F_all                ? 
_reflns_shell.Rmerge_F_obs                ? 
_reflns_shell.Rmerge_I_all                ? 
_reflns_shell.Rmerge_I_obs                0.406 
_reflns_shell.meanI_over_sigI_gt          ? 
_reflns_shell.meanI_over_uI_all           ? 
_reflns_shell.meanI_over_uI_gt            ? 
_reflns_shell.number_measured_gt          ? 
_reflns_shell.number_unique_gt            ? 
_reflns_shell.percent_possible_gt         ? 
_reflns_shell.Rmerge_F_gt                 ? 
_reflns_shell.Rmerge_I_gt                 ? 
_reflns_shell.pdbx_redundancy             2.73 
_reflns_shell.pdbx_Rsym_value             ? 
_reflns_shell.pdbx_chi_squared            ? 
_reflns_shell.pdbx_netI_over_sigmaI_all   ? 
_reflns_shell.pdbx_netI_over_sigmaI_obs   ? 
_reflns_shell.pdbx_Rrim_I_all             ? 
_reflns_shell.pdbx_Rpim_I_all             ? 
_reflns_shell.pdbx_rejects                ? 
_reflns_shell.pdbx_ordinal                1 
_reflns_shell.pdbx_diffrn_id              1 
_reflns_shell.pdbx_CC_half                ? 
_reflns_shell.pdbx_R_split                ? 
# 
_refine.aniso_B[1][1]                            ? 
_refine.aniso_B[1][2]                            ? 
_refine.aniso_B[1][3]                            ? 
_refine.aniso_B[2][2]                            ? 
_refine.aniso_B[2][3]                            ? 
_refine.aniso_B[3][3]                            ? 
_refine.B_iso_max                                ? 
_refine.B_iso_mean                               22.4012714523 
_refine.B_iso_min                                ? 
_refine.correlation_coeff_Fo_to_Fc               ? 
_refine.correlation_coeff_Fo_to_Fc_free          ? 
_refine.details                                  ? 
_refine.diff_density_max                         ? 
_refine.diff_density_max_esd                     ? 
_refine.diff_density_min                         ? 
_refine.diff_density_min_esd                     ? 
_refine.diff_density_rms                         ? 
_refine.diff_density_rms_esd                     ? 
_refine.entry_id                                 5DER 
_refine.pdbx_refine_id                           'X-RAY DIFFRACTION' 
_refine.ls_abs_structure_details                 ? 
_refine.ls_abs_structure_Flack                   ? 
_refine.ls_abs_structure_Flack_esd               ? 
_refine.ls_abs_structure_Rogers                  ? 
_refine.ls_abs_structure_Rogers_esd              ? 
_refine.ls_d_res_high                            1.80 
_refine.ls_d_res_low                             25.34 
_refine.ls_extinction_coef                       ? 
_refine.ls_extinction_coef_esd                   ? 
_refine.ls_extinction_expression                 ? 
_refine.ls_extinction_method                     ? 
_refine.ls_goodness_of_fit_all                   ? 
_refine.ls_goodness_of_fit_all_esd               ? 
_refine.ls_goodness_of_fit_obs                   ? 
_refine.ls_goodness_of_fit_obs_esd               ? 
_refine.ls_hydrogen_treatment                    ? 
_refine.ls_matrix_type                           ? 
_refine.ls_number_constraints                    ? 
_refine.ls_number_parameters                     ? 
_refine.ls_number_reflns_all                     ? 
_refine.ls_number_reflns_obs                     15118 
_refine.ls_number_reflns_R_free                  454 
_refine.ls_number_reflns_R_work                  14302 
_refine.ls_number_restraints                     ? 
_refine.ls_percent_reflns_obs                    99.6375140051 
_refine.ls_percent_reflns_R_free                 5.39753935706 
_refine.ls_R_factor_all                          ? 
_refine.ls_R_factor_obs                          0.248 
_refine.ls_R_factor_R_free                       0.274 
_refine.ls_R_factor_R_free_error                 ? 
_refine.ls_R_factor_R_free_error_details         ? 
_refine.ls_R_factor_R_work                       0.257 
_refine.ls_R_Fsqd_factor_obs                     ? 
_refine.ls_R_I_factor_obs                        ? 
_refine.ls_redundancy_reflns_all                 ? 
_refine.ls_redundancy_reflns_obs                 ? 
_refine.ls_restrained_S_all                      ? 
_refine.ls_restrained_S_obs                      ? 
_refine.ls_shift_over_esd_max                    ? 
_refine.ls_shift_over_esd_mean                   ? 
_refine.ls_structure_factor_coef                 ? 
_refine.ls_weighting_details                     ? 
_refine.ls_weighting_scheme                      ? 
_refine.ls_wR_factor_all                         ? 
_refine.ls_wR_factor_obs                         ? 
_refine.ls_wR_factor_R_free                      ? 
_refine.ls_wR_factor_R_work                      ? 
_refine.occupancy_max                            ? 
_refine.occupancy_min                            ? 
_refine.solvent_model_details                    'FLAT BULK SOLVENT MODEL' 
_refine.solvent_model_param_bsol                 ? 
_refine.solvent_model_param_ksol                 ? 
_refine.ls_R_factor_gt                           ? 
_refine.ls_goodness_of_fit_gt                    ? 
_refine.ls_goodness_of_fit_ref                   ? 
_refine.ls_shift_over_su_max                     ? 
_refine.ls_shift_over_su_max_lt                  ? 
_refine.ls_shift_over_su_mean                    ? 
_refine.ls_shift_over_su_mean_lt                 ? 
_refine.pdbx_ls_sigma_I                          ? 
_refine.pdbx_ls_sigma_F                          0.143 
_refine.pdbx_ls_sigma_Fsqd                       ? 
_refine.pdbx_data_cutoff_high_absF               ? 
_refine.pdbx_data_cutoff_high_rms_absF           ? 
_refine.pdbx_data_cutoff_low_absF                ? 
_refine.pdbx_isotropic_thermal_model             ? 
_refine.pdbx_ls_cross_valid_method               'FREE R-VALUE' 
_refine.pdbx_method_to_determine_struct          ? 
_refine.pdbx_starting_model                      ? 
_refine.pdbx_stereochemistry_target_values       ? 
_refine.pdbx_R_Free_selection_details            ? 
_refine.pdbx_stereochem_target_val_spec_case     ? 
_refine.pdbx_overall_ESU_R                       ? 
_refine.pdbx_overall_ESU_R_Free                  ? 
_refine.pdbx_solvent_vdw_probe_radii             1.11 
_refine.pdbx_solvent_ion_probe_radii             ? 
_refine.pdbx_solvent_shrinkage_radii             0.9 
_refine.pdbx_real_space_R                        ? 
_refine.pdbx_density_correlation                 ? 
_refine.pdbx_pd_number_of_powder_patterns        ? 
_refine.pdbx_pd_number_of_points                 ? 
_refine.pdbx_pd_meas_number_of_points            ? 
_refine.pdbx_pd_proc_ls_prof_R_factor            ? 
_refine.pdbx_pd_proc_ls_prof_wR_factor           ? 
_refine.pdbx_pd_Marquardt_correlation_coeff      ? 
_refine.pdbx_pd_Fsqrd_R_factor                   ? 
_refine.pdbx_pd_ls_matrix_band_width             ? 
_refine.pdbx_overall_phase_error                 31.818088423 
_refine.pdbx_overall_SU_R_free_Cruickshank_DPI   ? 
_refine.pdbx_overall_SU_R_free_Blow_DPI          ? 
_refine.pdbx_overall_SU_R_Blow_DPI               ? 
_refine.pdbx_TLS_residual_ADP_flag               ? 
_refine.pdbx_diffrn_id                           1 
_refine.overall_SU_B                             ? 
_refine.overall_SU_ML                            ? 
_refine.overall_SU_R_Cruickshank_DPI             ? 
_refine.overall_SU_R_free                        ? 
_refine.overall_FOM_free_R_set                   ? 
_refine.overall_FOM_work_R_set                   ? 
_refine.pdbx_average_fsc_overall                 ? 
_refine.pdbx_average_fsc_work                    ? 
_refine.pdbx_average_fsc_free                    ? 
# 
_refine_hist.pdbx_refine_id                   'X-RAY DIFFRACTION' 
_refine_hist.cycle_id                         LAST 
_refine_hist.pdbx_number_atoms_protein        0 
_refine_hist.pdbx_number_atoms_nucleic_acid   672 
_refine_hist.pdbx_number_atoms_ligand         0 
_refine_hist.number_atoms_solvent             194 
_refine_hist.number_atoms_total               866 
_refine_hist.d_res_high                       1.80 
_refine_hist.d_res_low                        25.34 
# 
loop_
_refine_ls_restr.pdbx_refine_id 
_refine_ls_restr.criterion 
_refine_ls_restr.dev_ideal 
_refine_ls_restr.dev_ideal_target 
_refine_ls_restr.number 
_refine_ls_restr.rejects 
_refine_ls_restr.type 
_refine_ls_restr.weight 
_refine_ls_restr.pdbx_restraint_function 
'X-RAY DIFFRACTION' ? 0.00419357466461 ? 748  ? f_bond_d           ? ? 
'X-RAY DIFFRACTION' ? 0.85631665895    ? 1160 ? f_angle_d          ? ? 
'X-RAY DIFFRACTION' ? 0.0335223668827  ? 160  ? f_chiral_restr     ? ? 
'X-RAY DIFFRACTION' ? 0.00184552964032 ? 32   ? f_plane_restr      ? ? 
'X-RAY DIFFRACTION' ? 15.1239428142    ? 444  ? f_dihedral_angle_d ? ? 
# 
loop_
_refine_ls_shell.pdbx_refine_id 
_refine_ls_shell.d_res_high 
_refine_ls_shell.d_res_low 
_refine_ls_shell.number_reflns_all 
_refine_ls_shell.number_reflns_obs 
_refine_ls_shell.number_reflns_R_free 
_refine_ls_shell.number_reflns_R_work 
_refine_ls_shell.percent_reflns_obs 
_refine_ls_shell.percent_reflns_R_free 
_refine_ls_shell.R_factor_all 
_refine_ls_shell.R_factor_obs 
_refine_ls_shell.R_factor_R_free 
_refine_ls_shell.R_factor_R_free_error 
_refine_ls_shell.R_factor_R_work 
_refine_ls_shell.redundancy_reflns_all 
_refine_ls_shell.redundancy_reflns_obs 
_refine_ls_shell.wR_factor_all 
_refine_ls_shell.wR_factor_obs 
_refine_ls_shell.wR_factor_R_free 
_refine_ls_shell.wR_factor_R_work 
_refine_ls_shell.pdbx_total_number_of_bins_used 
_refine_ls_shell.pdbx_phase_error 
_refine_ls_shell.pdbx_fsc_work 
_refine_ls_shell.pdbx_fsc_free 
'X-RAY DIFFRACTION' 1.8041 1.917   . . 159 2369 93.341213554  . . . 0.352851748246 . 0.326623780261 . . . . . . . . . . 
'X-RAY DIFFRACTION' 1.917  2.0648  . . 144 2363 94.2560829677 . . . 0.286911294445 . 0.290012585757 . . . . . . . . . . 
'X-RAY DIFFRACTION' 2.0648 2.2722  . . 131 2379 94.7054140127 . . . 0.304369052554 . 0.269808116172 . . . . . . . . . . 
'X-RAY DIFFRACTION' 2.2722 2.6001  . . 115 2404 95.4346963081 . . . 0.268401587435 . 0.277854173422 . . . . . . . . . . 
'X-RAY DIFFRACTION' 2.6001 3.2724  . . 144 2359 94.1716566866 . . . 0.218149653346 . 0.238468855163 . . . . . . . . . . 
'X-RAY DIFFRACTION' 3.2724 17.5519 . . 123 2376 94.5859872611 . . . 0.247375572312 . 0.199287578527 . . . . . . . . . . 
# 
_struct.entry_id                     5DER 
_struct.title                        
;RNA oligonucleotide containing (R)-C5'-ME-2'F U
;
_struct.pdbx_model_details           ? 
_struct.pdbx_formula_weight          ? 
_struct.pdbx_formula_weight_method   ? 
_struct.pdbx_model_type_details      ? 
_struct.pdbx_CASP_flag               ? 
# 
_struct_keywords.entry_id        5DER 
_struct_keywords.text            'RNA, oligonucleotide' 
_struct_keywords.pdbx_keywords   RNA 
# 
loop_
_struct_asym.id 
_struct_asym.pdbx_blank_PDB_chainid_flag 
_struct_asym.pdbx_modified 
_struct_asym.entity_id 
_struct_asym.details 
A N N 1 ? 
B N N 1 ? 
C N N 1 ? 
D N N 1 ? 
E N N 2 ? 
F N N 2 ? 
G N N 2 ? 
H N N 2 ? 
# 
_struct_ref.id                         1 
_struct_ref.db_name                    PDB 
_struct_ref.db_code                    5DER 
_struct_ref.pdbx_db_accession          5DER 
_struct_ref.pdbx_db_isoform            ? 
_struct_ref.entity_id                  1 
_struct_ref.pdbx_seq_one_letter_code   ? 
_struct_ref.pdbx_align_begin           1 
# 
loop_
_struct_ref_seq.align_id 
_struct_ref_seq.ref_id 
_struct_ref_seq.pdbx_PDB_id_code 
_struct_ref_seq.pdbx_strand_id 
_struct_ref_seq.seq_align_beg 
_struct_ref_seq.pdbx_seq_align_beg_ins_code 
_struct_ref_seq.seq_align_end 
_struct_ref_seq.pdbx_seq_align_end_ins_code 
_struct_ref_seq.pdbx_db_accession 
_struct_ref_seq.db_align_beg 
_struct_ref_seq.pdbx_db_align_beg_ins_code 
_struct_ref_seq.db_align_end 
_struct_ref_seq.pdbx_db_align_end_ins_code 
_struct_ref_seq.pdbx_auth_seq_align_beg 
_struct_ref_seq.pdbx_auth_seq_align_end 
1 1 5DER A 1 ? 8 ? 5DER 101 ? 108 ? 101 108 
2 1 5DER B 1 ? 8 ? 5DER 209 ? 216 ? 209 216 
3 1 5DER C 1 ? 8 ? 5DER 101 ? 108 ? 101 108 
4 1 5DER D 1 ? 8 ? 5DER 209 ? 216 ? 209 216 
# 
loop_
_pdbx_struct_assembly.id 
_pdbx_struct_assembly.details 
_pdbx_struct_assembly.method_details 
_pdbx_struct_assembly.oligomeric_details 
_pdbx_struct_assembly.oligomeric_count 
1 author_and_software_defined_assembly PISA dimeric 2 
2 author_and_software_defined_assembly PISA dimeric 2 
# 
loop_
_pdbx_struct_assembly_prop.biol_id 
_pdbx_struct_assembly_prop.type 
_pdbx_struct_assembly_prop.value 
_pdbx_struct_assembly_prop.details 
1 'ABSA (A^2)' 810  ? 
1 MORE         1    ? 
1 'SSA (A^2)'  3110 ? 
2 'ABSA (A^2)' 810  ? 
2 MORE         1    ? 
2 'SSA (A^2)'  3110 ? 
# 
loop_
_pdbx_struct_assembly_gen.assembly_id 
_pdbx_struct_assembly_gen.oper_expression 
_pdbx_struct_assembly_gen.asym_id_list 
1 1 A,B,E,F 
2 1 C,D,G,H 
# 
_pdbx_struct_oper_list.id                   1 
_pdbx_struct_oper_list.type                 'identity operation' 
_pdbx_struct_oper_list.name                 1_555 
_pdbx_struct_oper_list.symmetry_operation   x,y,z 
_pdbx_struct_oper_list.matrix[1][1]         1.0000000000 
_pdbx_struct_oper_list.matrix[1][2]         0.0000000000 
_pdbx_struct_oper_list.matrix[1][3]         0.0000000000 
_pdbx_struct_oper_list.vector[1]            0.0000000000 
_pdbx_struct_oper_list.matrix[2][1]         0.0000000000 
_pdbx_struct_oper_list.matrix[2][2]         1.0000000000 
_pdbx_struct_oper_list.matrix[2][3]         0.0000000000 
_pdbx_struct_oper_list.vector[2]            0.0000000000 
_pdbx_struct_oper_list.matrix[3][1]         0.0000000000 
_pdbx_struct_oper_list.matrix[3][2]         0.0000000000 
_pdbx_struct_oper_list.matrix[3][3]         1.0000000000 
_pdbx_struct_oper_list.vector[3]            0.0000000000 
# 
loop_
_struct_conn.id 
_struct_conn.conn_type_id 
_struct_conn.pdbx_leaving_atom_flag 
_struct_conn.pdbx_PDB_id 
_struct_conn.ptnr1_label_asym_id 
_struct_conn.ptnr1_label_comp_id 
_struct_conn.ptnr1_label_seq_id 
_struct_conn.ptnr1_label_atom_id 
_struct_conn.pdbx_ptnr1_label_alt_id 
_struct_conn.pdbx_ptnr1_PDB_ins_code 
_struct_conn.pdbx_ptnr1_standard_comp_id 
_struct_conn.ptnr1_symmetry 
_struct_conn.ptnr2_label_asym_id 
_struct_conn.ptnr2_label_comp_id 
_struct_conn.ptnr2_label_seq_id 
_struct_conn.ptnr2_label_atom_id 
_struct_conn.pdbx_ptnr2_label_alt_id 
_struct_conn.pdbx_ptnr2_PDB_ins_code 
_struct_conn.ptnr1_auth_asym_id 
_struct_conn.ptnr1_auth_comp_id 
_struct_conn.ptnr1_auth_seq_id 
_struct_conn.ptnr2_auth_asym_id 
_struct_conn.ptnr2_auth_comp_id 
_struct_conn.ptnr2_auth_seq_id 
_struct_conn.ptnr2_symmetry 
_struct_conn.pdbx_ptnr3_label_atom_id 
_struct_conn.pdbx_ptnr3_label_seq_id 
_struct_conn.pdbx_ptnr3_label_comp_id 
_struct_conn.pdbx_ptnr3_label_asym_id 
_struct_conn.pdbx_ptnr3_label_alt_id 
_struct_conn.pdbx_ptnr3_PDB_ins_code 
_struct_conn.details 
_struct_conn.pdbx_dist_value 
_struct_conn.pdbx_value_order 
_struct_conn.pdbx_role 
covale1  covale both ? A A   4 "O3'" ? ? ? 1_555 A U5R 5 P  ? ? A A   104 A U5R 105 1_555 ? ? ? ? ? ? ?            1.609 ? ? 
covale2  covale one  ? A U5R 5 "O3'" ? ? ? 1_555 A U   6 P  ? ? A U5R 105 A U   106 1_555 ? ? ? ? ? ? ?            1.607 ? ? 
covale3  covale both ? B A   4 "O3'" ? ? ? 1_555 B U5R 5 P  ? ? B A   212 B U5R 213 1_555 ? ? ? ? ? ? ?            1.608 ? ? 
covale4  covale one  ? B U5R 5 "O3'" ? ? ? 1_555 B U   6 P  ? ? B U5R 213 B U   214 1_555 ? ? ? ? ? ? ?            1.607 ? ? 
covale5  covale both ? C A   4 "O3'" ? ? ? 1_555 C U5R 5 P  ? ? C A   104 C U5R 105 1_555 ? ? ? ? ? ? ?            1.609 ? ? 
covale6  covale one  ? C U5R 5 "O3'" ? ? ? 1_555 C U   6 P  ? ? C U5R 105 C U   106 1_555 ? ? ? ? ? ? ?            1.606 ? ? 
covale7  covale both ? D A   4 "O3'" ? ? ? 1_555 D U5R 5 P  ? ? D A   212 D U5R 213 1_555 ? ? ? ? ? ? ?            1.608 ? ? 
covale8  covale one  ? D U5R 5 "O3'" ? ? ? 1_555 D U   6 P  ? ? D U5R 213 D U   214 1_555 ? ? ? ? ? ? ?            1.607 ? ? 
hydrog1  hydrog ?    ? A C   1 N3    ? ? ? 1_555 B G   8 N1 ? ? A C   101 B G   216 1_555 ? ? ? ? ? ? WATSON-CRICK ?     ? ? 
hydrog2  hydrog ?    ? A C   1 N4    ? ? ? 1_555 B G   8 O6 ? ? A C   101 B G   216 1_555 ? ? ? ? ? ? WATSON-CRICK ?     ? ? 
hydrog3  hydrog ?    ? A C   1 O2    ? ? ? 1_555 B G   8 N2 ? ? A C   101 B G   216 1_555 ? ? ? ? ? ? WATSON-CRICK ?     ? ? 
hydrog4  hydrog ?    ? A G   2 N1    ? ? ? 1_555 B C   7 N3 ? ? A G   102 B C   215 1_555 ? ? ? ? ? ? WATSON-CRICK ?     ? ? 
hydrog5  hydrog ?    ? A G   2 N2    ? ? ? 1_555 B C   7 O2 ? ? A G   102 B C   215 1_555 ? ? ? ? ? ? WATSON-CRICK ?     ? ? 
hydrog6  hydrog ?    ? A G   2 O6    ? ? ? 1_555 B C   7 N4 ? ? A G   102 B C   215 1_555 ? ? ? ? ? ? WATSON-CRICK ?     ? ? 
hydrog7  hydrog ?    ? A A   3 N1    ? ? ? 1_555 B U   6 N3 ? ? A A   103 B U   214 1_555 ? ? ? ? ? ? WATSON-CRICK ?     ? ? 
hydrog8  hydrog ?    ? A A   3 N6    ? ? ? 1_555 B U   6 O4 ? ? A A   103 B U   214 1_555 ? ? ? ? ? ? WATSON-CRICK ?     ? ? 
hydrog9  hydrog ?    ? A U   6 N3    ? ? ? 1_555 B A   3 N1 ? ? A U   106 B A   211 1_555 ? ? ? ? ? ? WATSON-CRICK ?     ? ? 
hydrog10 hydrog ?    ? A U   6 O4    ? ? ? 1_555 B A   3 N6 ? ? A U   106 B A   211 1_555 ? ? ? ? ? ? WATSON-CRICK ?     ? ? 
hydrog11 hydrog ?    ? A C   7 N3    ? ? ? 1_555 B G   2 N1 ? ? A C   107 B G   210 1_555 ? ? ? ? ? ? WATSON-CRICK ?     ? ? 
hydrog12 hydrog ?    ? A C   7 N4    ? ? ? 1_555 B G   2 O6 ? ? A C   107 B G   210 1_555 ? ? ? ? ? ? WATSON-CRICK ?     ? ? 
hydrog13 hydrog ?    ? A C   7 O2    ? ? ? 1_555 B G   2 N2 ? ? A C   107 B G   210 1_555 ? ? ? ? ? ? WATSON-CRICK ?     ? ? 
hydrog14 hydrog ?    ? A G   8 N1    ? ? ? 1_555 B C   1 N3 ? ? A G   108 B C   209 1_555 ? ? ? ? ? ? WATSON-CRICK ?     ? ? 
hydrog15 hydrog ?    ? A G   8 N2    ? ? ? 1_555 B C   1 O2 ? ? A G   108 B C   209 1_555 ? ? ? ? ? ? WATSON-CRICK ?     ? ? 
hydrog16 hydrog ?    ? A G   8 O6    ? ? ? 1_555 B C   1 N4 ? ? A G   108 B C   209 1_555 ? ? ? ? ? ? WATSON-CRICK ?     ? ? 
hydrog17 hydrog ?    ? C C   1 N3    ? ? ? 1_555 D G   8 N1 ? ? C C   101 D G   216 1_555 ? ? ? ? ? ? WATSON-CRICK ?     ? ? 
hydrog18 hydrog ?    ? C C   1 N4    ? ? ? 1_555 D G   8 O6 ? ? C C   101 D G   216 1_555 ? ? ? ? ? ? WATSON-CRICK ?     ? ? 
hydrog19 hydrog ?    ? C C   1 O2    ? ? ? 1_555 D G   8 N2 ? ? C C   101 D G   216 1_555 ? ? ? ? ? ? WATSON-CRICK ?     ? ? 
hydrog20 hydrog ?    ? C G   2 N1    ? ? ? 1_555 D C   7 N3 ? ? C G   102 D C   215 1_555 ? ? ? ? ? ? WATSON-CRICK ?     ? ? 
hydrog21 hydrog ?    ? C G   2 N2    ? ? ? 1_555 D C   7 O2 ? ? C G   102 D C   215 1_555 ? ? ? ? ? ? WATSON-CRICK ?     ? ? 
hydrog22 hydrog ?    ? C G   2 O6    ? ? ? 1_555 D C   7 N4 ? ? C G   102 D C   215 1_555 ? ? ? ? ? ? WATSON-CRICK ?     ? ? 
hydrog23 hydrog ?    ? C A   3 N1    ? ? ? 1_555 D U   6 N3 ? ? C A   103 D U   214 1_555 ? ? ? ? ? ? WATSON-CRICK ?     ? ? 
hydrog24 hydrog ?    ? C A   3 N6    ? ? ? 1_555 D U   6 O4 ? ? C A   103 D U   214 1_555 ? ? ? ? ? ? WATSON-CRICK ?     ? ? 
hydrog25 hydrog ?    ? C U   6 N3    ? ? ? 1_555 D A   3 N1 ? ? C U   106 D A   211 1_555 ? ? ? ? ? ? WATSON-CRICK ?     ? ? 
hydrog26 hydrog ?    ? C U   6 O4    ? ? ? 1_555 D A   3 N6 ? ? C U   106 D A   211 1_555 ? ? ? ? ? ? WATSON-CRICK ?     ? ? 
hydrog27 hydrog ?    ? C C   7 N3    ? ? ? 1_555 D G   2 N1 ? ? C C   107 D G   210 1_555 ? ? ? ? ? ? WATSON-CRICK ?     ? ? 
hydrog28 hydrog ?    ? C C   7 N4    ? ? ? 1_555 D G   2 O6 ? ? C C   107 D G   210 1_555 ? ? ? ? ? ? WATSON-CRICK ?     ? ? 
hydrog29 hydrog ?    ? C C   7 O2    ? ? ? 1_555 D G   2 N2 ? ? C C   107 D G   210 1_555 ? ? ? ? ? ? WATSON-CRICK ?     ? ? 
hydrog30 hydrog ?    ? C G   8 N1    ? ? ? 1_555 D C   1 N3 ? ? C G   108 D C   209 1_555 ? ? ? ? ? ? WATSON-CRICK ?     ? ? 
hydrog31 hydrog ?    ? C G   8 N2    ? ? ? 1_555 D C   1 O2 ? ? C G   108 D C   209 1_555 ? ? ? ? ? ? WATSON-CRICK ?     ? ? 
hydrog32 hydrog ?    ? C G   8 O6    ? ? ? 1_555 D C   1 N4 ? ? C G   108 D C   209 1_555 ? ? ? ? ? ? WATSON-CRICK ?     ? ? 
# 
loop_
_struct_conn_type.id 
_struct_conn_type.criteria 
_struct_conn_type.reference 
covale ? ? 
hydrog ? ? 
# 
loop_
_pdbx_struct_special_symmetry.id 
_pdbx_struct_special_symmetry.PDB_model_num 
_pdbx_struct_special_symmetry.auth_asym_id 
_pdbx_struct_special_symmetry.auth_comp_id 
_pdbx_struct_special_symmetry.auth_seq_id 
_pdbx_struct_special_symmetry.PDB_ins_code 
_pdbx_struct_special_symmetry.label_asym_id 
_pdbx_struct_special_symmetry.label_comp_id 
_pdbx_struct_special_symmetry.label_seq_id 
1 1 C HOH 228 ? G HOH . 
2 1 D HOH 317 ? H HOH . 
3 1 D HOH 351 ? H HOH . 
# 
loop_
_space_group_symop.id 
_space_group_symop.operation_xyz 
1 x,y,z               
2 -y+1/2,x+1/2,z+3/4  
3 y+1/2,-x+1/2,z+1/4  
4 x+1/2,-y+1/2,-z+1/4 
5 -x+1/2,y+1/2,-z+3/4 
6 -x,-y,z+1/2         
7 y,x,-z              
8 -y,-x,-z+1/2        
# 
loop_
_chem_comp_atom.comp_id 
_chem_comp_atom.atom_id 
_chem_comp_atom.type_symbol 
_chem_comp_atom.pdbx_aromatic_flag 
_chem_comp_atom.pdbx_stereo_config 
_chem_comp_atom.pdbx_ordinal 
A   OP3    O N N 1   
A   P      P N N 2   
A   OP1    O N N 3   
A   OP2    O N N 4   
A   "O5'"  O N N 5   
A   "C5'"  C N N 6   
A   "C4'"  C N R 7   
A   "O4'"  O N N 8   
A   "C3'"  C N S 9   
A   "O3'"  O N N 10  
A   "C2'"  C N R 11  
A   "O2'"  O N N 12  
A   "C1'"  C N R 13  
A   N9     N Y N 14  
A   C8     C Y N 15  
A   N7     N Y N 16  
A   C5     C Y N 17  
A   C6     C Y N 18  
A   N6     N N N 19  
A   N1     N Y N 20  
A   C2     C Y N 21  
A   N3     N Y N 22  
A   C4     C Y N 23  
A   HOP3   H N N 24  
A   HOP2   H N N 25  
A   "H5'"  H N N 26  
A   "H5''" H N N 27  
A   "H4'"  H N N 28  
A   "H3'"  H N N 29  
A   "HO3'" H N N 30  
A   "H2'"  H N N 31  
A   "HO2'" H N N 32  
A   "H1'"  H N N 33  
A   H8     H N N 34  
A   H61    H N N 35  
A   H62    H N N 36  
A   H2     H N N 37  
C   OP3    O N N 38  
C   P      P N N 39  
C   OP1    O N N 40  
C   OP2    O N N 41  
C   "O5'"  O N N 42  
C   "C5'"  C N N 43  
C   "C4'"  C N R 44  
C   "O4'"  O N N 45  
C   "C3'"  C N S 46  
C   "O3'"  O N N 47  
C   "C2'"  C N R 48  
C   "O2'"  O N N 49  
C   "C1'"  C N R 50  
C   N1     N N N 51  
C   C2     C N N 52  
C   O2     O N N 53  
C   N3     N N N 54  
C   C4     C N N 55  
C   N4     N N N 56  
C   C5     C N N 57  
C   C6     C N N 58  
C   HOP3   H N N 59  
C   HOP2   H N N 60  
C   "H5'"  H N N 61  
C   "H5''" H N N 62  
C   "H4'"  H N N 63  
C   "H3'"  H N N 64  
C   "HO3'" H N N 65  
C   "H2'"  H N N 66  
C   "HO2'" H N N 67  
C   "H1'"  H N N 68  
C   H41    H N N 69  
C   H42    H N N 70  
C   H5     H N N 71  
C   H6     H N N 72  
G   OP3    O N N 73  
G   P      P N N 74  
G   OP1    O N N 75  
G   OP2    O N N 76  
G   "O5'"  O N N 77  
G   "C5'"  C N N 78  
G   "C4'"  C N R 79  
G   "O4'"  O N N 80  
G   "C3'"  C N S 81  
G   "O3'"  O N N 82  
G   "C2'"  C N R 83  
G   "O2'"  O N N 84  
G   "C1'"  C N R 85  
G   N9     N Y N 86  
G   C8     C Y N 87  
G   N7     N Y N 88  
G   C5     C Y N 89  
G   C6     C N N 90  
G   O6     O N N 91  
G   N1     N N N 92  
G   C2     C N N 93  
G   N2     N N N 94  
G   N3     N N N 95  
G   C4     C Y N 96  
G   HOP3   H N N 97  
G   HOP2   H N N 98  
G   "H5'"  H N N 99  
G   "H5''" H N N 100 
G   "H4'"  H N N 101 
G   "H3'"  H N N 102 
G   "HO3'" H N N 103 
G   "H2'"  H N N 104 
G   "HO2'" H N N 105 
G   "H1'"  H N N 106 
G   H8     H N N 107 
G   H1     H N N 108 
G   H21    H N N 109 
G   H22    H N N 110 
HOH O      O N N 111 
HOH H1     H N N 112 
HOH H2     H N N 113 
U   OP3    O N N 114 
U   P      P N N 115 
U   OP1    O N N 116 
U   OP2    O N N 117 
U   "O5'"  O N N 118 
U   "C5'"  C N N 119 
U   "C4'"  C N R 120 
U   "O4'"  O N N 121 
U   "C3'"  C N S 122 
U   "O3'"  O N N 123 
U   "C2'"  C N R 124 
U   "O2'"  O N N 125 
U   "C1'"  C N R 126 
U   N1     N N N 127 
U   C2     C N N 128 
U   O2     O N N 129 
U   N3     N N N 130 
U   C4     C N N 131 
U   O4     O N N 132 
U   C5     C N N 133 
U   C6     C N N 134 
U   HOP3   H N N 135 
U   HOP2   H N N 136 
U   "H5'"  H N N 137 
U   "H5''" H N N 138 
U   "H4'"  H N N 139 
U   "H3'"  H N N 140 
U   "HO3'" H N N 141 
U   "H2'"  H N N 142 
U   "HO2'" H N N 143 
U   "H1'"  H N N 144 
U   H3     H N N 145 
U   H5     H N N 146 
U   H6     H N N 147 
U5R O2     O N N 148 
U5R C2     C N N 149 
U5R N3     N N N 150 
U5R C4     C N N 151 
U5R O4     O N N 152 
U5R C5     C N N 153 
U5R C6     C N N 154 
U5R N1     N N N 155 
U5R "C1'"  C N R 156 
U5R "O4'"  O N N 157 
U5R "C2'"  C N R 158 
U5R "F2'"  F N N 159 
U5R "C3'"  C N R 160 
U5R "O3'"  O N N 161 
U5R "C4'"  C N S 162 
U5R "C5'"  C N R 163 
U5R C5M    C N N 164 
U5R "O5'"  O N N 165 
U5R P      P N N 166 
U5R OP1    O N N 167 
U5R OP2    O N N 168 
U5R OP3    O N N 169 
U5R H1     H N N 170 
U5R H2     H N N 171 
U5R H3     H N N 172 
U5R H4     H N N 173 
U5R H5     H N N 174 
U5R H6     H N N 175 
U5R H7     H N N 176 
U5R H8     H N N 177 
U5R H9     H N N 178 
U5R H10    H N N 179 
U5R H11    H N N 180 
U5R H12    H N N 181 
U5R H13    H N N 182 
U5R H14    H N N 183 
# 
loop_
_chem_comp_bond.comp_id 
_chem_comp_bond.atom_id_1 
_chem_comp_bond.atom_id_2 
_chem_comp_bond.value_order 
_chem_comp_bond.pdbx_aromatic_flag 
_chem_comp_bond.pdbx_stereo_config 
_chem_comp_bond.pdbx_ordinal 
A   OP3   P      sing N N 1   
A   OP3   HOP3   sing N N 2   
A   P     OP1    doub N N 3   
A   P     OP2    sing N N 4   
A   P     "O5'"  sing N N 5   
A   OP2   HOP2   sing N N 6   
A   "O5'" "C5'"  sing N N 7   
A   "C5'" "C4'"  sing N N 8   
A   "C5'" "H5'"  sing N N 9   
A   "C5'" "H5''" sing N N 10  
A   "C4'" "O4'"  sing N N 11  
A   "C4'" "C3'"  sing N N 12  
A   "C4'" "H4'"  sing N N 13  
A   "O4'" "C1'"  sing N N 14  
A   "C3'" "O3'"  sing N N 15  
A   "C3'" "C2'"  sing N N 16  
A   "C3'" "H3'"  sing N N 17  
A   "O3'" "HO3'" sing N N 18  
A   "C2'" "O2'"  sing N N 19  
A   "C2'" "C1'"  sing N N 20  
A   "C2'" "H2'"  sing N N 21  
A   "O2'" "HO2'" sing N N 22  
A   "C1'" N9     sing N N 23  
A   "C1'" "H1'"  sing N N 24  
A   N9    C8     sing Y N 25  
A   N9    C4     sing Y N 26  
A   C8    N7     doub Y N 27  
A   C8    H8     sing N N 28  
A   N7    C5     sing Y N 29  
A   C5    C6     sing Y N 30  
A   C5    C4     doub Y N 31  
A   C6    N6     sing N N 32  
A   C6    N1     doub Y N 33  
A   N6    H61    sing N N 34  
A   N6    H62    sing N N 35  
A   N1    C2     sing Y N 36  
A   C2    N3     doub Y N 37  
A   C2    H2     sing N N 38  
A   N3    C4     sing Y N 39  
C   OP3   P      sing N N 40  
C   OP3   HOP3   sing N N 41  
C   P     OP1    doub N N 42  
C   P     OP2    sing N N 43  
C   P     "O5'"  sing N N 44  
C   OP2   HOP2   sing N N 45  
C   "O5'" "C5'"  sing N N 46  
C   "C5'" "C4'"  sing N N 47  
C   "C5'" "H5'"  sing N N 48  
C   "C5'" "H5''" sing N N 49  
C   "C4'" "O4'"  sing N N 50  
C   "C4'" "C3'"  sing N N 51  
C   "C4'" "H4'"  sing N N 52  
C   "O4'" "C1'"  sing N N 53  
C   "C3'" "O3'"  sing N N 54  
C   "C3'" "C2'"  sing N N 55  
C   "C3'" "H3'"  sing N N 56  
C   "O3'" "HO3'" sing N N 57  
C   "C2'" "O2'"  sing N N 58  
C   "C2'" "C1'"  sing N N 59  
C   "C2'" "H2'"  sing N N 60  
C   "O2'" "HO2'" sing N N 61  
C   "C1'" N1     sing N N 62  
C   "C1'" "H1'"  sing N N 63  
C   N1    C2     sing N N 64  
C   N1    C6     sing N N 65  
C   C2    O2     doub N N 66  
C   C2    N3     sing N N 67  
C   N3    C4     doub N N 68  
C   C4    N4     sing N N 69  
C   C4    C5     sing N N 70  
C   N4    H41    sing N N 71  
C   N4    H42    sing N N 72  
C   C5    C6     doub N N 73  
C   C5    H5     sing N N 74  
C   C6    H6     sing N N 75  
G   OP3   P      sing N N 76  
G   OP3   HOP3   sing N N 77  
G   P     OP1    doub N N 78  
G   P     OP2    sing N N 79  
G   P     "O5'"  sing N N 80  
G   OP2   HOP2   sing N N 81  
G   "O5'" "C5'"  sing N N 82  
G   "C5'" "C4'"  sing N N 83  
G   "C5'" "H5'"  sing N N 84  
G   "C5'" "H5''" sing N N 85  
G   "C4'" "O4'"  sing N N 86  
G   "C4'" "C3'"  sing N N 87  
G   "C4'" "H4'"  sing N N 88  
G   "O4'" "C1'"  sing N N 89  
G   "C3'" "O3'"  sing N N 90  
G   "C3'" "C2'"  sing N N 91  
G   "C3'" "H3'"  sing N N 92  
G   "O3'" "HO3'" sing N N 93  
G   "C2'" "O2'"  sing N N 94  
G   "C2'" "C1'"  sing N N 95  
G   "C2'" "H2'"  sing N N 96  
G   "O2'" "HO2'" sing N N 97  
G   "C1'" N9     sing N N 98  
G   "C1'" "H1'"  sing N N 99  
G   N9    C8     sing Y N 100 
G   N9    C4     sing Y N 101 
G   C8    N7     doub Y N 102 
G   C8    H8     sing N N 103 
G   N7    C5     sing Y N 104 
G   C5    C6     sing N N 105 
G   C5    C4     doub Y N 106 
G   C6    O6     doub N N 107 
G   C6    N1     sing N N 108 
G   N1    C2     sing N N 109 
G   N1    H1     sing N N 110 
G   C2    N2     sing N N 111 
G   C2    N3     doub N N 112 
G   N2    H21    sing N N 113 
G   N2    H22    sing N N 114 
G   N3    C4     sing N N 115 
HOH O     H1     sing N N 116 
HOH O     H2     sing N N 117 
U   OP3   P      sing N N 118 
U   OP3   HOP3   sing N N 119 
U   P     OP1    doub N N 120 
U   P     OP2    sing N N 121 
U   P     "O5'"  sing N N 122 
U   OP2   HOP2   sing N N 123 
U   "O5'" "C5'"  sing N N 124 
U   "C5'" "C4'"  sing N N 125 
U   "C5'" "H5'"  sing N N 126 
U   "C5'" "H5''" sing N N 127 
U   "C4'" "O4'"  sing N N 128 
U   "C4'" "C3'"  sing N N 129 
U   "C4'" "H4'"  sing N N 130 
U   "O4'" "C1'"  sing N N 131 
U   "C3'" "O3'"  sing N N 132 
U   "C3'" "C2'"  sing N N 133 
U   "C3'" "H3'"  sing N N 134 
U   "O3'" "HO3'" sing N N 135 
U   "C2'" "O2'"  sing N N 136 
U   "C2'" "C1'"  sing N N 137 
U   "C2'" "H2'"  sing N N 138 
U   "O2'" "HO2'" sing N N 139 
U   "C1'" N1     sing N N 140 
U   "C1'" "H1'"  sing N N 141 
U   N1    C2     sing N N 142 
U   N1    C6     sing N N 143 
U   C2    O2     doub N N 144 
U   C2    N3     sing N N 145 
U   N3    C4     sing N N 146 
U   N3    H3     sing N N 147 
U   C4    O4     doub N N 148 
U   C4    C5     sing N N 149 
U   C5    C6     doub N N 150 
U   C5    H5     sing N N 151 
U   C6    H6     sing N N 152 
U5R "O3'" "C3'"  sing N N 153 
U5R C5M   "C5'"  sing N N 154 
U5R OP1   P      doub N N 155 
U5R "C3'" "C2'"  sing N N 156 
U5R "C3'" "C4'"  sing N N 157 
U5R "O5'" P      sing N N 158 
U5R "O5'" "C5'"  sing N N 159 
U5R P     OP2    sing N N 160 
U5R "C5'" "C4'"  sing N N 161 
U5R "C2'" "F2'"  sing N N 162 
U5R "C2'" "C1'"  sing N N 163 
U5R "C4'" "O4'"  sing N N 164 
U5R C6    C5     doub N N 165 
U5R C6    N1     sing N N 166 
U5R "O4'" "C1'"  sing N N 167 
U5R C5    C4     sing N N 168 
U5R "C1'" N1     sing N N 169 
U5R N1    C2     sing N N 170 
U5R C4    O4     doub N N 171 
U5R C4    N3     sing N N 172 
U5R C2    N3     sing N N 173 
U5R C2    O2     doub N N 174 
U5R P     OP3    sing N N 175 
U5R N3    H1     sing N N 176 
U5R C5    H2     sing N N 177 
U5R C6    H3     sing N N 178 
U5R "C1'" H4     sing N N 179 
U5R "C2'" H5     sing N N 180 
U5R "C3'" H6     sing N N 181 
U5R "O3'" H7     sing N N 182 
U5R "C4'" H8     sing N N 183 
U5R "C5'" H9     sing N N 184 
U5R C5M   H10    sing N N 185 
U5R C5M   H11    sing N N 186 
U5R C5M   H12    sing N N 187 
U5R OP2   H13    sing N N 188 
U5R OP3   H14    sing N N 189 
# 
_ndb_struct_conf_na.entry_id   5DER 
_ndb_struct_conf_na.feature    'a-form double helix' 
# 
loop_
_ndb_struct_na_base_pair.model_number 
_ndb_struct_na_base_pair.i_label_asym_id 
_ndb_struct_na_base_pair.i_label_comp_id 
_ndb_struct_na_base_pair.i_label_seq_id 
_ndb_struct_na_base_pair.i_symmetry 
_ndb_struct_na_base_pair.j_label_asym_id 
_ndb_struct_na_base_pair.j_label_comp_id 
_ndb_struct_na_base_pair.j_label_seq_id 
_ndb_struct_na_base_pair.j_symmetry 
_ndb_struct_na_base_pair.shear 
_ndb_struct_na_base_pair.stretch 
_ndb_struct_na_base_pair.stagger 
_ndb_struct_na_base_pair.buckle 
_ndb_struct_na_base_pair.propeller 
_ndb_struct_na_base_pair.opening 
_ndb_struct_na_base_pair.pair_number 
_ndb_struct_na_base_pair.pair_name 
_ndb_struct_na_base_pair.i_auth_asym_id 
_ndb_struct_na_base_pair.i_auth_seq_id 
_ndb_struct_na_base_pair.i_PDB_ins_code 
_ndb_struct_na_base_pair.j_auth_asym_id 
_ndb_struct_na_base_pair.j_auth_seq_id 
_ndb_struct_na_base_pair.j_PDB_ins_code 
_ndb_struct_na_base_pair.hbond_type_28 
_ndb_struct_na_base_pair.hbond_type_12 
1 A C 1 1_555 B G 8 1_555 0.043  -0.152 -0.106 9.323  -15.171 3.087  1  A_C101:G216_B A 101 ? B 216 ? 19 1 
1 A G 2 1_555 B C 7 1_555 -0.300 -0.140 0.008  -2.690 -14.063 1.234  2  A_G102:C215_B A 102 ? B 215 ? 19 1 
1 A A 3 1_555 B U 6 1_555 0.321  -0.202 -0.103 -2.356 -13.967 0.033  3  A_A103:U214_B A 103 ? B 214 ? 20 1 
1 A U 6 1_555 B A 3 1_555 -0.143 -0.105 -0.014 4.956  -14.917 1.622  4  A_U106:A211_B A 106 ? B 211 ? 20 1 
1 A C 7 1_555 B G 2 1_555 0.222  -0.233 -0.113 3.123  -15.731 -0.056 5  A_C107:G210_B A 107 ? B 210 ? 19 1 
1 A G 8 1_555 B C 1 1_555 0.008  -0.099 -0.038 -9.709 -14.829 -1.295 6  A_G108:C209_B A 108 ? B 209 ? 19 1 
1 C C 1 1_555 D G 8 1_555 -0.076 -0.088 -0.205 12.207 -11.621 -4.035 7  C_C101:G216_D C 101 ? D 216 ? 19 1 
1 C G 2 1_555 D C 7 1_555 -0.411 -0.258 -0.229 -4.473 -13.741 -0.918 8  C_G102:C215_D C 102 ? D 215 ? 19 1 
1 C A 3 1_555 D U 6 1_555 0.229  -0.118 -0.190 -6.836 -10.475 1.241  9  C_A103:U214_D C 103 ? D 214 ? 20 1 
1 C U 6 1_555 D A 3 1_555 -0.214 -0.189 -0.078 2.002  -16.210 2.838  10 C_U106:A211_D C 106 ? D 211 ? 20 1 
1 C C 7 1_555 D G 2 1_555 0.354  -0.280 0.025  3.519  -16.392 0.339  11 C_C107:G210_D C 107 ? D 210 ? 19 1 
1 C G 8 1_555 D C 1 1_555 -0.253 -0.234 -0.014 -8.886 -17.241 3.761  12 C_G108:C209_D C 108 ? D 209 ? 19 1 
# 
loop_
_ndb_struct_na_base_pair_step.model_number 
_ndb_struct_na_base_pair_step.i_label_asym_id_1 
_ndb_struct_na_base_pair_step.i_label_comp_id_1 
_ndb_struct_na_base_pair_step.i_label_seq_id_1 
_ndb_struct_na_base_pair_step.i_symmetry_1 
_ndb_struct_na_base_pair_step.j_label_asym_id_1 
_ndb_struct_na_base_pair_step.j_label_comp_id_1 
_ndb_struct_na_base_pair_step.j_label_seq_id_1 
_ndb_struct_na_base_pair_step.j_symmetry_1 
_ndb_struct_na_base_pair_step.i_label_asym_id_2 
_ndb_struct_na_base_pair_step.i_label_comp_id_2 
_ndb_struct_na_base_pair_step.i_label_seq_id_2 
_ndb_struct_na_base_pair_step.i_symmetry_2 
_ndb_struct_na_base_pair_step.j_label_asym_id_2 
_ndb_struct_na_base_pair_step.j_label_comp_id_2 
_ndb_struct_na_base_pair_step.j_label_seq_id_2 
_ndb_struct_na_base_pair_step.j_symmetry_2 
_ndb_struct_na_base_pair_step.shift 
_ndb_struct_na_base_pair_step.slide 
_ndb_struct_na_base_pair_step.rise 
_ndb_struct_na_base_pair_step.tilt 
_ndb_struct_na_base_pair_step.roll 
_ndb_struct_na_base_pair_step.twist 
_ndb_struct_na_base_pair_step.x_displacement 
_ndb_struct_na_base_pair_step.y_displacement 
_ndb_struct_na_base_pair_step.helical_rise 
_ndb_struct_na_base_pair_step.inclination 
_ndb_struct_na_base_pair_step.tip 
_ndb_struct_na_base_pair_step.helical_twist 
_ndb_struct_na_base_pair_step.step_number 
_ndb_struct_na_base_pair_step.step_name 
_ndb_struct_na_base_pair_step.i_auth_asym_id_1 
_ndb_struct_na_base_pair_step.i_auth_seq_id_1 
_ndb_struct_na_base_pair_step.i_PDB_ins_code_1 
_ndb_struct_na_base_pair_step.j_auth_asym_id_1 
_ndb_struct_na_base_pair_step.j_auth_seq_id_1 
_ndb_struct_na_base_pair_step.j_PDB_ins_code_1 
_ndb_struct_na_base_pair_step.i_auth_asym_id_2 
_ndb_struct_na_base_pair_step.i_auth_seq_id_2 
_ndb_struct_na_base_pair_step.i_PDB_ins_code_2 
_ndb_struct_na_base_pair_step.j_auth_asym_id_2 
_ndb_struct_na_base_pair_step.j_auth_seq_id_2 
_ndb_struct_na_base_pair_step.j_PDB_ins_code_2 
1 A C 1 1_555 B G 8 1_555 A G 2 1_555 B C 7 1_555 -0.625 -1.731 3.390 -3.523 14.261 33.162 -4.684 0.538  2.511 23.599 5.830  
36.186 1 AA_C101G102:C215G216_BB A 101 ? B 216 ? A 102 ? B 215 ? 
1 A G 2 1_555 B C 7 1_555 A A 3 1_555 B U 6 1_555 -0.116 -1.368 3.217 0.344  8.482  33.936 -3.475 0.242  2.803 14.257 -0.579 
34.952 2 AA_G102A103:U214C215_BB A 102 ? B 215 ? A 103 ? B 214 ? 
1 A U 6 1_555 B A 3 1_555 A C 7 1_555 B G 2 1_555 0.020  -1.560 3.213 1.257  8.188  34.499 -3.678 0.139  2.781 13.565 -2.083 
35.451 3 AA_U106C107:G210A211_BB A 106 ? B 211 ? A 107 ? B 210 ? 
1 A C 7 1_555 B G 2 1_555 A G 8 1_555 B C 1 1_555 0.310  -1.725 3.430 2.292  13.238 34.355 -4.459 -0.191 2.625 21.425 -3.710 
36.815 4 AA_C107G108:C209G210_BB A 107 ? B 210 ? A 108 ? B 209 ? 
1 C C 1 1_555 D G 8 1_555 C G 2 1_555 D C 7 1_555 -0.435 -1.909 3.557 -2.943 15.012 33.215 -5.079 0.297  2.519 24.697 4.843  
36.478 5 CC_C101G102:C215G216_DD C 101 ? D 216 ? C 102 ? D 215 ? 
1 C G 2 1_555 D C 7 1_555 C A 3 1_555 D U 6 1_555 -0.149 -1.657 3.273 -1.649 10.480 36.118 -3.846 0.030  2.708 16.470 2.591  
37.594 6 CC_G102A103:U214C215_DD C 102 ? D 215 ? C 103 ? D 214 ? 
1 C U 6 1_555 D A 3 1_555 C C 7 1_555 D G 2 1_555 -0.153 -1.375 3.228 -0.321 5.824  33.472 -3.242 0.213  2.955 10.017 0.553  
33.962 7 CC_U106C107:G210A211_DD C 106 ? D 211 ? C 107 ? D 210 ? 
1 C C 7 1_555 D G 2 1_555 C G 8 1_555 D C 1 1_555 0.689  -1.612 3.324 3.382  15.051 33.966 -4.388 -0.661 2.471 24.272 -5.454 
37.211 8 CC_C107G108:C209G210_DD C 107 ? D 210 ? C 108 ? D 209 ? 
# 
_space_group.name_H-M_alt     'P 43 21 2' 
_space_group.name_Hall        'P 4nw 2abw' 
_space_group.IT_number        96 
_space_group.crystal_system   tetragonal 
_space_group.id               1 
# 
_atom_sites.entry_id                    5DER 
_atom_sites.fract_transf_matrix[1][1]   -0.00883609 
_atom_sites.fract_transf_matrix[1][2]   -0.02081304 
_atom_sites.fract_transf_matrix[1][3]   -0.00160593 
_atom_sites.fract_transf_matrix[2][1]   0.02035992 
_atom_sites.fract_transf_matrix[2][2]   -0.00820760 
_atom_sites.fract_transf_matrix[2][3]   -0.00565219 
_atom_sites.fract_transf_matrix[3][1]   0.00233866 
_atom_sites.fract_transf_matrix[3][2]   -0.00185017 
_atom_sites.fract_transf_matrix[3][3]   0.01111079 
_atom_sites.fract_transf_vector[1]      0.019989 
_atom_sites.fract_transf_vector[2]      -0.727487 
_atom_sites.fract_transf_vector[3]      -0.087127 
# 
loop_
_atom_type.symbol 
_atom_type.scat_dispersion_real 
_atom_type.scat_dispersion_imag 
_atom_type.scat_Cromer_Mann_a1 
_atom_type.scat_Cromer_Mann_a2 
_atom_type.scat_Cromer_Mann_b1 
_atom_type.scat_Cromer_Mann_b2 
_atom_type.scat_Cromer_Mann_c 
_atom_type.scat_source 
_atom_type.scat_dispersion_source 
C ? ? 3.54356 2.42580 25.62398 1.50364  0.0 
;2-Gaussian fit: Grosse-Kunstleve RW, Sauter NK, Adams PD: Newsletter of the IUCr Commission on Crystallographic Computing 2004, 3, 22-31.
;
? 
F ? ? 4.90428 4.07044 12.99538 1.63651  0.0 
;2-Gaussian fit: Grosse-Kunstleve RW, Sauter NK, Adams PD: Newsletter of the IUCr Commission on Crystallographic Computing 2004, 3, 22-31.
;
? 
N ? ? 4.01032 2.96436 19.97189 1.75589  0.0 
;2-Gaussian fit: Grosse-Kunstleve RW, Sauter NK, Adams PD: Newsletter of the IUCr Commission on Crystallographic Computing 2004, 3, 22-31.
;
? 
O ? ? 4.49882 3.47563 15.80542 1.70748  0.0 
;2-Gaussian fit: Grosse-Kunstleve RW, Sauter NK, Adams PD: Newsletter of the IUCr Commission on Crystallographic Computing 2004, 3, 22-31.
;
? 
P ? ? 9.51135 5.44231 1.42069  35.72801 0.0 
;2-Gaussian fit: Grosse-Kunstleve RW, Sauter NK, Adams PD: Newsletter of the IUCr Commission on Crystallographic Computing 2004, 3, 22-31.
;
? 
# 
loop_
_atom_site.group_PDB 
_atom_site.id 
_atom_site.type_symbol 
_atom_site.label_atom_id 
_atom_site.label_alt_id 
_atom_site.label_comp_id 
_atom_site.label_asym_id 
_atom_site.label_entity_id 
_atom_site.label_seq_id 
_atom_site.pdbx_PDB_ins_code 
_atom_site.Cartn_x 
_atom_site.Cartn_y 
_atom_site.Cartn_z 
_atom_site.occupancy 
_atom_site.B_iso_or_equiv 
_atom_site.pdbx_formal_charge 
_atom_site.auth_seq_id 
_atom_site.auth_comp_id 
_atom_site.auth_asym_id 
_atom_site.auth_atom_id 
_atom_site.pdbx_PDB_model_num 
ATOM   1   O "O5'" . C   A 1 1 ? 14.23291  2.82879   6.81669   1.000 30.91995 ? 101 C   A "O5'" 1 
ATOM   2   C "C5'" . C   A 1 1 ? 15.42390  3.58747   6.96809   1.000 25.90444 ? 101 C   A "C5'" 1 
ATOM   3   C "C4'" . C   A 1 1 ? 16.61462  2.70205   7.23491   1.000 23.98842 ? 101 C   A "C4'" 1 
ATOM   4   O "O4'" . C   A 1 1 ? 16.42663  1.99137   8.48667   1.000 23.68356 ? 101 C   A "O4'" 1 
ATOM   5   C "C3'" . C   A 1 1 ? 16.86141  1.59675   6.21929   1.000 24.18764 ? 101 C   A "C3'" 1 
ATOM   6   O "O3'" . C   A 1 1 ? 17.52605  2.04863   5.05220   1.000 34.94560 ? 101 C   A "O3'" 1 
ATOM   7   C "C2'" . C   A 1 1 ? 17.65560  0.57945   7.02602   1.000 27.04902 ? 101 C   A "C2'" 1 
ATOM   8   O "O2'" . C   A 1 1 ? 19.00824  0.99104   7.15623   1.000 26.02166 ? 101 C   A "O2'" 1 
ATOM   9   C "C1'" . C   A 1 1 ? 16.98636  0.69702   8.39600   1.000 25.49569 ? 101 C   A "C1'" 1 
ATOM   10  N N1    . C   A 1 1 ? 15.90544  -0.29956  8.58169   1.000 22.45062 ? 101 C   A N1    1 
ATOM   11  C C2    . C   A 1 1 ? 16.23323  -1.63124  8.86181   1.000 16.49406 ? 101 C   A C2    1 
ATOM   12  O O2    . C   A 1 1 ? 17.42549  -1.96251  8.94481   1.000 15.18091 ? 101 C   A O2    1 
ATOM   13  N N3    . C   A 1 1 ? 15.23902  -2.53319  9.03410   1.000 17.13084 ? 101 C   A N3    1 
ATOM   14  C C4    . C   A 1 1 ? 13.96362  -2.15544  8.93911   1.000 16.09619 ? 101 C   A C4    1 
ATOM   15  N N4    . C   A 1 1 ? 13.02073  -3.08353  9.11746   1.000 15.96735 ? 101 C   A N4    1 
ATOM   16  C C5    . C   A 1 1 ? 13.60007  -0.80788  8.65872   1.000 16.33162 ? 101 C   A C5    1 
ATOM   17  C C6    . C   A 1 1 ? 14.59275  0.07453   8.49193   1.000 20.54906 ? 101 C   A C6    1 
ATOM   18  P P     . G   A 1 2 ? 17.16143  1.41439   3.62120   1.000 29.79210 ? 102 G   A P     1 
ATOM   19  O OP1   . G   A 1 2 ? 17.70809  2.30231   2.56305   1.000 36.27750 ? 102 G   A OP1   1 
ATOM   20  O OP2   . G   A 1 2 ? 15.71080  1.10025   3.62575   1.000 26.65690 ? 102 G   A OP2   1 
ATOM   21  O "O5'" . G   A 1 2 ? 17.95393  0.03156   3.59779   1.000 29.38536 ? 102 G   A "O5'" 1 
ATOM   22  C "C5'" . G   A 1 2 ? 19.36882  -0.01113  3.72143   1.000 23.40639 ? 102 G   A "C5'" 1 
ATOM   23  C "C4'" . G   A 1 2 ? 19.87609  -1.43012  3.75547   1.000 26.87544 ? 102 G   A "C4'" 1 
ATOM   24  O "O4'" . G   A 1 2 ? 19.53110  -2.05049  5.02111   1.000 28.11697 ? 102 G   A "O4'" 1 
ATOM   25  C "C3'" . G   A 1 2 ? 19.28513  -2.37193  2.71258   1.000 22.44544 ? 102 G   A "C3'" 1 
ATOM   26  O "O3'" . G   A 1 2 ? 19.89727  -2.24506  1.44120   1.000 24.95166 ? 102 G   A "O3'" 1 
ATOM   27  C "C2'" . G   A 1 2 ? 19.46785  -3.73922  3.35531   1.000 18.35956 ? 102 G   A "C2'" 1 
ATOM   28  O "O2'" . G   A 1 2 ? 20.80537  -4.19302  3.21025   1.000 22.70331 ? 102 G   A "O2'" 1 
ATOM   29  C "C1'" . G   A 1 2 ? 19.22182  -3.41553  4.82913   1.000 20.09493 ? 102 G   A "C1'" 1 
ATOM   30  N N9    . G   A 1 2 ? 17.81279  -3.62869  5.20013   1.000 19.45064 ? 102 G   A N9    1 
ATOM   31  C C8    . G   A 1 2 ? 16.86278  -2.65335  5.36778   1.000 18.88342 ? 102 G   A C8    1 
ATOM   32  N N7    . G   A 1 2 ? 15.69395  -3.12564  5.69236   1.000 16.66264 ? 102 G   A N7    1 
ATOM   33  C C5    . G   A 1 2 ? 15.88239  -4.49848  5.73898   1.000 16.64460 ? 102 G   A C5    1 
ATOM   34  C C6    . G   A 1 2 ? 14.96090  -5.53232  6.04143   1.000 14.99210 ? 102 G   A C6    1 
ATOM   35  O O6    . G   A 1 2 ? 13.76289  -5.43402  6.33440   1.000 17.02321 ? 102 G   A O6    1 
ATOM   36  N N1    . G   A 1 2 ? 15.56272  -6.78403  5.97607   1.000 16.17391 ? 102 G   A N1    1 
ATOM   37  C C2    . G   A 1 2 ? 16.87970  -7.01296  5.66216   1.000 13.21100 ? 102 G   A C2    1 
ATOM   38  N N2    . G   A 1 2 ? 17.26186  -8.29823  5.65504   1.000 18.22534 ? 102 G   A N2    1 
ATOM   39  N N3    . G   A 1 2 ? 17.75128  -6.05624  5.37861   1.000 20.11622 ? 102 G   A N3    1 
ATOM   40  C C4    . G   A 1 2 ? 17.18607  -4.83040  5.43502   1.000 16.73726 ? 102 G   A C4    1 
ATOM   41  P P     . A   A 1 3 ? 19.02368  -2.44194  0.10696   1.000 27.21097 ? 103 A   A P     1 
ATOM   42  O OP1   . A   A 1 3 ? 19.87739  -2.10146  -1.05803  1.000 30.27932 ? 103 A   A OP1   1 
ATOM   43  O OP2   . A   A 1 3 ? 17.72722  -1.74457  0.29730   1.000 32.31824 ? 103 A   A OP2   1 
ATOM   44  O "O5'" . A   A 1 3 ? 18.73681  -4.00692  0.06735   1.000 20.96656 ? 103 A   A "O5'" 1 
ATOM   45  C "C5'" . A   A 1 3 ? 19.80195  -4.93827  -0.04700  1.000 20.23375 ? 103 A   A "C5'" 1 
ATOM   46  C "C4'" . A   A 1 3 ? 19.32517  -6.35431  0.13631   1.000 16.15128 ? 103 A   A "C4'" 1 
ATOM   47  O "O4'" . A   A 1 3 ? 18.82896  -6.54575  1.48651   1.000 19.85072 ? 103 A   A "O4'" 1 
ATOM   48  C "C3'" . A   A 1 3 ? 18.15638  -6.78731  -0.73913  1.000 21.86744 ? 103 A   A "C3'" 1 
ATOM   49  O "O3'" . A   A 1 3 ? 18.54151  -7.10974  -2.06434  1.000 22.67810 ? 103 A   A "O3'" 1 
ATOM   50  C "C2'" . A   A 1 3 ? 17.57982  -7.95675  0.04374   1.000 17.99308 ? 103 A   A "C2'" 1 
ATOM   51  O "O2'" . A   A 1 3 ? 18.36948  -9.12251  -0.13965  1.000 21.89606 ? 103 A   A "O2'" 1 
ATOM   52  C "C1'" . A   A 1 3 ? 17.76114  -7.47225  1.48370   1.000 15.52111 ? 103 A   A "C1'" 1 
ATOM   53  N N9    . A   A 1 3 ? 16.54587  -6.80477  1.98425   1.000 16.23120 ? 103 A   A N9    1 
ATOM   54  C C8    . A   A 1 3 ? 16.28595  -5.45896  2.04903   1.000 17.84098 ? 103 A   A C8    1 
ATOM   55  N N7    . A   A 1 3 ? 15.10477  -5.17110  2.53791   1.000 16.12355 ? 103 A   A N7    1 
ATOM   56  C C5    . A   A 1 3 ? 14.54598  -6.41326  2.80915   1.000 14.08620 ? 103 A   A C5    1 
ATOM   57  C C6    . A   A 1 3 ? 13.30238  -6.79826  3.34424   1.000 16.09551 ? 103 A   A C6    1 
ATOM   58  N N6    . A   A 1 3 ? 12.35415  -5.93265  3.71745   1.000 16.96048 ? 103 A   A N6    1 
ATOM   59  N N1    . A   A 1 3 ? 13.06308  -8.12233  3.48378   1.000 16.08323 ? 103 A   A N1    1 
ATOM   60  C C2    . A   A 1 3 ? 14.01062  -8.99140  3.11015   1.000 13.04440 ? 103 A   A C2    1 
ATOM   61  N N3    . A   A 1 3 ? 15.21396  -8.75097  2.59653   1.000 16.47059 ? 103 A   A N3    1 
ATOM   62  C C4    . A   A 1 3 ? 15.42219  -7.42879  2.47024   1.000 14.95725 ? 103 A   A C4    1 
ATOM   63  P P     . A   A 1 4 ? 17.49004  -6.94186  -3.26865  1.000 18.28323 ? 104 A   A P     1 
ATOM   64  O OP1   . A   A 1 4 ? 18.20936  -7.15041  -4.55052  1.000 26.38654 ? 104 A   A OP1   1 
ATOM   65  O OP2   . A   A 1 4 ? 16.74226  -5.67984  -3.05000  1.000 18.29615 ? 104 A   A OP2   1 
ATOM   66  O "O5'" . A   A 1 4 ? 16.48571  -8.16172  -3.06928  1.000 17.82933 ? 104 A   A "O5'" 1 
ATOM   67  C "C5'" . A   A 1 4 ? 16.92786  -9.50063  -3.24018  1.000 22.58603 ? 104 A   A "C5'" 1 
ATOM   68  C "C4'" . A   A 1 4 ? 15.87339  -10.49800 -2.83161  1.000 24.23980 ? 104 A   A "C4'" 1 
ATOM   69  O "O4'" . A   A 1 4 ? 15.52999  -10.31250 -1.43234  1.000 19.21275 ? 104 A   A "O4'" 1 
ATOM   70  C "C3'" . A   A 1 4 ? 14.53674  -10.39985 -3.55354  1.000 22.74517 ? 104 A   A "C3'" 1 
ATOM   71  O "O3'" . A   A 1 4 ? 14.55189  -11.01283 -4.83306  1.000 27.77214 ? 104 A   A "O3'" 1 
ATOM   72  C "C2'" . A   A 1 4 ? 13.58267  -11.05617 -2.56598  1.000 18.12508 ? 104 A   A "C2'" 1 
ATOM   73  O "O2'" . A   A 1 4 ? 13.69592  -12.47063 -2.62543  1.000 21.45317 ? 104 A   A "O2'" 1 
ATOM   74  C "C1'" . A   A 1 4 ? 14.15741  -10.58189 -1.23186  1.000 20.61374 ? 104 A   A "C1'" 1 
ATOM   75  N N9    . A   A 1 4 ? 13.50230  -9.34478  -0.76554  1.000 17.30725 ? 104 A   A N9    1 
ATOM   76  C C8    . A   A 1 4 ? 13.96109  -8.05967  -0.90645  1.000 14.43547 ? 104 A   A C8    1 
ATOM   77  N N7    . A   A 1 4 ? 13.16583  -7.15099  -0.40018  1.000 17.62310 ? 104 A   A N7    1 
ATOM   78  C C5    . A   A 1 4 ? 12.10677  -7.88810  0.11027   1.000 14.57820 ? 104 A   A C5    1 
ATOM   79  C C6    . A   A 1 4 ? 10.92964  -7.50731  0.77917   1.000 13.56168 ? 104 A   A C6    1 
ATOM   80  N N6    . A   A 1 4 ? 10.61766  -6.23726  1.05516   1.000 13.23612 ? 104 A   A N6    1 
ATOM   81  N N1    . A   A 1 4 ? 10.07764  -8.48794  1.15638   1.000 14.26710 ? 104 A   A N1    1 
ATOM   82  C C2    . A   A 1 4 ? 10.39657  -9.75812  0.87477   1.000 12.01478 ? 104 A   A C2    1 
ATOM   83  N N3    . A   A 1 4 ? 11.47153  -10.23764 0.25272   1.000 17.17524 ? 104 A   A N3    1 
ATOM   84  C C4    . A   A 1 4 ? 12.29801  -9.24113  -0.10895  1.000 13.46175 ? 104 A   A C4    1 
HETATM 85  O O2    . U5R A 1 5 ? 7.71038   -9.93024  -1.98157  1.000 15.43079 ? 105 U5R A O2    1 
HETATM 86  C C2    . U5R A 1 5 ? 8.68935   -9.29578  -2.37153  1.000 15.37179 ? 105 U5R A C2    1 
HETATM 87  N N3    . U5R A 1 5 ? 8.82743   -7.94721  -2.01139  1.000 13.90158 ? 105 U5R A N3    1 
HETATM 88  C C4    . U5R A 1 5 ? 9.93516   -7.21092  -2.44445  1.000 14.15859 ? 105 U5R A C4    1 
HETATM 89  O O4    . U5R A 1 5 ? 10.05989  -6.02739  -2.13110  1.000 17.96996 ? 105 U5R A O4    1 
HETATM 90  C C5    . U5R A 1 5 ? 10.89475  -7.82927  -3.23296  1.000 13.86556 ? 105 U5R A C5    1 
HETATM 91  C C6    . U5R A 1 5 ? 10.73499  -9.16620  -3.57489  1.000 15.37350 ? 105 U5R A C6    1 
HETATM 92  N N1    . U5R A 1 5 ? 9.61422   -9.89177  -3.14020  1.000 14.22573 ? 105 U5R A N1    1 
HETATM 93  C "C1'" . U5R A 1 5 ? 9.46747   -11.32487 -3.50594  1.000 18.82109 ? 105 U5R A "C1'" 1 
HETATM 94  O "O4'" . U5R A 1 5 ? 10.79776  -11.71740 -3.93438  1.000 16.09198 ? 105 U5R A "O4'" 1 
HETATM 95  C "C2'" . U5R A 1 5 ? 8.56426   -11.62300 -4.70795  1.000 16.86518 ? 105 U5R A "C2'" 1 
HETATM 96  F "F2'" . U5R A 1 5 ? 8.29504   -12.90549 -4.69743  1.000 22.92584 ? 105 U5R A "F2'" 1 
HETATM 97  C "C3'" . U5R A 1 5 ? 9.54033   -11.47151 -5.83780  1.000 18.12492 ? 105 U5R A "C3'" 1 
HETATM 98  O "O3'" . U5R A 1 5 ? 9.01580   -12.11148 -7.02320  1.000 18.68497 ? 105 U5R A "O3'" 1 
HETATM 99  C "C4'" . U5R A 1 5 ? 10.65216  -12.31262 -5.23209  1.000 16.77552 ? 105 U5R A "C4'" 1 
HETATM 100 C "C5'" . U5R A 1 5 ? 11.99531  -12.17064 -5.97217  1.000 22.10436 ? 105 U5R A "C5'" 1 
HETATM 101 C C5M   . U5R A 1 5 ? 11.94953  -12.83363 -7.35397  1.000 27.30833 ? 105 U5R A C5M   1 
HETATM 102 O "O5'" . U5R A 1 5 ? 12.34086  -10.77667 -6.07628  1.000 24.59392 ? 105 U5R A "O5'" 1 
HETATM 103 P P     . U5R A 1 5 ? 13.88037  -10.27323 -6.09455  1.000 25.39763 ? 105 U5R A P     1 
HETATM 104 O OP1   . U5R A 1 5 ? 14.52728  -10.79271 -7.31607  1.000 32.61499 ? 105 U5R A OP1   1 
HETATM 105 O OP2   . U5R A 1 5 ? 13.92990  -8.82337  -5.80298  1.000 20.21052 ? 105 U5R A OP2   1 
ATOM   106 P P     . U   A 1 6 ? 8.32341   -11.25435 -8.19260  1.000 21.56434 ? 106 U   A P     1 
ATOM   107 O OP1   . U   A 1 6 ? 8.04442   -12.18322 -9.31596  1.000 23.01893 ? 106 U   A OP1   1 
ATOM   108 O OP2   . U   A 1 6 ? 9.13324   -10.03377 -8.43048  1.000 20.00243 ? 106 U   A OP2   1 
ATOM   109 O "O5'" . U   A 1 6 ? 6.91524   -10.83428 -7.58101  1.000 18.62779 ? 106 U   A "O5'" 1 
ATOM   110 C "C5'" . U   A 1 6 ? 5.91947   -11.81236 -7.32007  1.000 17.32171 ? 106 U   A "C5'" 1 
ATOM   111 C "C4'" . U   A 1 6 ? 4.78751   -11.24654 -6.50027  1.000 18.31810 ? 106 U   A "C4'" 1 
ATOM   112 O "O4'" . U   A 1 6 ? 5.29591   -10.78153 -5.22173  1.000 21.50821 ? 106 U   A "O4'" 1 
ATOM   113 C "C3'" . U   A 1 6 ? 4.08960   -10.02628 -7.08135  1.000 22.08240 ? 106 U   A "C3'" 1 
ATOM   114 O "O3'" . U   A 1 6 ? 3.13981   -10.33747 -8.08438  1.000 24.20339 ? 106 U   A "O3'" 1 
ATOM   115 C "C2'" . U   A 1 6 ? 3.48918   -9.37299  -5.84462  1.000 17.45183 ? 106 U   A "C2'" 1 
ATOM   116 O "O2'" . U   A 1 6 ? 2.31498   -10.05828 -5.43570  1.000 19.58161 ? 106 U   A "O2'" 1 
ATOM   117 C "C1'" . U   A 1 6 ? 4.58355   -9.63031  -4.81188  1.000 13.66973 ? 106 U   A "C1'" 1 
ATOM   118 N N1    . U   A 1 6 ? 5.52734   -8.49227  -4.72242  1.000 16.15389 ? 106 U   A N1    1 
ATOM   119 C C2    . U   A 1 6 ? 5.14634   -7.40661  -3.95873  1.000 16.26405 ? 106 U   A C2    1 
ATOM   120 O O2    . U   A 1 6 ? 4.08617   -7.35782  -3.35999  1.000 15.76622 ? 106 U   A O2    1 
ATOM   121 N N3    . U   A 1 6 ? 6.05648   -6.37998  -3.91655  1.000 12.31970 ? 106 U   A N3    1 
ATOM   122 C C4    . U   A 1 6 ? 7.28094   -6.32785  -4.55042  1.000 15.34424 ? 106 U   A C4    1 
ATOM   123 O O4    . U   A 1 6 ? 7.99278   -5.33131  -4.41751  1.000 15.61406 ? 106 U   A O4    1 
ATOM   124 C C5    . U   A 1 6 ? 7.60012   -7.48633  -5.32518  1.000 13.01324 ? 106 U   A C5    1 
ATOM   125 C C6    . U   A 1 6 ? 6.73295   -8.50063  -5.38290  1.000 13.73152 ? 106 U   A C6    1 
ATOM   126 P P     . C   A 1 7 ? 2.86384   -9.29119  -9.27272  1.000 25.12243 ? 107 C   A P     1 
ATOM   127 O OP1   . C   A 1 7 ? 1.94395   -9.93089  -10.24703 1.000 27.48627 ? 107 C   A OP1   1 
ATOM   128 O OP2   . C   A 1 7 ? 4.18176   -8.78216  -9.72871  1.000 15.94025 ? 107 C   A OP2   1 
ATOM   129 O "O5'" . C   A 1 7 ? 2.08632   -8.09139  -8.56596  1.000 21.36697 ? 107 C   A "O5'" 1 
ATOM   130 C "C5'" . C   A 1 7 ? 0.78379   -8.28018  -8.03167  1.000 22.47552 ? 107 C   A "C5'" 1 
ATOM   131 C "C4'" . C   A 1 7 ? 0.31458   -7.07807  -7.24793  1.000 22.93777 ? 107 C   A "C4'" 1 
ATOM   132 O "O4'" . C   A 1 7 ? 1.20933   -6.82867  -6.13186  1.000 23.22555 ? 107 C   A "O4'" 1 
ATOM   133 C "C3'" . C   A 1 7 ? 0.29027   -5.74823  -7.98895  1.000 25.16067 ? 107 C   A "C3'" 1 
ATOM   134 O "O3'" . C   A 1 7 ? -0.81720  -5.59154  -8.85757  1.000 27.33276 ? 107 C   A "O3'" 1 
ATOM   135 C "C2'" . C   A 1 7 ? 0.32252   -4.74612  -6.84412  1.000 19.31103 ? 107 C   A "C2'" 1 
ATOM   136 O "O2'" . C   A 1 7 ? -0.95304  -4.65075  -6.22761  1.000 23.37231 ? 107 C   A "O2'" 1 
ATOM   137 C "C1'" . C   A 1 7 ? 1.27450   -5.43807  -5.87155  1.000 22.44326 ? 107 C   A "C1'" 1 
ATOM   138 N N1    . C   A 1 7 ? 2.66817   -4.97142  -6.05132  1.000 16.73297 ? 107 C   A N1    1 
ATOM   139 C C2    . C   A 1 7 ? 3.04749   -3.76763  -5.44873  1.000 12.48712 ? 107 C   A C2    1 
ATOM   140 O O2    . C   A 1 7 ? 2.21680   -3.13773  -4.77862  1.000 18.01528 ? 107 C   A O2    1 
ATOM   141 N N3    . C   A 1 7 ? 4.31310   -3.31997  -5.60073  1.000 14.23495 ? 107 C   A N3    1 
ATOM   142 C C4    . C   A 1 7 ? 5.18358   -4.02074  -6.32601  1.000 10.20343 ? 107 C   A C4    1 
ATOM   143 N N4    . C   A 1 7 ? 6.42098   -3.53776  -6.44791  1.000 18.04354 ? 107 C   A N4    1 
ATOM   144 C C5    . C   A 1 7 ? 4.82574   -5.24676  -6.95709  1.000 15.83219 ? 107 C   A C5    1 
ATOM   145 C C6    . C   A 1 7 ? 3.56951   -5.67878  -6.79632  1.000 14.14110 ? 107 C   A C6    1 
ATOM   146 P P     . G   A 1 8 ? -0.69212  -4.63014  -10.14187 1.000 29.89961 ? 108 G   A P     1 
ATOM   147 O OP1   . G   A 1 8 ? -1.97853  -4.66071  -10.88153 1.000 30.96648 ? 108 G   A OP1   1 
ATOM   148 O OP2   . G   A 1 8 ? 0.56718   -4.98455  -10.84335 1.000 32.53225 ? 108 G   A OP2   1 
ATOM   149 O "O5'" . G   A 1 8 ? -0.51985  -3.17032  -9.52385  1.000 25.33709 ? 108 G   A "O5'" 1 
ATOM   150 C "C5'" . G   A 1 8 ? -1.57957  -2.54879  -8.80912  1.000 20.13265 ? 108 G   A "C5'" 1 
ATOM   151 C "C4'" . G   A 1 8 ? -1.19621  -1.17578  -8.31573  1.000 23.18715 ? 108 G   A "C4'" 1 
ATOM   152 O "O4'" . G   A 1 8 ? -0.09845  -1.26872  -7.37388  1.000 20.16443 ? 108 G   A "O4'" 1 
ATOM   153 C "C3'" . G   A 1 8 ? -0.69049  -0.20214  -9.37117  1.000 20.38340 ? 108 G   A "C3'" 1 
ATOM   154 O "O3'" . G   A 1 8 ? -1.73721  0.40045   -10.10938 1.000 24.26277 ? 108 G   A "O3'" 1 
ATOM   155 C "C2'" . G   A 1 8 ? 0.12565   0.78570   -8.54829  1.000 19.32466 ? 108 G   A "C2'" 1 
ATOM   156 O "O2'" . G   A 1 8 ? -0.71875  1.73105   -7.90840  1.000 19.67195 ? 108 G   A "O2'" 1 
ATOM   157 C "C1'" . G   A 1 8 ? 0.72795   -0.12649  -7.47830  1.000 17.90520 ? 108 G   A "C1'" 1 
ATOM   158 N N9    . G   A 1 8 ? 2.09604   -0.55319  -7.82282  1.000 15.79973 ? 108 G   A N9    1 
ATOM   159 C C8    . G   A 1 8 ? 2.47692   -1.74332  -8.39029  1.000 17.08190 ? 108 G   A C8    1 
ATOM   160 N N7    . G   A 1 8 ? 3.76440   -1.83247  -8.57782  1.000 15.19650 ? 108 G   A N7    1 
ATOM   161 C C5    . G   A 1 8 ? 4.26562   -0.62664  -8.10691  1.000 14.83072 ? 108 G   A C5    1 
ATOM   162 C C6    . G   A 1 8 ? 5.59942   -0.14249  -8.04993  1.000 14.80277 ? 108 G   A C6    1 
ATOM   163 O O6    . G   A 1 8 ? 6.64200   -0.70056  -8.41502  1.000 17.51620 ? 108 G   A O6    1 
ATOM   164 N N1    . G   A 1 8 ? 5.65734   1.13338   -7.49794  1.000 15.08022 ? 108 G   A N1    1 
ATOM   165 C C2    . G   A 1 8 ? 4.57549   1.85383   -7.05831  1.000 14.20636 ? 108 G   A C2    1 
ATOM   166 N N2    . G   A 1 8 ? 4.84409   3.06896   -6.55751  1.000 13.71648 ? 108 G   A N2    1 
ATOM   167 N N3    . G   A 1 8 ? 3.32776   1.41452   -7.10719  1.000 16.84985 ? 108 G   A N3    1 
ATOM   168 C C4    . G   A 1 8 ? 3.24726   0.17624   -7.63951  1.000 15.45170 ? 108 G   A C4    1 
ATOM   169 O "O5'" . C   B 1 1 ? 13.04560  4.36135   -4.32462  1.000 26.31428 ? 209 C   B "O5'" 1 
ATOM   170 C "C5'" . C   B 1 1 ? 12.91480  5.76133   -4.12676  1.000 23.69789 ? 209 C   B "C5'" 1 
ATOM   171 C "C4'" . C   B 1 1 ? 11.50394  6.23032   -4.38291  1.000 19.31305 ? 209 C   B "C4'" 1 
ATOM   172 O "O4'" . C   B 1 1 ? 11.10911  5.88465   -5.73645  1.000 23.05408 ? 209 C   B "O4'" 1 
ATOM   173 C "C3'" . C   B 1 1 ? 10.42463  5.60085   -3.51255  1.000 23.24999 ? 209 C   B "C3'" 1 
ATOM   174 O "O3'" . C   B 1 1 ? 10.32679  6.18714   -2.22761  1.000 24.95825 ? 209 C   B "O3'" 1 
ATOM   175 C "C2'" . C   B 1 1 ? 9.17478   5.77135   -4.36528  1.000 18.78147 ? 209 C   B "C2'" 1 
ATOM   176 O "O2'" . C   B 1 1 ? 8.69241   7.10481   -4.28742  1.000 25.27187 ? 209 C   B "O2'" 1 
ATOM   177 C "C1'" . C   B 1 1 ? 9.73695   5.54561   -5.76784  1.000 18.37119 ? 209 C   B "C1'" 1 
ATOM   178 N N1    . C   B 1 1 ? 9.60841   4.13440   -6.20336  1.000 18.59749 ? 209 C   B N1    1 
ATOM   179 C C2    . C   B 1 1 ? 8.35644   3.64173   -6.58554  1.000 15.25640 ? 209 C   B C2    1 
ATOM   180 O O2    . C   B 1 1 ? 7.37208   4.39364   -6.54818  1.000 16.77298 ? 209 C   B O2    1 
ATOM   181 N N3    . C   B 1 1 ? 8.24429   2.35347   -6.98629  1.000 15.84067 ? 209 C   B N3    1 
ATOM   182 C C4    . C   B 1 1 ? 9.31914   1.56455   -7.01773  1.000 15.79690 ? 209 C   B C4    1 
ATOM   183 N N4    . C   B 1 1 ? 9.16173   0.30130   -7.41984  1.000 15.36147 ? 209 C   B N4    1 
ATOM   184 C C5    . C   B 1 1 ? 10.60603  2.03875   -6.63712  1.000 17.40841 ? 209 C   B C5    1 
ATOM   185 C C6    . C   B 1 1 ? 10.70133  3.31458   -6.24412  1.000 15.48447 ? 209 C   B C6    1 
ATOM   186 P P     . G   B 1 2 ? 9.96120   5.27460   -0.95590  1.000 21.62033 ? 210 G   B P     1 
ATOM   187 O OP1   . G   B 1 2 ? 10.15498  6.08804   0.27110   1.000 27.34472 ? 210 G   B OP1   1 
ATOM   188 O OP2   . G   B 1 2 ? 10.68990  3.99036   -1.10331  1.000 21.85370 ? 210 G   B OP2   1 
ATOM   189 O "O5'" . G   B 1 2 ? 8.40438   4.97753   -1.12634  1.000 20.48409 ? 210 G   B "O5'" 1 
ATOM   190 C "C5'" . G   B 1 2 ? 7.44217   6.01525   -0.99832  1.000 25.60038 ? 210 G   B "C5'" 1 
ATOM   191 C "C4'" . G   B 1 2 ? 6.04261   5.51584   -1.25301  1.000 23.35925 ? 210 G   B "C4'" 1 
ATOM   192 O "O4'" . G   B 1 2 ? 5.91017   5.09271   -2.63417  1.000 25.05640 ? 210 G   B "O4'" 1 
ATOM   193 C "C3'" . G   B 1 2 ? 5.60888   4.29192   -0.45349  1.000 26.52713 ? 210 G   B "C3'" 1 
ATOM   194 O "O3'" . G   B 1 2 ? 5.19925   4.60557   0.86638   1.000 24.34718 ? 210 G   B "O3'" 1 
ATOM   195 C "C2'" . G   B 1 2 ? 4.50310   3.70872   -1.31909  1.000 18.29290 ? 210 G   B "C2'" 1 
ATOM   196 O "O2'" . G   B 1 2 ? 3.29882   4.44351   -1.15683  1.000 20.25014 ? 210 G   B "O2'" 1 
ATOM   197 C "C1'" . G   B 1 2 ? 5.04757   3.97740   -2.72229  1.000 19.16684 ? 210 G   B "C1'" 1 
ATOM   198 N N9    . G   B 1 2 ? 5.81775   2.83129   -3.23455  1.000 14.44492 ? 210 G   B N9    1 
ATOM   199 C C8    . G   B 1 2 ? 7.18260   2.74103   -3.34560  1.000 16.46438 ? 210 G   B C8    1 
ATOM   200 N N7    . G   B 1 2 ? 7.58452   1.60190   -3.83490  1.000 16.47350 ? 210 G   B N7    1 
ATOM   201 C C5    . G   B 1 2 ? 6.41244   0.89461   -4.06089  1.000 13.16096 ? 210 G   B C5    1 
ATOM   202 C C6    . G   B 1 2 ? 6.21500   -0.40921  -4.58539  1.000 14.00926 ? 210 G   B C6    1 
ATOM   203 O O6    . G   B 1 2 ? 7.06437   -1.22499  -4.96700  1.000 16.57907 ? 210 G   B O6    1 
ATOM   204 N N1    . G   B 1 2 ? 4.86338   -0.73433  -4.64430  1.000 13.00277 ? 210 G   B N1    1 
ATOM   205 C C2    . G   B 1 2 ? 3.83509   0.08581   -4.25031  1.000 13.39891 ? 210 G   B C2    1 
ATOM   206 N N2    . G   B 1 2 ? 2.59895   -0.41390  -4.38807  1.000 11.47765 ? 210 G   B N2    1 
ATOM   207 N N3    . G   B 1 2 ? 4.00626   1.30294   -3.75998  1.000 13.94469 ? 210 G   B N3    1 
ATOM   208 C C4    . G   B 1 2 ? 5.31146   1.63920   -3.69398  1.000 13.41610 ? 210 G   B C4    1 
ATOM   209 P P     . A   B 1 3 ? 5.44442   3.55425   2.05748   1.000 20.39248 ? 211 A   B P     1 
ATOM   210 O OP1   . A   B 1 3 ? 5.01006   4.19442   3.32456   1.000 26.66359 ? 211 A   B OP1   1 
ATOM   211 O OP2   . A   B 1 3 ? 6.82859   3.03215   1.93495   1.000 20.58121 ? 211 A   B OP2   1 
ATOM   212 O "O5'" . A   B 1 3 ? 4.43825   2.36211   1.73526   1.000 15.48182 ? 211 A   B "O5'" 1 
ATOM   213 C "C5'" . A   B 1 3 ? 3.03337   2.56671   1.76390   1.000 16.63866 ? 211 A   B "C5'" 1 
ATOM   214 C "C4'" . A   B 1 3 ? 2.27857   1.33109   1.34287   1.000 14.38444 ? 211 A   B "C4'" 1 
ATOM   215 O "O4'" . A   B 1 3 ? 2.53102   1.04148   -0.05773  1.000 17.80173 ? 211 A   B "O4'" 1 
ATOM   216 C "C3'" . A   B 1 3 ? 2.65828   0.04003   2.05170   1.000 15.23999 ? 211 A   B "C3'" 1 
ATOM   217 O "O3'" . A   B 1 3 ? 2.09221   -0.07702  3.34339   1.000 18.39407 ? 211 A   B "O3'" 1 
ATOM   218 C "C2'" . A   B 1 3 ? 2.19006   -1.02044  1.06520   1.000 14.04215 ? 211 A   B "C2'" 1 
ATOM   219 O "O2'" . A   B 1 3 ? 0.78105   -1.18478  1.13306   1.000 17.62836 ? 211 A   B "O2'" 1 
ATOM   220 C "C1'" . A   B 1 3 ? 2.53499   -0.35785  -0.26525  1.000 13.97126 ? 211 A   B "C1'" 1 
ATOM   221 N N9    . A   B 1 3 ? 3.87469   -0.76117  -0.73097  1.000 13.93845 ? 211 A   B N9    1 
ATOM   222 C C8    . A   B 1 3 ? 5.05011   -0.06250  -0.62266  1.000 15.11433 ? 211 A   B C8    1 
ATOM   223 N N7    . A   B 1 3 ? 6.08564   -0.68887  -1.12529  1.000 14.05412 ? 211 A   B N7    1 
ATOM   224 C C5    . A   B 1 3 ? 5.55542   -1.88537  -1.59032  1.000 13.26294 ? 211 A   B C5    1 
ATOM   225 C C6    . A   B 1 3 ? 6.13626   -2.99442  -2.23248  1.000 14.29935 ? 211 A   B C6    1 
ATOM   226 N N6    . A   B 1 3 ? 7.43631   -3.08051  -2.52966  1.000 12.72412 ? 211 A   B N6    1 
ATOM   227 N N1    . A   B 1 3 ? 5.32419   -4.02381  -2.56358  1.000 13.46375 ? 211 A   B N1    1 
ATOM   228 C C2    . A   B 1 3 ? 4.02277   -3.93730  -2.26432  1.000 12.07921 ? 211 A   B C2    1 
ATOM   229 N N3    . A   B 1 3 ? 3.36186   -2.95064  -1.66618  1.000 15.15005 ? 211 A   B N3    1 
ATOM   230 C C4    . A   B 1 3 ? 4.19440   -1.94384  -1.35104  1.000 15.16738 ? 211 A   B C4    1 
ATOM   231 P P     . A   B 1 4 ? 2.85443   -0.92632  4.47384   1.000 17.54746 ? 212 A   B P     1 
ATOM   232 O OP1   . A   B 1 4 ? 2.19410   -0.66696  5.77796   1.000 24.28163 ? 212 A   B OP1   1 
ATOM   233 O OP2   . A   B 1 4 ? 4.30857   -0.66370  4.32907   1.000 21.43396 ? 212 A   B OP2   1 
ATOM   234 O "O5'" . A   B 1 4 ? 2.57850   -2.43943  4.06014   1.000 13.25558 ? 212 A   B "O5'" 1 
ATOM   235 C "C5'" . A   B 1 4 ? 1.25270   -2.94424  3.98281   1.000 18.29548 ? 212 A   B "C5'" 1 
ATOM   236 C "C4'" . A   B 1 4 ? 1.21585   -4.32943  3.38733   1.000 21.69751 ? 212 A   B "C4'" 1 
ATOM   237 O "O4'" . A   B 1 4 ? 1.67349   -4.28706  2.00982   1.000 18.54233 ? 212 A   B "O4'" 1 
ATOM   238 C "C3'" . A   B 1 4 ? 2.11899   -5.36604  4.04284   1.000 19.03062 ? 212 A   B "C3'" 1 
ATOM   239 O "O3'" . A   B 1 4 ? 1.56636   -5.92300  5.22192   1.000 19.49314 ? 212 A   B "O3'" 1 
ATOM   240 C "C2'" . A   B 1 4 ? 2.32402   -6.37681  2.92461   1.000 22.13016 ? 212 A   B "C2'" 1 
ATOM   241 O "O2'" . A   B 1 4 ? 1.18629   -7.21718  2.79576   1.000 20.49588 ? 212 A   B "O2'" 1 
ATOM   242 C "C1'" . A   B 1 4 ? 2.39240   -5.46447  1.70300   1.000 14.27278 ? 212 A   B "C1'" 1 
ATOM   243 N N9    . A   B 1 4 ? 3.78239   -5.08862  1.38126   1.000 13.63972 ? 212 A   B N9    1 
ATOM   244 C C8    . A   B 1 4 ? 4.42985   -3.93052  1.73081   1.000 14.13953 ? 212 A   B C8    1 
ATOM   245 N N7    . A   B 1 4 ? 5.66902   -3.86661  1.31164   1.000 11.92773 ? 212 A   B N7    1 
ATOM   246 C C5    . A   B 1 4 ? 5.85276   -5.06801  0.64110   1.000 11.22575 ? 212 A   B C5    1 
ATOM   247 C C6    . A   B 1 4 ? 6.95978   -5.61232  -0.03502  1.000 12.18374 ? 212 A   B C6    1 
ATOM   248 N N6    . A   B 1 4 ? 8.13465   -4.98726  -0.14881  1.000 11.77023 ? 212 A   B N6    1 
ATOM   249 N N1    . A   B 1 4 ? 6.81628   -6.83409  -0.59704  1.000 12.32074 ? 212 A   B N1    1 
ATOM   250 C C2    . A   B 1 4 ? 5.63713   -7.45836  -0.48178  1.000 11.88158 ? 212 A   B C2    1 
ATOM   251 N N3    . A   B 1 4 ? 4.52662   -7.04894  0.12838   1.000 12.42539 ? 212 A   B N3    1 
ATOM   252 C C4    . A   B 1 4 ? 4.69998   -5.83307  0.67657   1.000 12.57149 ? 212 A   B C4    1 
HETATM 253 O O2    . U5R B 1 5 ? 7.14049   -10.12887 2.14894   1.000 15.12827 ? 213 U5R B O2    1 
HETATM 254 C C2    . U5R B 1 5 ? 6.92201   -9.02830  2.65304   1.000 13.19389 ? 213 U5R B C2    1 
HETATM 255 N N3    . U5R B 1 5 ? 7.87969   -8.00868  2.53555   1.000 14.24466 ? 213 U5R B N3    1 
HETATM 256 C C4    . U5R B 1 5 ? 7.64752   -6.75084  3.10276   1.000 15.10507 ? 213 U5R B C4    1 
HETATM 257 O O4    . U5R B 1 5 ? 8.48418   -5.85315  3.00354   1.000 15.67123 ? 213 U5R B O4    1 
HETATM 258 C C5    . U5R B 1 5 ? 6.45856   -6.52584  3.78139   1.000 12.70556 ? 213 U5R B C5    1 
HETATM 259 C C6    . U5R B 1 5 ? 5.52613   -7.55040  3.88205   1.000 13.17700 ? 213 U5R B C6    1 
HETATM 260 N N1    . U5R B 1 5 ? 5.77525   -8.81066  3.31580   1.000 17.12182 ? 213 U5R B N1    1 
HETATM 261 C "C1'" . U5R B 1 5 ? 4.75948   -9.89148  3.42346   1.000 12.55678 ? 213 U5R B "C1'" 1 
HETATM 262 O "O4'" . U5R B 1 5 ? 3.53670   -9.21394  3.82277   1.000 21.66103 ? 213 U5R B "O4'" 1 
HETATM 263 C "C2'" . U5R B 1 5 ? 5.01177   -10.92885 4.52084   1.000 17.09683 ? 213 U5R B "C2'" 1 
HETATM 264 F "F2'" . U5R B 1 5 ? 4.21736   -11.95091 4.31819   1.000 19.82516 ? 213 U5R B "F2'" 1 
HETATM 265 C "C3'" . U5R B 1 5 ? 4.41110   -10.22717 5.70280   1.000 17.64848 ? 213 U5R B "C3'" 1 
HETATM 266 O "O3'" . U5R B 1 5 ? 4.17672   -11.18068 6.76340   1.000 22.30249 ? 213 U5R B "O3'" 1 
HETATM 267 C "C4'" . U5R B 1 5 ? 3.09578   -9.84544  5.04069   1.000 18.54423 ? 213 U5R B "C4'" 1 
HETATM 268 C "C5'" . U5R B 1 5 ? 2.28013   -8.81948  5.85198   1.000 24.73414 ? 213 U5R B "C5'" 1 
HETATM 269 C C5M   . U5R B 1 5 ? 1.68706   -9.44818  7.11842   1.000 22.41778 ? 213 U5R B C5M   1 
HETATM 270 O "O5'" . U5R B 1 5 ? 3.11736   -7.69751  6.18000   1.000 23.27858 ? 213 U5R B "O5'" 1 
HETATM 271 P P     . U5R B 1 5 ? 2.51569   -6.22979  6.48286   1.000 21.69067 ? 213 U5R B P     1 
HETATM 272 O OP1   . U5R B 1 5 ? 1.66648   -6.29028  7.69101   1.000 30.09030 ? 213 U5R B OP1   1 
HETATM 273 O OP2   . U5R B 1 5 ? 3.61736   -5.24685  6.40503   1.000 18.77022 ? 213 U5R B OP2   1 
ATOM   274 P P     . U   B 1 6 ? 5.21708   -11.34975 7.97590   1.000 23.67547 ? 214 U   B P     1 
ATOM   275 O OP1   . U   B 1 6 ? 4.61789   -12.32240 8.92175   1.000 25.32006 ? 214 U   B OP1   1 
ATOM   276 O OP2   . U   B 1 6 ? 5.61078   -10.00661 8.46826   1.000 22.38826 ? 214 U   B OP2   1 
ATOM   277 O "O5'" . U   B 1 6 ? 6.48217   -12.04751 7.30672   1.000 17.92182 ? 214 U   B "O5'" 1 
ATOM   278 C "C5'" . U   B 1 6 ? 6.39573   -13.36747 6.78906   1.000 19.08618 ? 214 U   B "C5'" 1 
ATOM   279 C "C4'" . U   B 1 6 ? 7.64858   -13.75557 6.04889   1.000 16.63970 ? 214 U   B "C4'" 1 
ATOM   280 O "O4'" . U   B 1 6 ? 7.82090   -12.90032 4.88831   1.000 21.15418 ? 214 U   B "O4'" 1 
ATOM   281 C "C3'" . U   B 1 6 ? 8.95054   -13.59095 6.81893   1.000 22.75582 ? 214 U   B "C3'" 1 
ATOM   282 O "O3'" . U   B 1 6 ? 9.20297   -14.65065 7.72365   1.000 28.43575 ? 214 U   B "O3'" 1 
ATOM   283 C "C2'" . U   B 1 6 ? 9.97861   -13.46205 5.70367   1.000 19.64429 ? 214 U   B "C2'" 1 
ATOM   284 O "O2'" . U   B 1 6 ? 10.28172  -14.73348 5.14865   1.000 24.30769 ? 214 U   B "O2'" 1 
ATOM   285 C "C1'" . U   B 1 6 ? 9.19528   -12.65751 4.66730   1.000 19.31638 ? 214 U   B "C1'" 1 
ATOM   286 N N1    . U   B 1 6 ? 9.44879   -11.20390 4.79457   1.000 20.04244 ? 214 U   B N1    1 
ATOM   287 C C2    . U   B 1 6 ? 10.58975  -10.70843 4.19694   1.000 14.47571 ? 214 U   B C2    1 
ATOM   288 O O2    . U   B 1 6 ? 11.36809  -11.41278 3.57898   1.000 17.18850 ? 214 U   B O2    1 
ATOM   289 N N3    . U   B 1 6 ? 10.78416  -9.35758  4.34518   1.000 12.12670 ? 214 U   B N3    1 
ATOM   290 C C4    . U   B 1 6 ? 9.96944   -8.47151  5.02012   1.000 16.04249 ? 214 U   B C4    1 
ATOM   291 O O4    . U   B 1 6 ? 10.27610  -7.27900  5.06782   1.000 18.45379 ? 214 U   B O4    1 
ATOM   292 C C5    . U   B 1 6 ? 8.81049   -9.06273  5.61481   1.000 14.51241 ? 214 U   B C5    1 
ATOM   293 C C6    . U   B 1 6 ? 8.59538   -10.37537 5.48491   1.000 15.23742 ? 214 U   B C6    1 
ATOM   294 P P     . C   B 1 7 ? 9.94047   -14.34994 9.11953   1.000 22.97361 ? 215 C   B P     1 
ATOM   295 O OP1   . C   B 1 7 ? 9.89089   -15.58370 9.94401   1.000 30.99410 ? 215 C   B OP1   1 
ATOM   296 O OP2   . C   B 1 7 ? 9.38301   -13.08731 9.66669   1.000 21.65195 ? 215 C   B OP2   1 
ATOM   297 O "O5'" . C   B 1 7 ? 11.45693  -14.10141 8.69974   1.000 23.51139 ? 215 C   B "O5'" 1 
ATOM   298 C "C5'" . C   B 1 7 ? 12.22652  -15.14835 8.12754   1.000 26.03536 ? 215 C   B "C5'" 1 
ATOM   299 C "C4'" . C   B 1 7 ? 13.50304  -14.63849 7.50662   1.000 26.13715 ? 215 C   B "C4'" 1 
ATOM   300 O "O4'" . C   B 1 7 ? 13.19966  -13.68582 6.45142   1.000 27.10486 ? 215 C   B "O4'" 1 
ATOM   301 C "C3'" . C   B 1 7 ? 14.43891  -13.86604 8.42075   1.000 28.83589 ? 215 C   B "C3'" 1 
ATOM   302 O "O3'" . C   B 1 7 ? 15.19450  -14.67933 9.29840   1.000 34.91164 ? 215 C   B "O3'" 1 
ATOM   303 C "C2'" . C   B 1 7 ? 15.27546  -13.07684 7.42492   1.000 27.42143 ? 215 C   B "C2'" 1 
ATOM   304 O "O2'" . C   B 1 7 ? 16.23277  -13.91603 6.79545   1.000 26.20345 ? 215 C   B "O2'" 1 
ATOM   305 C "C1'" . C   B 1 7 ? 14.21474  -12.70011 6.39373   1.000 28.40222 ? 215 C   B "C1'" 1 
ATOM   306 N N1    . C   B 1 7 ? 13.62418  -11.37657 6.69679   1.000 21.15880 ? 215 C   B N1    1 
ATOM   307 C C2    . C   B 1 7 ? 14.34434  -10.23459 6.33564   1.000 19.83278 ? 215 C   B C2    1 
ATOM   308 O O2    . C   B 1 7 ? 15.43639  -10.35874 5.76172   1.000 22.87019 ? 215 C   B O2    1 
ATOM   309 N N3    . C   B 1 7 ? 13.83004  -9.01823  6.61173   1.000 18.18376 ? 215 C   B N3    1 
ATOM   310 C C4    . C   B 1 7 ? 12.65420  -8.91694  7.22955   1.000 17.21039 ? 215 C   B C4    1 
ATOM   311 N N4    . C   B 1 7 ? 12.19124  -7.69072  7.47910   1.000 16.67552 ? 215 C   B N4    1 
ATOM   312 C C5    . C   B 1 7 ? 11.90090  -10.06224 7.61761   1.000 18.28879 ? 215 C   B C5    1 
ATOM   313 C C6    . C   B 1 7 ? 12.42178  -11.26102 7.33554   1.000 19.19691 ? 215 C   B C6    1 
ATOM   314 P P     . G   B 1 8 ? 15.56063  -14.12345 10.76153  1.000 37.82175 ? 216 G   B P     1 
ATOM   315 O OP1   . G   B 1 8 ? 16.23862  -15.19835 11.52781  1.000 39.83111 ? 216 G   B OP1   1 
ATOM   316 O OP2   . G   B 1 8 ? 14.33883  -13.48456 11.31245  1.000 28.51521 ? 216 G   B OP2   1 
ATOM   317 O "O5'" . G   B 1 8 ? 16.62120  -12.96912 10.47779  1.000 27.12133 ? 216 G   B "O5'" 1 
ATOM   318 C "C5'" . G   B 1 8 ? 17.85668  -13.25661 9.84028   1.000 24.03183 ? 216 G   B "C5'" 1 
ATOM   319 C "C4'" . G   B 1 8 ? 18.64110  -12.00401 9.54922   1.000 22.32122 ? 216 G   B "C4'" 1 
ATOM   320 O "O4'" . G   B 1 8 ? 17.91598  -11.15490 8.62426   1.000 27.92811 ? 216 G   B "O4'" 1 
ATOM   321 C "C3'" . G   B 1 8 ? 18.91254  -11.09174 10.73565  1.000 21.60365 ? 216 G   B "C3'" 1 
ATOM   322 O "O3'" . G   B 1 8 ? 19.97847  -11.54966 11.54830  1.000 31.16651 ? 216 G   B "O3'" 1 
ATOM   323 C "C2'" . G   B 1 8 ? 19.18452  -9.75261  10.06493  1.000 19.75783 ? 216 G   B "C2'" 1 
ATOM   324 O "O2'" . G   B 1 8 ? 20.50642  -9.70940  9.54905   1.000 24.38003 ? 216 G   B "O2'" 1 
ATOM   325 C "C1'" . G   B 1 8 ? 18.20617  -9.79622  8.88665   1.000 18.82422 ? 216 G   B "C1'" 1 
ATOM   326 N N9    . G   B 1 8 ? 16.95137  -9.07953  9.18307   1.000 18.54484 ? 216 G   B N9    1 
ATOM   327 C C8    . G   B 1 8 ? 15.75374  -9.63495  9.55857   1.000 18.66949 ? 216 G   B C8    1 
ATOM   328 N N7    . G   B 1 8 ? 14.81434  -8.75208  9.75527   1.000 22.24198 ? 216 G   B N7    1 
ATOM   329 C C5    . G   B 1 8 ? 15.42506  -7.53419  9.49587   1.000 14.85826 ? 216 G   B C5    1 
ATOM   330 C C6    . G   B 1 8 ? 14.89660  -6.21694  9.54735   1.000 17.12602 ? 216 G   B C6    1 
ATOM   331 O O6    . G   B 1 8 ? 13.75025  -5.85126  9.83951   1.000 22.02028 ? 216 G   B O6    1 
ATOM   332 N N1    . G   B 1 8 ? 15.85762  -5.27087  9.21144   1.000 16.04324 ? 216 G   B N1    1 
ATOM   333 C C2    . G   B 1 8 ? 17.15652  -5.55235  8.87080   1.000 16.22119 ? 216 G   B C2    1 
ATOM   334 N N2    . G   B 1 8 ? 17.92199  -4.49043  8.58062   1.000 19.46071 ? 216 G   B N2    1 
ATOM   335 N N3    . G   B 1 8 ? 17.66253  -6.77609  8.81943   1.000 15.39246 ? 216 G   B N3    1 
ATOM   336 C C4    . G   B 1 8 ? 16.74692  -7.71630  9.14212   1.000 17.57980 ? 216 G   B C4    1 
ATOM   337 O "O5'" . C   C 1 1 ? -17.29282 7.18485   6.96712   1.000 37.46935 ? 101 C   C "O5'" 1 
ATOM   338 C "C5'" . C   C 1 1 ? -18.16747 8.26457   7.26063   1.000 29.78112 ? 101 C   C "C5'" 1 
ATOM   339 C "C4'" . C   C 1 1 ? -17.44621 9.38190   7.96728   1.000 28.59552 ? 101 C   C "C4'" 1 
ATOM   340 O "O4'" . C   C 1 1 ? -16.78975 8.85952   9.15559   1.000 24.81339 ? 101 C   C "O4'" 1 
ATOM   341 C "C3'" . C   C 1 1 ? -16.31813 10.04610  7.18978   1.000 33.13177 ? 101 C   C "C3'" 1 
ATOM   342 O "O3'" . C   C 1 1 ? -16.77312 11.01837  6.26083   1.000 39.13330 ? 101 C   C "O3'" 1 
ATOM   343 C "C2'" . C   C 1 1 ? -15.44714 10.61569  8.29832   1.000 26.64697 ? 101 C   C "C2'" 1 
ATOM   344 O "O2'" . C   C 1 1 ? -16.03639 11.79077  8.83439   1.000 37.10965 ? 101 C   C "O2'" 1 
ATOM   345 C "C1'" . C   C 1 1 ? -15.55329 9.51159   9.34931   1.000 23.30572 ? 101 C   C "C1'" 1 
ATOM   346 N N1    . C   C 1 1 ? -14.46440 8.50948   9.22519   1.000 20.54894 ? 101 C   C N1    1 
ATOM   347 C C2    . C   C 1 1 ? -13.17285 8.83510   9.65286   1.000 17.31992 ? 101 C   C C2    1 
ATOM   348 O O2    . C   C 1 1 ? -12.95691 9.96109   10.12204  1.000 18.22275 ? 101 C   C O2    1 
ATOM   349 N N3    . C   C 1 1 ? -12.18164 7.91794   9.54235   1.000 16.14662 ? 101 C   C N3    1 
ATOM   350 C C4    . C   C 1 1 ? -12.43355 6.71074   9.03398   1.000 14.16227 ? 101 C   C C4    1 
ATOM   351 N N4    . C   C 1 1 ? -11.42600 5.83831   8.94503   1.000 13.15548 ? 101 C   C N4    1 
ATOM   352 C C5    . C   C 1 1 ? -13.73720 6.34719   8.59449   1.000 18.56733 ? 101 C   C C5    1 
ATOM   353 C C6    . C   C 1 1 ? -14.70587 7.26532   8.71057   1.000 21.07312 ? 101 C   C C6    1 
ATOM   354 P P     . G   C 1 2 ? -15.92887 11.32548  4.92619   1.000 29.50325 ? 102 G   C P     1 
ATOM   355 O OP1   . G   C 1 2 ? -16.68920 12.31927  4.12914   1.000 36.71019 ? 102 G   C OP1   1 
ATOM   356 O OP2   . G   C 1 2 ? -15.53385 10.03437  4.31029   1.000 30.56058 ? 102 G   C OP2   1 
ATOM   357 O "O5'" . G   C 1 2 ? -14.60948 12.04638  5.45250   1.000 32.19200 ? 102 G   C "O5'" 1 
ATOM   358 C "C5'" . G   C 1 2 ? -14.61111 13.43154  5.76598   1.000 25.28446 ? 102 G   C "C5'" 1 
ATOM   359 C "C4'" . G   C 1 2 ? -13.22476 13.93161  6.08508   1.000 29.67312 ? 102 G   C "C4'" 1 
ATOM   360 O "O4'" . G   C 1 2 ? -12.67257 13.17037  7.19069   1.000 33.50816 ? 102 G   C "O4'" 1 
ATOM   361 C "C3'" . G   C 1 2 ? -12.18407 13.78311  4.98236   1.000 27.70599 ? 102 G   C "C3'" 1 
ATOM   362 O "O3'" . G   C 1 2 ? -12.25750 14.80437  4.00056   1.000 28.78279 ? 102 G   C "O3'" 1 
ATOM   363 C "C2'" . G   C 1 2 ? -10.87783 13.77495  5.76204   1.000 20.35095 ? 102 G   C "C2'" 1 
ATOM   364 O "O2'" . G   C 1 2 ? -10.52175 15.09135  6.15560   1.000 24.63725 ? 102 G   C "O2'" 1 
ATOM   365 C "C1'" . G   C 1 2 ? -11.28272 12.99354  7.01142   1.000 24.51912 ? 102 G   C "C1'" 1 
ATOM   366 N N9    . G   C 1 2 ? -11.01036 11.55256  6.86499   1.000 17.27027 ? 102 G   C N9    1 
ATOM   367 C C8    . G   C 1 2 ? -11.93379 10.54986  6.70455   1.000 16.01483 ? 102 G   C C8    1 
ATOM   368 N N7    . G   C 1 2 ? -11.39807 9.36519   6.60178   1.000 18.39432 ? 102 G   C N7    1 
ATOM   369 C C5    . G   C 1 2 ? -10.03415 9.59829   6.69949   1.000 14.89320 ? 102 G   C C5    1 
ATOM   370 C C6    . G   C 1 2 ? -8.94479  8.68961   6.65708   1.000 13.99524 ? 102 G   C C6    1 
ATOM   371 O O6    . G   C 1 2 ? -8.96544  7.45927   6.51981   1.000 16.29584 ? 102 G   C O6    1 
ATOM   372 N N1    . G   C 1 2 ? -7.73058  9.35165   6.79425   1.000 14.14558 ? 102 G   C N1    1 
ATOM   373 C C2    . G   C 1 2 ? -7.58022  10.70619  6.95283   1.000 14.57139 ? 102 G   C C2    1 
ATOM   374 N N2    . G   C 1 2 ? -6.31843  11.14103  7.06804   1.000 14.69763 ? 102 G   C N2    1 
ATOM   375 N N3    . G   C 1 2 ? -8.58620  11.56495  6.99352   1.000 18.56301 ? 102 G   C N3    1 
ATOM   376 C C4    . G   C 1 2 ? -9.77768  10.94456  6.86170   1.000 15.64301 ? 102 G   C C4    1 
ATOM   377 P P     . A   C 1 3 ? -11.85596 14.49056  2.47521   1.000 27.73862 ? 103 A   C P     1 
ATOM   378 O OP1   . A   C 1 3 ? -12.07384 15.72763  1.68440   1.000 32.11098 ? 103 A   C OP1   1 
ATOM   379 O OP2   . A   C 1 3 ? -12.53638 13.23595  2.06769   1.000 20.74672 ? 103 A   C OP2   1 
ATOM   380 O "O5'" . A   C 1 3 ? -10.28973 14.20189  2.53344   1.000 19.61228 ? 103 A   C "O5'" 1 
ATOM   381 C "C5'" . A   C 1 3 ? -9.35977  15.24863  2.76891   1.000 22.06479 ? 103 A   C "C5'" 1 
ATOM   382 C "C4'" . A   C 1 3 ? -7.93602  14.76340  2.65539   1.000 19.87885 ? 103 A   C "C4'" 1 
ATOM   383 O "O4'" . A   C 1 3 ? -7.63317  13.85004  3.74113   1.000 19.04107 ? 103 A   C "O4'" 1 
ATOM   384 C "C3'" . A   C 1 3 ? -7.59865  13.96485  1.40288   1.000 24.87471 ? 103 A   C "C3'" 1 
ATOM   385 O "O3'" . A   C 1 3 ? -7.37679  14.77445  0.26360   1.000 22.92289 ? 103 A   C "O3'" 1 
ATOM   386 C "C2'" . A   C 1 3 ? -6.38047  13.16769  1.84735   1.000 17.59717 ? 103 A   C "C2'" 1 
ATOM   387 O "O2'" . A   C 1 3 ? -5.21936  13.98488  1.85449   1.000 22.48306 ? 103 A   C "O2'" 1 
ATOM   388 C "C1'" . A   C 1 3 ? -6.75029  12.84062  3.29128   1.000 16.47487 ? 103 A   C "C1'" 1 
ATOM   389 N N9    . A   C 1 3 ? -7.43670  11.54026  3.38258   1.000 15.10754 ? 103 A   C N9    1 
ATOM   390 C C8    . A   C 1 3 ? -8.78563  11.30309  3.46454   1.000 15.03400 ? 103 A   C C8    1 
ATOM   391 N N7    . A   C 1 3 ? -9.09547  10.03109  3.52274   1.000 14.14253 ? 103 A   C N7    1 
ATOM   392 C C5    . A   C 1 3 ? -7.86483  9.38849   3.46951   1.000 15.50657 ? 103 A   C C5    1 
ATOM   393 C C6    . A   C 1 3 ? -7.50074  8.02974   3.49149   1.000 14.52976 ? 103 A   C C6    1 
ATOM   394 N N6    . A   C 1 3 ? -8.38237  7.02920   3.57538   1.000 14.28684 ? 103 A   C N6    1 
ATOM   395 N N1    . A   C 1 3 ? -6.18390  7.72932   3.42213   1.000 9.91193  ? 103 A   C N1    1 
ATOM   396 C C2    . A   C 1 3 ? -5.29950  8.72972   3.33789   1.000 10.85892 ? 103 A   C C2    1 
ATOM   397 N N3    . A   C 1 3 ? -5.51875  10.04071  3.30947   1.000 17.47163 ? 103 A   C N3    1 
ATOM   398 C C4    . A   C 1 3 ? -6.83475  10.30606  3.37905   1.000 14.08854 ? 103 A   C C4    1 
ATOM   399 P P     . A   C 1 4 ? -7.60521  14.16987  -1.20815  1.000 19.95865 ? 104 A   C P     1 
ATOM   400 O OP1   . A   C 1 4 ? -7.50679  15.27645  -2.19234  1.000 19.67267 ? 104 A   C OP1   1 
ATOM   401 O OP2   . A   C 1 4 ? -8.83544  13.34224  -1.16969  1.000 20.18576 ? 104 A   C OP2   1 
ATOM   402 O "O5'" . A   C 1 4 ? -6.35781  13.20200  -1.41986  1.000 19.04906 ? 104 A   C "O5'" 1 
ATOM   403 C "C5'" . A   C 1 4 ? -5.03216  13.71232  -1.42648  1.000 20.76437 ? 104 A   C "C5'" 1 
ATOM   404 C "C4'" . A   C 1 4 ? -4.00866  12.60400  -1.44502  1.000 21.96466 ? 104 A   C "C4'" 1 
ATOM   405 O "O4'" . A   C 1 4 ? -4.15293  11.77937  -0.25919  1.000 20.19520 ? 104 A   C "O4'" 1 
ATOM   406 C "C3'" . A   C 1 4 ? -4.11428  11.61778  -2.59972  1.000 21.29476 ? 104 A   C "C3'" 1 
ATOM   407 O "O3'" . A   C 1 4 ? -3.51918  12.09907  -3.79141  1.000 20.31563 ? 104 A   C "O3'" 1 
ATOM   408 C "C2'" . A   C 1 4 ? -3.43685  10.37706  -2.03357  1.000 17.25707 ? 104 A   C "C2'" 1 
ATOM   409 O "O2'" . A   C 1 4 ? -2.02444  10.51529  -2.07929  1.000 22.10149 ? 104 A   C "O2'" 1 
ATOM   410 C "C1'" . A   C 1 4 ? -3.88207  10.42880  -0.57472  1.000 17.82992 ? 104 A   C "C1'" 1 
ATOM   411 N N9    . A   C 1 4 ? -5.11273  9.64579   -0.35141  1.000 16.65679 ? 104 A   C N9    1 
ATOM   412 C C8    . A   C 1 4 ? -6.39827  10.12166  -0.29469  1.000 14.93521 ? 104 A   C C8    1 
ATOM   413 N N7    . A   C 1 4 ? -7.30059  9.19477   -0.08929  1.000 14.45196 ? 104 A   C N7    1 
ATOM   414 C C5    . A   C 1 4 ? -6.55831  8.02546   -0.00670  1.000 10.66889 ? 104 A   C C5    1 
ATOM   415 C C6    . A   C 1 4 ? -6.92980  6.68568   0.20289   1.000 10.93906 ? 104 A   C C6    1 
ATOM   416 N N6    . A   C 1 4 ? -8.19437  6.29201   0.37280   1.000 15.01220 ? 104 A   C N6    1 
ATOM   417 N N1    . A   C 1 4 ? -5.94803  5.75559   0.23115   1.000 10.52954 ? 104 A   C N1    1 
ATOM   418 C C2    . A   C 1 4 ? -4.68120  6.15642   0.05881   1.000 11.94090 ? 104 A   C C2    1 
ATOM   419 N N3    . A   C 1 4 ? -4.20981  7.38572   -0.14540  1.000 14.45260 ? 104 A   C N3    1 
ATOM   420 C C4    . A   C 1 4 ? -5.20901  8.28578   -0.16855  1.000 13.90686 ? 104 A   C C4    1 
HETATM 421 O O2    . U5R C 1 5 ? -4.46036  4.66184   -3.58824  1.000 14.39610 ? 105 U5R C O2    1 
HETATM 422 C C2    . U5R C 1 5 ? -5.11997  5.69997   -3.57896  1.000 13.91889 ? 105 U5R C C2    1 
HETATM 423 N N3    . U5R C 1 5 ? -6.46139  5.66721   -3.16826  1.000 13.07606 ? 105 U5R C N3    1 
HETATM 424 C C4    . U5R C 1 5 ? -7.22357  6.84045   -3.15068  1.000 13.87639 ? 105 U5R C C4    1 
HETATM 425 O O4    . U5R C 1 5 ? -8.40107  6.81723   -2.79248  1.000 13.60417 ? 105 U5R C O4    1 
HETATM 426 C C5    . U5R C 1 5 ? -6.63485  8.03410   -3.54306  1.000 12.27753 ? 105 U5R C C5    1 
HETATM 427 C C6    . U5R C 1 5 ? -5.30397  8.03976   -3.94424  1.000 14.17689 ? 105 U5R C C6    1 
HETATM 428 N N1    . U5R C 1 5 ? -4.55419  6.85328   -3.96425  1.000 12.86806 ? 105 U5R C N1    1 
HETATM 429 C "C1'" . U5R C 1 5 ? -3.12763  6.87033   -4.38176  1.000 16.28042 ? 105 U5R C "C1'" 1 
HETATM 430 O "O4'" . U5R C 1 5 ? -2.73708  8.27049   -4.32861  1.000 19.06915 ? 105 U5R C "O4'" 1 
HETATM 431 C "C2'" . U5R C 1 5 ? -2.85555  6.44053   -5.82442  1.000 15.73504 ? 105 U5R C "C2'" 1 
HETATM 432 F "F2'" . U5R C 1 5 ? -1.57387  6.19913   -5.94397  1.000 21.14822 ? 105 U5R C "F2'" 1 
HETATM 433 C "C3'" . U5R C 1 5 ? -3.04949  7.74519   -6.54152  1.000 19.64058 ? 105 U5R C "C3'" 1 
HETATM 434 O "O3'" . U5R C 1 5 ? -2.44635  7.66577   -7.85066  1.000 21.37441 ? 105 U5R C "O3'" 1 
HETATM 435 C "C4'" . U5R C 1 5 ? -2.19270  8.59546   -5.61954  1.000 19.15040 ? 105 U5R C "C4'" 1 
HETATM 436 C "C5'" . U5R C 1 5 ? -2.37096  10.11039  -5.84180  1.000 22.39743 ? 105 U5R C "C5'" 1 
HETATM 437 C C5M   . U5R C 1 5 ? -1.82804  10.55818  -7.20668  1.000 27.46357 ? 105 U5R C C5M   1 
HETATM 438 O "O5'" . U5R C 1 5 ? -3.76466  10.44364  -5.70907  1.000 23.45352 ? 105 U5R C "O5'" 1 
HETATM 439 P P     . U5R C 1 5 ? -4.25747  11.89869  -5.20645  1.000 20.67593 ? 105 U5R C P     1 
HETATM 440 O OP1   . U5R C 1 5 ? -3.72787  12.92033  -6.13224  1.000 28.35351 ? 105 U5R C OP1   1 
HETATM 441 O OP2   . U5R C 1 5 ? -5.70742  11.85051  -4.91894  1.000 17.61972 ? 105 U5R C OP2   1 
ATOM   442 P P     . U   C 1 6 ? -3.34077  7.41389   -9.16056  1.000 20.24355 ? 106 U   C P     1 
ATOM   443 O OP1   . U   C 1 6 ? -2.45557  7.59070   -10.33789 1.000 26.86611 ? 106 U   C OP1   1 
ATOM   444 O OP2   . U   C 1 6 ? -4.57992  8.22271   -9.05334  1.000 21.61288 ? 106 U   C OP2   1 
ATOM   445 O "O5'" . U   C 1 6 ? -3.71997  5.87018   -9.07250  1.000 18.91461 ? 106 U   C "O5'" 1 
ATOM   446 C "C5'" . U   C 1 6 ? -2.70754  4.87381   -9.05426  1.000 17.10695 ? 106 U   C "C5'" 1 
ATOM   447 C "C4'" . U   C 1 6 ? -3.26978  3.51990   -8.70743  1.000 15.40272 ? 106 U   C "C4'" 1 
ATOM   448 O "O4'" . U   C 1 6 ? -3.77362  3.53011   -7.34653  1.000 20.38930 ? 106 U   C "O4'" 1 
ATOM   449 C "C3'" . U   C 1 6 ? -4.46071  3.06704   -9.53914  1.000 19.54763 ? 106 U   C "C3'" 1 
ATOM   450 O "O3'" . U   C 1 6 ? -4.08480  2.53002   -10.79484 1.000 21.47386 ? 106 U   C "O3'" 1 
ATOM   451 C "C2'" . U   C 1 6 ? -5.15054  2.06961   -8.61721  1.000 18.03274 ? 106 U   C "C2'" 1 
ATOM   452 O "O2'" . U   C 1 6 ? -4.48507  0.81548   -8.64380  1.000 15.66032 ? 106 U   C "O2'" 1 
ATOM   453 C "C1'" . U   C 1 6 ? -4.91960  2.71033   -7.24917  1.000 16.95724 ? 106 U   C "C1'" 1 
ATOM   454 N N1    . U   C 1 6 ? -6.06601  3.54549   -6.82386  1.000 16.70538 ? 106 U   C N1    1 
ATOM   455 C C2    . U   C 1 6 ? -7.14060  2.89949   -6.24942  1.000 13.36116 ? 106 U   C C2    1 
ATOM   456 O O2    . U   C 1 6 ? -7.17506  1.69397   -6.08392  1.000 18.08011 ? 106 U   C O2    1 
ATOM   457 N N3    . U   C 1 6 ? -8.17415  3.71742   -5.87253  1.000 11.58467 ? 106 U   C N3    1 
ATOM   458 C C4    . U   C 1 6 ? -8.24060  5.08788   -6.01083  1.000 12.88956 ? 106 U   C C4    1 
ATOM   459 O O4    . U   C 1 6 ? -9.24525  5.68515   -5.62113  1.000 15.78758 ? 106 U   C O4    1 
ATOM   460 C C5    . U   C 1 6 ? -7.08932  5.68372   -6.61637  1.000 13.68343 ? 106 U   C C5    1 
ATOM   461 C C6    . U   C 1 6 ? -6.06756  4.90945   -6.99247  1.000 12.29422 ? 106 U   C C6    1 
ATOM   462 P P     . C   C 1 7 ? -5.04742  2.71050   -12.06903 1.000 20.42797 ? 107 C   C P     1 
ATOM   463 O OP1   . C   C 1 7 ? -4.32467  2.20806   -13.26478 1.000 28.00274 ? 107 C   C OP1   1 
ATOM   464 O OP2   . C   C 1 7 ? -5.55514  4.10417   -12.05909 1.000 16.01689 ? 107 C   C OP2   1 
ATOM   465 O "O5'" . C   C 1 7 ? -6.26125  1.72106   -11.77351 1.000 21.04993 ? 107 C   C "O5'" 1 
ATOM   466 C "C5'" . C   C 1 7 ? -6.05595  0.31647   -11.73957 1.000 21.82862 ? 107 C   C "C5'" 1 
ATOM   467 C "C4'" . C   C 1 7 ? -7.23666  -0.41838  -11.15476 1.000 22.15530 ? 107 C   C "C4'" 1 
ATOM   468 O "O4'" . C   C 1 7 ? -7.48838  0.03010   -9.79805  1.000 20.89284 ? 107 C   C "O4'" 1 
ATOM   469 C "C3'" . C   C 1 7 ? -8.57885  -0.21870  -11.84752 1.000 25.69289 ? 107 C   C "C3'" 1 
ATOM   470 O "O3'" . C   C 1 7 ? -8.72020  -0.94968  -13.04991 1.000 29.79940 ? 107 C   C "O3'" 1 
ATOM   471 C "C2'" . C   C 1 7 ? -9.55748  -0.62279  -10.75609 1.000 24.90375 ? 107 C   C "C2'" 1 
ATOM   472 O "O2'" . C   C 1 7 ? -9.60519  -2.03676  -10.62247 1.000 22.43869 ? 107 C   C "O2'" 1 
ATOM   473 C "C1'" . C   C 1 7 ? -8.87589  -0.04446  -9.51825  1.000 25.15920 ? 107 C   C "C1'" 1 
ATOM   474 N N1    . C   C 1 7 ? -9.38923  1.30794   -9.20877  1.000 20.25798 ? 107 C   C N1    1 
ATOM   475 C C2    . C   C 1 7 ? -10.59467 1.39812   -8.50989  1.000 12.99126 ? 107 C   C C2    1 
ATOM   476 O O2    . C   C 1 7 ? -11.17128 0.35834   -8.16354  1.000 16.88333 ? 107 C   C O2    1 
ATOM   477 N N3    . C   C 1 7 ? -11.09992 2.61346   -8.21772  1.000 16.74018 ? 107 C   C N3    1 
ATOM   478 C C4    . C   C 1 7 ? -10.45310 3.71122   -8.60474  1.000 13.12429 ? 107 C   C C4    1 
ATOM   479 N N4    . C   C 1 7 ? -10.99497 4.88908   -8.29057  1.000 15.54429 ? 107 C   C N4    1 
ATOM   480 C C5    . C   C 1 7 ? -9.22686  3.65188   -9.32797  1.000 13.77608 ? 107 C   C C5    1 
ATOM   481 C C6    . C   C 1 7 ? -8.73765  2.43957   -9.60900  1.000 16.03506 ? 107 C   C C6    1 
ATOM   482 P P     . G   C 1 8 ? -9.67654  -0.38638  -14.21475 1.000 31.84735 ? 108 G   C P     1 
ATOM   483 O OP1   . G   C 1 8 ? -9.60435  -1.31942  -15.36586 1.000 38.50962 ? 108 G   C OP1   1 
ATOM   484 O OP2   . G   C 1 8 ? -9.35088  1.04788   -14.41624 1.000 30.47060 ? 108 G   C OP2   1 
ATOM   485 O "O5'" . G   C 1 8 ? -11.14254 -0.47321  -13.59315 1.000 30.18378 ? 108 G   C "O5'" 1 
ATOM   486 C "C5'" . G   C 1 8 ? -11.73933 -1.72810  -13.29458 1.000 26.11327 ? 108 G   C "C5'" 1 
ATOM   487 C "C4'" . G   C 1 8 ? -13.10378 -1.56801  -12.67117 1.000 22.19679 ? 108 G   C "C4'" 1 
ATOM   488 O "O4'" . G   C 1 8 ? -13.00033 -0.87449  -11.40229 1.000 26.34059 ? 108 G   C "O4'" 1 
ATOM   489 C "C3'" . G   C 1 8 ? -14.10730 -0.73760  -13.45777 1.000 22.60516 ? 108 G   C "C3'" 1 
ATOM   490 O "O3'" . G   C 1 8 ? -14.71069 -1.46123  -14.51437 1.000 29.89309 ? 108 G   C "O3'" 1 
ATOM   491 C "C2'" . G   C 1 8 ? -15.08831 -0.29586  -12.38047 1.000 19.59663 ? 108 G   C "C2'" 1 
ATOM   492 O "O2'" . G   C 1 8 ? -16.00162 -1.33898  -12.07368 1.000 24.21571 ? 108 G   C "O2'" 1 
ATOM   493 C "C1'" . G   C 1 8 ? -14.16100 -0.09687  -11.18008 1.000 18.69720 ? 108 G   C "C1'" 1 
ATOM   494 N N9    . G   C 1 8 ? -13.76876 1.31474   -11.00992 1.000 16.82884 ? 108 G   C N9    1 
ATOM   495 C C8    . G   C 1 8 ? -12.59869 1.89339   -11.43248 1.000 18.77248 ? 108 G   C C8    1 
ATOM   496 N N7    . G   C 1 8 ? -12.51869 3.16266   -11.14664 1.000 19.72945 ? 108 G   C N7    1 
ATOM   497 C C5    . G   C 1 8 ? -13.71005 3.44466   -10.49426 1.000 15.77532 ? 108 G   C C5    1 
ATOM   498 C C6    . G   C 1 8 ? -14.18769 4.66637   -9.95032  1.000 15.87621 ? 108 G   C C6    1 
ATOM   499 O O6    . G   C 1 8 ? -13.63810 5.77517   -9.93374  1.000 20.55187 ? 108 G   C O6    1 
ATOM   500 N N1    . G   C 1 8 ? -15.44473 4.51376   -9.37778  1.000 18.26197 ? 108 G   C N1    1 
ATOM   501 C C2    . G   C 1 8 ? -16.15391 3.34079   -9.33334  1.000 16.69144 ? 108 G   C C2    1 
ATOM   502 N N2    . G   C 1 8 ? -17.35138 3.41259   -8.73365  1.000 18.80558 ? 108 G   C N2    1 
ATOM   503 N N3    . G   C 1 8 ? -15.72099 2.19379   -9.83802  1.000 17.54941 ? 108 G   C N3    1 
ATOM   504 C C4    . G   C 1 8 ? -14.49803 2.31544   -10.40180 1.000 16.94133 ? 108 G   C C4    1 
ATOM   505 O "O5'" . C   D 1 1 ? -19.02894 9.99480   -3.89208  1.000 33.30419 ? 209 C   D "O5'" 1 
ATOM   506 C "C5'" . C   D 1 1 ? -20.41797 9.70023   -3.85510  1.000 28.24043 ? 209 C   D "C5'" 1 
ATOM   507 C "C4'" . C   D 1 1 ? -20.73655 8.43737   -4.61348  1.000 27.82057 ? 209 C   D "C4'" 1 
ATOM   508 O "O4'" . C   D 1 1 ? -20.30765 8.57853   -5.99381  1.000 27.55811 ? 209 C   D "O4'" 1 
ATOM   509 C "C3'" . C   D 1 1 ? -20.02971 7.17733   -4.13696  1.000 31.66360 ? 209 C   D "C3'" 1 
ATOM   510 O "O3'" . C   D 1 1 ? -20.65393 6.57981   -3.01195  1.000 42.12345 ? 209 C   D "O3'" 1 
ATOM   511 C "C2'" . C   D 1 1 ? -20.04014 6.29920   -5.38043  1.000 26.06058 ? 209 C   D "C2'" 1 
ATOM   512 O "O2'" . C   D 1 1 ? -21.31615 5.70398   -5.56198  1.000 27.69243 ? 209 C   D "O2'" 1 
ATOM   513 C "C1'" . C   D 1 1 ? -19.83767 7.34048   -6.48271  1.000 28.83964 ? 209 C   D "C1'" 1 
ATOM   514 N N1    . C   D 1 1 ? -18.41343 7.48863   -6.86684  1.000 20.51752 ? 209 C   D N1    1 
ATOM   515 C C2    . C   D 1 1 ? -17.82462 6.52488   -7.69161  1.000 17.20578 ? 209 C   D C2    1 
ATOM   516 O O2    . C   D 1 1 ? -18.50240 5.56111   -8.07741  1.000 20.93060 ? 209 C   D O2    1 
ATOM   517 N N3    . C   D 1 1 ? -16.52629 6.66354   -8.04803  1.000 18.61374 ? 209 C   D N3    1 
ATOM   518 C C4    . C   D 1 1 ? -15.81877 7.70975   -7.61730  1.000 17.87970 ? 209 C   D C4    1 
ATOM   519 N N4    . C   D 1 1 ? -14.54139 7.80348   -7.99623  1.000 18.97163 ? 209 C   D N4    1 
ATOM   520 C C5    . C   D 1 1 ? -16.39338 8.70857   -6.78045  1.000 17.70714 ? 209 C   D C5    1 
ATOM   521 C C6    . C   D 1 1 ? -17.67890 8.55931   -6.43751  1.000 18.81004 ? 209 C   D C6    1 
ATOM   522 P P     . G   D 1 2 ? -19.77239 5.81826   -1.90379  1.000 32.31000 ? 210 G   D P     1 
ATOM   523 O OP1   . G   D 1 2 ? -20.62702 5.60131   -0.70811  1.000 38.78618 ? 210 G   D OP1   1 
ATOM   524 O OP2   . G   D 1 2 ? -18.49106 6.55119   -1.75678  1.000 24.71618 ? 210 G   D OP2   1 
ATOM   525 O "O5'" . G   D 1 2 ? -19.43627 4.40918   -2.57006  1.000 27.48763 ? 210 G   D "O5'" 1 
ATOM   526 C "C5'" . G   D 1 2 ? -20.45200 3.45055   -2.82853  1.000 21.68763 ? 210 G   D "C5'" 1 
ATOM   527 C "C4'" . G   D 1 2 ? -19.89095 2.21982   -3.49762  1.000 27.77325 ? 210 G   D "C4'" 1 
ATOM   528 O "O4'" . G   D 1 2 ? -19.46758 2.53820   -4.84923  1.000 28.22268 ? 210 G   D "O4'" 1 
ATOM   529 C "C3'" . G   D 1 2 ? -18.64689 1.62112   -2.85604  1.000 32.62033 ? 210 G   D "C3'" 1 
ATOM   530 O "O3'" . G   D 1 2 ? -18.93309 0.81894   -1.72367  1.000 25.32712 ? 210 G   D "O3'" 1 
ATOM   531 C "C2'" . G   D 1 2 ? -18.01296 0.86102   -4.01399  1.000 20.55148 ? 210 G   D "C2'" 1 
ATOM   532 O "O2'" . G   D 1 2 ? -18.68543 -0.36813  -4.24122  1.000 24.20030 ? 210 G   D "O2'" 1 
ATOM   533 C "C1'" . G   D 1 2 ? -18.30960 1.79962   -5.18181  1.000 22.26438 ? 210 G   D "C1'" 1 
ATOM   534 N N9    . G   D 1 2 ? -17.20375 2.74740   -5.39790  1.000 20.91670 ? 210 G   D N9    1 
ATOM   535 C C8    . G   D 1 2 ? -17.17637 4.06540   -5.01935  1.000 17.58859 ? 210 G   D C8    1 
ATOM   536 N N7    . G   D 1 2 ? -16.06498 4.66785   -5.33157  1.000 17.82842 ? 210 G   D N7    1 
ATOM   537 C C5    . G   D 1 2 ? -15.30862 3.68457   -5.95074  1.000 16.49380 ? 210 G   D C5    1 
ATOM   538 C C6    . G   D 1 2 ? -14.00473 3.75314   -6.50425  1.000 13.40435 ? 210 G   D C6    1 
ATOM   539 O O6    . G   D 1 2 ? -13.23606 4.72256   -6.55871  1.000 15.29540 ? 210 G   D O6    1 
ATOM   540 N N1    . G   D 1 2 ? -13.61735 2.52717   -7.03198  1.000 13.17982 ? 210 G   D N1    1 
ATOM   541 C C2    . G   D 1 2 ? -14.37974 1.38621   -7.02959  1.000 14.65585 ? 210 G   D C2    1 
ATOM   542 N N2    . G   D 1 2 ? -13.81485 0.30967   -7.59264  1.000 15.20507 ? 210 G   D N2    1 
ATOM   543 N N3    . G   D 1 2 ? -15.59783 1.30808   -6.51789  1.000 16.32976 ? 210 G   D N3    1 
ATOM   544 C C4    . G   D 1 2 ? -15.99518 2.48869   -5.99770  1.000 17.64131 ? 210 G   D C4    1 
ATOM   545 P P     . A   D 1 3 ? -17.91828 0.79390   -0.47711  1.000 23.27276 ? 211 A   D P     1 
ATOM   546 O OP1   . A   D 1 3 ? -18.55500 0.01331   0.61314   1.000 30.24560 ? 211 A   D OP1   1 
ATOM   547 O OP2   . A   D 1 3 ? -17.47282 2.18446   -0.20916  1.000 21.14741 ? 211 A   D OP2   1 
ATOM   548 O "O5'" . A   D 1 3 ? -16.66969 -0.03204  -1.02072  1.000 23.31289 ? 211 A   D "O5'" 1 
ATOM   549 C "C5'" . A   D 1 3 ? -16.83221 -1.35541  -1.50919  1.000 17.64059 ? 211 A   D "C5'" 1 
ATOM   550 C "C4'" . A   D 1 3 ? -15.59993 -1.84519  -2.22401  1.000 13.75860 ? 211 A   D "C4'" 1 
ATOM   551 O "O4'" . A   D 1 3 ? -15.37343 -1.07024  -3.43146  1.000 14.54140 ? 211 A   D "O4'" 1 
ATOM   552 C "C3'" . A   D 1 3 ? -14.28750 -1.71484  -1.46683  1.000 14.81038 ? 211 A   D "C3'" 1 
ATOM   553 O "O3'" . A   D 1 3 ? -14.10664 -2.71854  -0.48422  1.000 14.60739 ? 211 A   D "O3'" 1 
ATOM   554 C "C2'" . A   D 1 3 ? -13.26299 -1.75157  -2.58966  1.000 13.59385 ? 211 A   D "C2'" 1 
ATOM   555 O "O2'" . A   D 1 3 ? -13.08597 -3.07913  -3.06190  1.000 17.61106 ? 211 A   D "O2'" 1 
ATOM   556 C "C1'" . A   D 1 3 ? -13.98486 -0.94935  -3.67156  1.000 16.37730 ? 211 A   D "C1'" 1 
ATOM   557 N N9    . A   D 1 3 ? -13.61500 0.47712   -3.61745  1.000 13.47742 ? 211 A   D N9    1 
ATOM   558 C C8    . A   D 1 3 ? -14.30946 1.50480   -3.03147  1.000 12.84939 ? 211 A   D C8    1 
ATOM   559 N N7    . A   D 1 3 ? -13.72243 2.67103   -3.13882  1.000 14.39714 ? 211 A   D N7    1 
ATOM   560 C C5    . A   D 1 3 ? -12.55616 2.39047   -3.83820  1.000 12.79091 ? 211 A   D C5    1 
ATOM   561 C C6    . A   D 1 3 ? -11.49563 3.20530   -4.27577  1.000 13.96299 ? 211 A   D C6    1 
ATOM   562 N N6    . A   D 1 3 ? -11.43521 4.52354   -4.06173  1.000 14.09910 ? 211 A   D N6    1 
ATOM   563 N N1    . A   D 1 3 ? -10.48511 2.61103   -4.94990  1.000 13.42670 ? 211 A   D N1    1 
ATOM   564 C C2    . A   D 1 3 ? -10.54386 1.29040   -5.16372  1.000 12.60158 ? 211 A   D C2    1 
ATOM   565 N N3    . A   D 1 3 ? -11.48598 0.42228   -4.80429  1.000 14.75232 ? 211 A   D N3    1 
ATOM   566 C C4    . A   D 1 3 ? -12.47550 1.04244   -4.13814  1.000 13.72254 ? 211 A   D C4    1 
ATOM   567 P P     . A   D 1 4 ? -13.22219 -2.40968  0.82072   1.000 14.39756 ? 212 A   D P     1 
ATOM   568 O OP1   . A   D 1 4 ? -13.41038 -3.52892  1.77687   1.000 17.16814 ? 212 A   D OP1   1 
ATOM   569 O OP2   . A   D 1 4 ? -13.51091 -1.01916  1.25465   1.000 16.46804 ? 212 A   D OP2   1 
ATOM   570 O "O5'" . A   D 1 4 ? -11.72354 -2.46332  0.28535   1.000 15.28668 ? 212 A   D "O5'" 1 
ATOM   571 C "C5'" . A   D 1 4 ? -11.20342 -3.64514  -0.30666  1.000 17.63262 ? 212 A   D "C5'" 1 
ATOM   572 C "C4'" . A   D 1 4 ? -9.83300  -3.41805  -0.89039  1.000 17.77687 ? 212 A   D "C4'" 1 
ATOM   573 O "O4'" . A   D 1 4 ? -9.91592  -2.48329  -1.99836  1.000 16.04466 ? 212 A   D "O4'" 1 
ATOM   574 C "C3'" . A   D 1 4 ? -8.80608  -2.79181  0.04402   1.000 19.77570 ? 212 A   D "C3'" 1 
ATOM   575 O "O3'" . A   D 1 4 ? -8.21029  -3.73305  0.91880   1.000 23.27447 ? 212 A   D "O3'" 1 
ATOM   576 C "C2'" . A   D 1 4 ? -7.82747  -2.14774  -0.92600  1.000 21.96417 ? 212 A   D "C2'" 1 
ATOM   577 O "O2'" . A   D 1 4 ? -6.95645  -3.12422  -1.47895  1.000 22.60789 ? 212 A   D "O2'" 1 
ATOM   578 C "C1'" . A   D 1 4 ? -8.76765  -1.66103  -2.02601  1.000 16.36928 ? 212 A   D "C1'" 1 
ATOM   579 N N9    . A   D 1 4 ? -9.19289  -0.26514  -1.80776  1.000 13.91043 ? 212 A   D N9    1 
ATOM   580 C C8    . A   D 1 4 ? -10.36470 0.16410   -1.23721  1.000 12.26370 ? 212 A   D C8    1 
ATOM   581 N N7    . A   D 1 4 ? -10.47746 1.46712   -1.17000  1.000 13.03732 ? 212 A   D N7    1 
ATOM   582 C C5    . A   D 1 4 ? -9.29732  1.92952   -1.73488  1.000 11.60878 ? 212 A   D C5    1 
ATOM   583 C C6    . A   D 1 4 ? -8.80440  3.22713   -1.95986  1.000 10.32171 ? 212 A   D C6    1 
ATOM   584 N N6    . A   D 1 4 ? -9.47061  4.33595   -1.62729  1.000 10.63160 ? 212 A   D N6    1 
ATOM   585 N N1    . A   D 1 4 ? -7.59067  3.34663   -2.54457  1.000 10.31663 ? 212 A   D N1    1 
ATOM   586 C C2    . A   D 1 4 ? -6.92549  2.23198   -2.87582  1.000 13.78945 ? 212 A   D C2    1 
ATOM   587 N N3    . A   D 1 4 ? -7.28519  0.95969   -2.71448  1.000 13.58315 ? 212 A   D N3    1 
ATOM   588 C C4    . A   D 1 4 ? -8.49425  0.87445   -2.13153  1.000 9.90215  ? 212 A   D C4    1 
HETATM 589 O O2    . U5R D 1 5 ? -4.31714  2.66343   0.15635   1.000 12.73345 ? 213 U5R D O2    1 
HETATM 590 C C2    . U5R D 1 5 ? -5.39941  2.24828   0.56639   1.000 12.00240 ? 213 U5R D C2    1 
HETATM 591 N N3    . U5R D 1 5 ? -6.44293  3.15735   0.80108   1.000 11.42063 ? 213 U5R D N3    1 
HETATM 592 C C4    . U5R D 1 5 ? -7.68034  2.70178   1.26730   1.000 14.56026 ? 213 U5R D C4    1 
HETATM 593 O O4    . U5R D 1 5 ? -8.60200  3.49003   1.47746   1.000 15.92183 ? 213 U5R D O4    1 
HETATM 594 C C5    . U5R D 1 5 ? -7.86031  1.34459   1.48975   1.000 12.15576 ? 213 U5R D C5    1 
HETATM 595 C C6    . U5R D 1 5 ? -6.81238  0.46615   1.24762   1.000 15.50104 ? 213 U5R D C6    1 
HETATM 596 N N1    . U5R D 1 5 ? -5.57387  0.93548   0.78880   1.000 14.76247 ? 213 U5R D N1    1 
HETATM 597 C "C1'" . U5R D 1 5 ? -4.46716  -0.02242  0.52497   1.000 15.87697 ? 213 U5R D "C1'" 1 
HETATM 598 O "O4'" . U5R D 1 5 ? -5.10092  -1.33143  0.46194   1.000 18.12267 ? 213 U5R D "O4'" 1 
HETATM 599 C "C2'" . U5R D 1 5 ? -3.42335  -0.14912  1.63882   1.000 17.90646 ? 213 U5R D "C2'" 1 
HETATM 600 F "F2'" . U5R D 1 5 ? -2.39481  -0.78727  1.15246   1.000 19.76446 ? 213 U5R D "F2'" 1 
HETATM 601 C "C3'" . U5R D 1 5 ? -4.08838  -1.16442  2.52476   1.000 19.48039 ? 213 U5R D "C3'" 1 
HETATM 602 O "O3'" . U5R D 1 5 ? -3.12001  -1.72571  3.43866   1.000 17.24205 ? 213 U5R D "O3'" 1 
HETATM 603 C "C4'" . U5R D 1 5 ? -4.43236  -2.16240  1.43224   1.000 15.63873 ? 213 U5R D "C4'" 1 
HETATM 604 C "C5'" . U5R D 1 5 ? -5.40778  -3.25894  1.90053   1.000 19.90408 ? 213 U5R D "C5'" 1 
HETATM 605 C C5M   . U5R D 1 5 ? -4.73220  -4.24064  2.86366   1.000 28.15968 ? 213 U5R D C5M   1 
HETATM 606 O "O5'" . U5R D 1 5 ? -6.55484  -2.65548  2.51682   1.000 23.85724 ? 213 U5R D "O5'" 1 
HETATM 607 P P     . U5R D 1 5 ? -8.00108  -3.36957  2.47090   1.000 17.91521 ? 213 U5R D P     1 
HETATM 608 O OP1   . U5R D 1 5 ? -7.93758  -4.64091  3.22270   1.000 28.60292 ? 213 U5R D OP1   1 
HETATM 609 O OP2   . U5R D 1 5 ? -9.03777  -2.36878  2.80433   1.000 19.01081 ? 213 U5R D OP2   1 
ATOM   610 P P     . U   D 1 6 ? -3.00868  -1.19871  4.95222   1.000 20.68786 ? 214 U   D P     1 
ATOM   611 O OP1   . U   D 1 6 ? -2.06528  -2.09460  5.66631   1.000 23.99359 ? 214 U   D OP1   1 
ATOM   612 O OP2   . U   D 1 6 ? -4.37782  -1.00098  5.48851   1.000 26.02894 ? 214 U   D OP2   1 
ATOM   613 O "O5'" . U   D 1 6 ? -2.30380  0.22192   4.81422   1.000 16.79950 ? 214 U   D "O5'" 1 
ATOM   614 C "C5'" . U   D 1 6 ? -0.95564  0.32179   4.38076   1.000 17.78266 ? 214 U   D "C5'" 1 
ATOM   615 C "C4'" . U   D 1 6 ? -0.56943  1.74875   4.08661   1.000 17.44621 ? 214 U   D "C4'" 1 
ATOM   616 O "O4'" . U   D 1 6 ? -1.39882  2.27083   3.01422   1.000 17.55652 ? 214 U   D "O4'" 1 
ATOM   617 C "C3'" . U   D 1 6 ? -0.77439  2.74208   5.22017   1.000 21.87714 ? 214 U   D "C3'" 1 
ATOM   618 O "O3'" . U   D 1 6 ? 0.24818   2.70896   6.19981   1.000 22.31580 ? 214 U   D "O3'" 1 
ATOM   619 C "C2'" . U   D 1 6 ? -0.88406  4.06624   4.47732   1.000 17.88152 ? 214 U   D "C2'" 1 
ATOM   620 O "O2'" . U   D 1 6 ? 0.39674   4.52175   4.06888   1.000 20.61693 ? 214 U   D "O2'" 1 
ATOM   621 C "C1'" . U   D 1 6 ? -1.66494  3.64117   3.23530   1.000 16.36475 ? 214 U   D "C1'" 1 
ATOM   622 N N1    . U   D 1 6 ? -3.12172  3.81667   3.43007   1.000 14.38355 ? 214 U   D N1    1 
ATOM   623 C C2    . U   D 1 6 ? -3.63496  5.08235   3.23450   1.000 11.43954 ? 214 U   D C2    1 
ATOM   624 O O2    . U   D 1 6 ? -2.94777  6.03178   2.90229   1.000 13.58564 ? 214 U   D O2    1 
ATOM   625 N N3    . U   D 1 6 ? -4.98699  5.19481   3.43553   1.000 11.07965 ? 214 U   D N3    1 
ATOM   626 C C4    . U   D 1 6 ? -5.85804  4.19269   3.80993   1.000 12.28322 ? 214 U   D C4    1 
ATOM   627 O O4    . U   D 1 6 ? -7.05319  4.45343   3.95172   1.000 11.57005 ? 214 U   D O4    1 
ATOM   628 C C5    . U   D 1 6 ? -5.24934  2.91236   4.00044   1.000 15.17314 ? 214 U   D C5    1 
ATOM   629 C C6    . U   D 1 6 ? -3.93462  2.77361   3.80908   1.000 11.45323 ? 214 U   D C6    1 
ATOM   630 P P     . C   D 1 7 ? -0.10668  3.04893   7.73004   1.000 22.06955 ? 215 C   D P     1 
ATOM   631 O OP1   . C   D 1 7 ? 1.10664   2.81417   8.55216   1.000 28.10060 ? 215 C   D OP1   1 
ATOM   632 O OP2   . C   D 1 7 ? -1.36482  2.33867   8.06879   1.000 17.83556 ? 215 C   D OP2   1 
ATOM   633 O "O5'" . C   D 1 7 ? -0.41500  4.61290   7.71521   1.000 17.84929 ? 215 C   D "O5'" 1 
ATOM   634 C "C5'" . C   D 1 7 ? 0.60462   5.55380   7.41248   1.000 22.00569 ? 215 C   D "C5'" 1 
ATOM   635 C "C4'" . C   D 1 7 ? 0.06790   6.96237   7.33879   1.000 24.56652 ? 215 C   D "C4'" 1 
ATOM   636 O "O4'" . C   D 1 7 ? -0.89843  7.07504   6.26062   1.000 25.91953 ? 215 C   D "O4'" 1 
ATOM   637 C "C3'" . C   D 1 7 ? -0.69920  7.45839   8.55599   1.000 28.73532 ? 215 C   D "C3'" 1 
ATOM   638 O "O3'" . C   D 1 7 ? 0.12234   7.83320   9.64520   1.000 32.02448 ? 215 C   D "O3'" 1 
ATOM   639 C "C2'" . C   D 1 7 ? -1.52078  8.59704   7.96991   1.000 21.82596 ? 215 C   D "C2'" 1 
ATOM   640 O "O2'" . C   D 1 7 ? -0.70959  9.74283   7.75406   1.000 23.13032 ? 215 C   D "O2'" 1 
ATOM   641 C "C1'" . C   D 1 7 ? -1.90080  8.01312   6.61124   1.000 19.18293 ? 215 C   D "C1'" 1 
ATOM   642 N N1    . C   D 1 7 ? -3.21019  7.32493   6.67184   1.000 17.47813 ? 215 C   D N1    1 
ATOM   643 C C2    . C   D 1 7 ? -4.36668  8.09980   6.54857   1.000 14.27551 ? 215 C   D C2    1 
ATOM   644 O O2    . C   D 1 7 ? -4.25589  9.32244   6.37816   1.000 20.73170 ? 215 C   D O2    1 
ATOM   645 N N3    . C   D 1 7 ? -5.57651  7.50074   6.60646   1.000 12.59675 ? 215 C   D N3    1 
ATOM   646 C C4    . C   D 1 7 ? -5.65740  6.18340   6.79022   1.000 13.86733 ? 215 C   D C4    1 
ATOM   647 N N4    . C   D 1 7 ? -6.87307  5.63649   6.84162   1.000 13.76846 ? 215 C   D N4    1 
ATOM   648 C C5    . C   D 1 7 ? -4.49759  5.36759   6.92766   1.000 14.97573 ? 215 C   D C5    1 
ATOM   649 C C6    . C   D 1 7 ? -3.30691  5.97474   6.86474   1.000 14.99903 ? 215 C   D C6    1 
ATOM   650 P P     . G   D 1 8 ? -0.42683  7.65297   11.14577  1.000 26.81920 ? 216 G   D P     1 
ATOM   651 O OP1   . G   D 1 8 ? 0.65112   8.03977   12.08889  1.000 36.35076 ? 216 G   D OP1   1 
ATOM   652 O OP2   . G   D 1 8 ? -1.03106  6.30090   11.24509  1.000 24.21397 ? 216 G   D OP2   1 
ATOM   653 O "O5'" . G   D 1 8 ? -1.60143  8.72494   11.25669  1.000 18.60897 ? 216 G   D "O5'" 1 
ATOM   654 C "C5'" . G   D 1 8 ? -1.32922  10.11442  11.14427  1.000 20.77863 ? 216 G   D "C5'" 1 
ATOM   655 C "C4'" . G   D 1 8 ? -2.58971  10.94279  11.16019  1.000 20.50705 ? 216 G   D "C4'" 1 
ATOM   656 O "O4'" . G   D 1 8 ? -3.43322  10.60756  10.02958  1.000 20.99250 ? 216 G   D "O4'" 1 
ATOM   657 C "C3'" . G   D 1 8 ? -3.50559  10.75564  12.35987  1.000 23.40683 ? 216 G   D "C3'" 1 
ATOM   658 O "O3'" . G   D 1 8 ? -3.05343  11.44300  13.51104  1.000 29.71375 ? 216 G   D "O3'" 1 
ATOM   659 C "C2'" . G   D 1 8 ? -4.84259  11.25798  11.83010  1.000 19.48051 ? 216 G   D "C2'" 1 
ATOM   660 O "O2'" . G   D 1 8 ? -4.88754  12.67753  11.83812  1.000 19.95184 ? 216 G   D "O2'" 1 
ATOM   661 C "C1'" . G   D 1 8 ? -4.79345  10.78337  10.37670  1.000 16.80202 ? 216 G   D "C1'" 1 
ATOM   662 N N9    . G   D 1 8 ? -5.51307  9.50960   10.19038  1.000 15.86642 ? 216 G   D N9    1 
ATOM   663 C C8    . G   D 1 8 ? -4.97275  8.25423   10.06026  1.000 15.78577 ? 216 G   D C8    1 
ATOM   664 N N7    . G   D 1 8 ? -5.87353  7.32231   9.91319   1.000 15.37894 ? 216 G   D N7    1 
ATOM   665 C C5    . G   D 1 8 ? -7.08300  8.00160   9.95263   1.000 12.23515 ? 216 G   D C5    1 
ATOM   666 C C6    . G   D 1 8 ? -8.41288  7.51619   9.84552   1.000 14.79709 ? 216 G   D C6    1 
ATOM   667 O O6    . G   D 1 8 ? -8.80031  6.35114   9.68841   1.000 14.32602 ? 216 G   D O6    1 
ATOM   668 N N1    . G   D 1 8 ? -9.34272  8.54722   9.93741   1.000 13.81328 ? 216 G   D N1    1 
ATOM   669 C C2    . G   D 1 8 ? -9.03542  9.87330   10.11108  1.000 14.99704 ? 216 G   D C2    1 
ATOM   670 N N2    . G   D 1 8 ? -10.08093 10.71104  10.17573  1.000 17.62948 ? 216 G   D N2    1 
ATOM   671 N N3    . G   D 1 8 ? -7.79949  10.33823  10.21353  1.000 15.18911 ? 216 G   D N3    1 
ATOM   672 C C4    . G   D 1 8 ? -6.87880  9.35361   10.12560  1.000 15.08733 ? 216 G   D C4    1 
HETATM 673 O O     . HOH E 2 . ? 22.34624  -2.22613  -1.04078  1.000 44.83437 ? 201 HOH A O     1 
HETATM 674 O O     . HOH E 2 . ? 1.17955   -9.24939  -3.36723  1.000 30.49582 ? 202 HOH A O     1 
HETATM 675 O O     . HOH E 2 . ? 0.84827   3.43819   -6.85378  1.000 23.03580 ? 203 HOH A O     1 
HETATM 676 O O     . HOH E 2 . ? 20.53730  -3.11421  -3.34836  1.000 26.20262 ? 204 HOH A O     1 
HETATM 677 O O     . HOH E 2 . ? 13.69548  -9.50701  -9.41253  1.000 33.22564 ? 205 HOH A O     1 
HETATM 678 O O     . HOH E 2 . ? 9.59317   -13.73968 -10.78276 1.000 43.51906 ? 206 HOH A O     1 
HETATM 679 O O     . HOH E 2 . ? -0.51874  -2.91669  -4.26740  1.000 32.62661 ? 207 HOH A O     1 
HETATM 680 O O     . HOH E 2 . ? 20.49460  -1.09194  7.92663   1.000 34.83289 ? 208 HOH A O     1 
HETATM 681 O O     . HOH E 2 . ? 11.74011  -4.03416  -2.75723  1.000 26.20738 ? 209 HOH A O     1 
HETATM 682 O O     . HOH E 2 . ? 3.20279   -5.58687  -11.13497 1.000 39.97199 ? 210 HOH A O     1 
HETATM 683 O O     . HOH E 2 . ? 17.45720  -11.04955 1.54837   1.000 31.87692 ? 211 HOH A O     1 
HETATM 684 O O     . HOH E 2 . ? -2.29388  -5.39290  -13.48637 1.000 45.84459 ? 212 HOH A O     1 
HETATM 685 O O     . HOH E 2 . ? -3.21552  -6.03786  -6.87434  1.000 31.27841 ? 213 HOH A O     1 
HETATM 686 O O     . HOH E 2 . ? 5.16374   -3.58752  -10.15506 1.000 21.11541 ? 214 HOH A O     1 
HETATM 687 O O     . HOH E 2 . ? 7.15310   -8.16338  -8.79371  1.000 30.22036 ? 215 HOH A O     1 
HETATM 688 O O     . HOH E 2 . ? 13.83857  -2.72280  2.67958   1.000 27.85468 ? 216 HOH A O     1 
HETATM 689 O O     . HOH E 2 . ? 10.98708  -4.97651  8.93914   1.000 37.52670 ? 217 HOH A O     1 
HETATM 690 O O     . HOH E 2 . ? 11.35846  -13.11540 -1.19732  1.000 30.35288 ? 218 HOH A O     1 
HETATM 691 O O     . HOH E 2 . ? 1.65458   -7.17328  -1.93147  1.000 24.82802 ? 219 HOH A O     1 
HETATM 692 O O     . HOH E 2 . ? -4.11897  -6.01549  -9.61239  1.000 48.29226 ? 220 HOH A O     1 
HETATM 693 O O     . HOH E 2 . ? 10.46527  -4.96104  -5.75962  1.000 21.80788 ? 221 HOH A O     1 
HETATM 694 O O     . HOH E 2 . ? 10.31345  -2.33427  8.70844   1.000 30.41998 ? 222 HOH A O     1 
HETATM 695 O O     . HOH E 2 . ? 13.32297  2.63359   3.83664   1.000 31.01000 ? 223 HOH A O     1 
HETATM 696 O O     . HOH E 2 . ? 1.49511   -2.48223  -11.91392 1.000 32.84620 ? 224 HOH A O     1 
HETATM 697 O O     . HOH E 2 . ? 14.00152  -6.27470  -4.42866  1.000 29.66865 ? 225 HOH A O     1 
HETATM 698 O O     . HOH E 2 . ? 14.82168  -4.82415  -0.98812  1.000 26.63378 ? 226 HOH A O     1 
HETATM 699 O O     . HOH E 2 . ? 18.97933  -9.54741  -6.08317  1.000 38.33255 ? 227 HOH A O     1 
HETATM 700 O O     . HOH E 2 . ? 5.75736   -12.36825 -11.24017 1.000 30.36030 ? 228 HOH A O     1 
HETATM 701 O O     . HOH E 2 . ? 5.37092   -6.17591  -10.75375 1.000 36.19445 ? 229 HOH A O     1 
HETATM 702 O O     . HOH E 2 . ? 11.78745  -3.37219  0.85373   1.000 34.30170 ? 230 HOH A O     1 
HETATM 703 O O     . HOH E 2 . ? -2.26713  1.14668   -5.28322  1.000 26.71772 ? 231 HOH A O     1 
HETATM 704 O O     . HOH E 2 . ? 11.23610  -3.54103  6.32346   1.000 27.16657 ? 232 HOH A O     1 
HETATM 705 O O     . HOH E 2 . ? -4.64846  -3.56099  -9.57123  1.000 47.87822 ? 233 HOH A O     1 
HETATM 706 O O     . HOH E 2 . ? 11.05590  -7.91035  -6.87940  1.000 27.53375 ? 234 HOH A O     1 
HETATM 707 O O     . HOH E 2 . ? 14.77181  -1.82355  -0.98416  1.000 39.31010 ? 235 HOH A O     1 
HETATM 708 O O     . HOH E 2 . ? 15.92568  -12.67380 1.03842   1.000 40.89445 ? 236 HOH A O     1 
HETATM 709 O O     . HOH E 2 . ? 17.75722  -0.85314  -3.51064  1.000 38.42708 ? 237 HOH A O     1 
HETATM 710 O O     . HOH E 2 . ? 14.01762  -0.92703  1.07689   1.000 38.55179 ? 238 HOH A O     1 
HETATM 711 O O     . HOH E 2 . ? -0.03026  -4.78023  -14.60008 1.000 44.33586 ? 239 HOH A O     1 
HETATM 712 O O     . HOH E 2 . ? 12.47276  -1.01082  5.73326   1.000 28.80281 ? 240 HOH A O     1 
HETATM 713 O O     . HOH E 2 . ? 14.73660  0.46072   -0.72886  1.000 29.79960 ? 241 HOH A O     1 
HETATM 714 O O     . HOH E 2 . ? -0.31747  -13.34667 -10.80955 1.000 27.66146 ? 242 HOH A O     1 
HETATM 715 O O     . HOH E 2 . ? -5.47090  -7.61185  -10.97928 1.000 44.77580 ? 243 HOH A O     1 
HETATM 716 O O     . HOH E 2 . ? 18.34901  -1.83894  -5.48066  1.000 36.27279 ? 244 HOH A O     1 
HETATM 717 O O     . HOH E 2 . ? 11.21271  -0.24941  1.90766   1.000 32.45842 ? 245 HOH A O     1 
HETATM 718 O O     . HOH F 2 . ? -0.47369  -2.81845  0.03173   1.000 22.88238 ? 301 HOH B O     1 
HETATM 719 O O     . HOH F 2 . ? -0.74483  -6.17050  7.12788   1.000 38.29273 ? 302 HOH B O     1 
HETATM 720 O O     . HOH F 2 . ? 12.26320  -15.20757 3.69063   1.000 35.59012 ? 303 HOH B O     1 
HETATM 721 O O     . HOH F 2 . ? 8.62013   -0.77336  -1.48302  1.000 26.90686 ? 304 HOH B O     1 
HETATM 722 O O     . HOH F 2 . ? 17.62732  -11.70164 5.63696   1.000 34.17893 ? 305 HOH B O     1 
HETATM 723 O O     . HOH F 2 . ? 11.60550  -5.71056  11.28479  1.000 23.45408 ? 306 HOH B O     1 
HETATM 724 O O     . HOH F 2 . ? 4.44335   6.67953   2.84390   1.000 41.49239 ? 307 HOH B O     1 
HETATM 725 O O     . HOH F 2 . ? 13.28192  -12.90253 2.62169   1.000 29.91373 ? 308 HOH B O     1 
HETATM 726 O O     . HOH F 2 . ? 0.97896   3.61638   -2.09956  1.000 31.76509 ? 309 HOH B O     1 
HETATM 727 O O     . HOH F 2 . ? 21.20471  -7.20844  9.02893   1.000 19.36207 ? 310 HOH B O     1 
HETATM 728 O O     . HOH F 2 . ? 10.06630  1.11937   -2.97793  1.000 26.66131 ? 311 HOH B O     1 
HETATM 729 O O     . HOH F 2 . ? 0.87866   -3.98013  -1.78812  1.000 20.48930 ? 312 HOH B O     1 
HETATM 730 O O     . HOH F 2 . ? 12.41261  -8.74095  11.02715  1.000 26.53277 ? 313 HOH B O     1 
HETATM 731 O O     . HOH F 2 . ? 14.83539  -17.56369 11.29563  1.000 42.04462 ? 314 HOH B O     1 
HETATM 732 O O     . HOH F 2 . ? 5.49887   -3.38782  5.46230   1.000 34.21290 ? 315 HOH B O     1 
HETATM 733 O O     . HOH F 2 . ? 2.49614   6.56978   0.53836   1.000 41.57435 ? 316 HOH B O     1 
HETATM 734 O O     . HOH F 2 . ? 3.06641   3.62213   5.31567   1.000 30.80786 ? 317 HOH B O     1 
HETATM 735 O O     . HOH F 2 . ? 5.99842   -6.47194  7.36813   1.000 26.66562 ? 318 HOH B O     1 
HETATM 736 O O     . HOH F 2 . ? 8.83484   -5.37124  6.64648   1.000 21.01714 ? 319 HOH B O     1 
HETATM 737 O O     . HOH F 2 . ? 6.51198   -1.35827  2.44105   1.000 25.28987 ? 320 HOH B O     1 
HETATM 738 O O     . HOH F 2 . ? 5.88871   -13.50550 11.30172  1.000 31.23982 ? 321 HOH B O     1 
HETATM 739 O O     . HOH F 2 . ? 8.28257   0.53661   2.58085   1.000 26.44667 ? 322 HOH B O     1 
HETATM 740 O O     . HOH F 2 . ? 8.94279   -3.06386  3.91643   1.000 25.72724 ? 323 HOH B O     1 
HETATM 741 O O     . HOH F 2 . ? 8.45713   -10.22353 9.64664   1.000 35.53578 ? 324 HOH B O     1 
HETATM 742 O O     . HOH F 2 . ? 16.16332  -16.90991 7.23159   1.000 33.03283 ? 325 HOH B O     1 
HETATM 743 O O     . HOH F 2 . ? 6.29739   -12.90654 1.27629   1.000 30.36355 ? 326 HOH B O     1 
HETATM 744 O O     . HOH F 2 . ? 9.24569   -2.26084  0.60603   1.000 26.24924 ? 327 HOH B O     1 
HETATM 745 O O     . HOH F 2 . ? 11.84062  -11.74675 11.48185  1.000 34.10338 ? 328 HOH B O     1 
HETATM 746 O O     . HOH F 2 . ? -0.38158  0.94028   -1.02056  1.000 26.50477 ? 329 HOH B O     1 
HETATM 747 O O     . HOH F 2 . ? 0.36114   -3.99649  9.31377   1.000 44.62327 ? 330 HOH B O     1 
HETATM 748 O O     . HOH F 2 . ? 1.96480   -13.39393 10.21187  1.000 51.13084 ? 331 HOH B O     1 
HETATM 749 O O     . HOH F 2 . ? 9.54834   -7.40514  9.17326   1.000 32.29360 ? 332 HOH B O     1 
HETATM 750 O O     . HOH F 2 . ? 14.43457  1.75229   -5.46505  1.000 34.04784 ? 333 HOH B O     1 
HETATM 751 O O     . HOH F 2 . ? 10.17594  -1.70670  -4.57800  1.000 22.82293 ? 334 HOH B O     1 
HETATM 752 O O     . HOH F 2 . ? 14.61948  -10.96016 13.39991  1.000 30.36921 ? 335 HOH B O     1 
HETATM 753 O O     . HOH F 2 . ? 21.48330  -9.98212  6.37681   1.000 27.61045 ? 336 HOH B O     1 
HETATM 754 O O     . HOH F 2 . ? -2.07903  -6.71381  3.53551   1.000 43.98732 ? 337 HOH B O     1 
HETATM 755 O O     . HOH F 2 . ? 15.20896  -14.39020 3.59364   1.000 39.18179 ? 338 HOH B O     1 
HETATM 756 O O     . HOH F 2 . ? 9.87155   1.11040   0.65698   1.000 31.54424 ? 339 HOH B O     1 
HETATM 757 O O     . HOH F 2 . ? -1.52893  -4.92247  0.78960   1.000 33.66690 ? 340 HOH B O     1 
HETATM 758 O O     . HOH F 2 . ? 10.69393  -1.56648  -1.97204  1.000 37.77440 ? 341 HOH B O     1 
HETATM 759 O O     . HOH F 2 . ? 4.68068   -12.52203 12.90942  1.000 28.35115 ? 342 HOH B O     1 
HETATM 760 O O     . HOH F 2 . ? 3.56796   7.62391   4.97993   1.000 37.17212 ? 343 HOH B O     1 
HETATM 761 O O     . HOH F 2 . ? 15.46292  1.58758   -2.56703  1.000 45.03230 ? 344 HOH B O     1 
HETATM 762 O O     . HOH F 2 . ? 5.13031   1.50930   7.71314   1.000 28.62444 ? 345 HOH B O     1 
HETATM 763 O O     . HOH F 2 . ? 7.36965   -10.46233 12.21324  1.000 33.49859 ? 346 HOH B O     1 
HETATM 764 O O     . HOH F 2 . ? 11.54957  -15.06018 1.07481   1.000 45.64536 ? 347 HOH B O     1 
HETATM 765 O O     . HOH F 2 . ? 6.22551   8.42630   2.55845   1.000 53.34501 ? 348 HOH B O     1 
HETATM 766 O O     . HOH F 2 . ? 12.32695  -0.43776  -0.36741  1.000 34.07313 ? 349 HOH B O     1 
HETATM 767 O O     . HOH F 2 . ? 17.62355  -18.13768 4.31224   1.000 60.97687 ? 350 HOH B O     1 
HETATM 768 O O     . HOH F 2 . ? -2.57193  -9.36773  8.20969   1.000 51.37161 ? 351 HOH B O     1 
HETATM 769 O O     . HOH G 2 . ? -17.05741 8.36894   4.06700   1.000 28.24911 ? 201 HOH C O     1 
HETATM 770 O O     . HOH G 2 . ? -5.45351  -1.04244  -7.46637  1.000 25.84427 ? 202 HOH C O     1 
HETATM 771 O O     . HOH G 2 . ? -11.38896 17.29038  5.62065   1.000 34.92997 ? 203 HOH C O     1 
HETATM 772 O O     . HOH G 2 . ? -12.91829 7.89772   5.35274   1.000 29.96657 ? 204 HOH C O     1 
HETATM 773 O O     . HOH G 2 . ? -11.12176 17.44580  0.02727   1.000 37.92307 ? 205 HOH C O     1 
HETATM 774 O O     . HOH G 2 . ? -6.47208  6.64883   -9.86055  1.000 32.47019 ? 206 HOH C O     1 
HETATM 775 O O     . HOH G 2 . ? -9.24782  -3.88681  -15.02791 1.000 51.96035 ? 207 HOH C O     1 
HETATM 776 O O     . HOH G 2 . ? -17.74675 -0.07691  -10.53320 1.000 18.83533 ? 208 HOH C O     1 
HETATM 777 O O     . HOH G 2 . ? -1.66962  14.24190  -5.08679  1.000 41.39108 ? 209 HOH C O     1 
HETATM 778 O O     . HOH G 2 . ? -3.58026  11.85565  3.13636   1.000 25.19345 ? 210 HOH C O     1 
HETATM 779 O O     . HOH G 2 . ? -2.37325  6.91757   -12.91351 1.000 21.32805 ? 211 HOH C O     1 
HETATM 780 O O     . HOH G 2 . ? -0.31940  12.33543  -3.03641  1.000 35.73723 ? 212 HOH C O     1 
HETATM 781 O O     . HOH G 2 . ? -11.37669 -2.47813  -8.61855  1.000 32.93156 ? 213 HOH C O     1 
HETATM 782 O O     . HOH G 2 . ? -7.90121  14.64267  6.80773   1.000 30.57456 ? 214 HOH C O     1 
HETATM 783 O O     . HOH G 2 . ? -10.41008 8.69686   -2.79576  1.000 22.20235 ? 215 HOH C O     1 
HETATM 784 O O     . HOH G 2 . ? -11.09085 8.06702   3.22305   1.000 27.55669 ? 216 HOH C O     1 
HETATM 785 O O     . HOH G 2 . ? -2.31040  2.84670   -3.76917  1.000 27.52747 ? 217 HOH C O     1 
HETATM 786 O O     . HOH G 2 . ? -3.69364  9.63261   -11.90007 1.000 35.43809 ? 218 HOH C O     1 
HETATM 787 O O     . HOH G 2 . ? -8.14837  11.50121  -3.47501  1.000 27.86023 ? 219 HOH C O     1 
HETATM 788 O O     . HOH G 2 . ? -7.53638  -1.13606  -5.89902  1.000 23.51040 ? 220 HOH C O     1 
HETATM 789 O O     . HOH G 2 . ? -10.92113 5.38089   -12.07971 1.000 21.18631 ? 221 HOH C O     1 
HETATM 790 O O     . HOH G 2 . ? -10.82768 7.51238   0.47954   1.000 24.85170 ? 222 HOH C O     1 
HETATM 791 O O     . HOH G 2 . ? -9.71961  8.53690   -6.00808  1.000 21.64462 ? 223 HOH C O     1 
HETATM 792 O O     . HOH G 2 . ? -12.28153 11.17117  0.01034   1.000 38.69251 ? 224 HOH C O     1 
HETATM 793 O O     . HOH G 2 . ? -9.93091  10.92562  0.06772   1.000 26.93044 ? 225 HOH C O     1 
HETATM 794 O O     . HOH G 2 . ? -13.37684 17.90237  3.17740   1.000 40.92340 ? 226 HOH C O     1 
HETATM 795 O O     . HOH G 2 . ? -9.17020  6.98281   -9.32896  1.000 31.00270 ? 227 HOH C O     1 
HETATM 796 O O     . HOH G 2 . ? -11.92350 8.04853   -10.80924 0.50  18.28845 ? 228 HOH C O     1 
HETATM 797 O O     . HOH G 2 . ? -12.46910 12.90072  10.50119  1.000 33.75035 ? 229 HOH C O     1 
HETATM 798 O O     . HOH G 2 . ? -15.59853 -3.50193  -10.01372 1.000 27.41936 ? 230 HOH C O     1 
HETATM 799 O O     . HOH G 2 . ? -8.54085  -4.47636  -12.06396 1.000 37.98799 ? 231 HOH C O     1 
HETATM 800 O O     . HOH G 2 . ? -7.51718  14.11735  -5.92942  1.000 30.42748 ? 232 HOH C O     1 
HETATM 801 O O     . HOH G 2 . ? -12.62031 10.34756  3.21654   1.000 31.79198 ? 233 HOH C O     1 
HETATM 802 O O     . HOH G 2 . ? -12.29937 3.12584   7.56295   1.000 27.49905 ? 234 HOH C O     1 
HETATM 803 O O     . HOH G 2 . ? -8.26874  5.32687   -13.14990 1.000 28.56839 ? 235 HOH C O     1 
HETATM 804 O O     . HOH G 2 . ? -6.82334  9.64421   -6.91659  1.000 25.80227 ? 236 HOH C O     1 
HETATM 805 O O     . HOH G 2 . ? -11.01657 4.96520   5.71497   1.000 27.07862 ? 237 HOH C O     1 
HETATM 806 O O     . HOH G 2 . ? -5.86654  14.77980  -8.05613  1.000 38.67509 ? 238 HOH C O     1 
HETATM 807 O O     . HOH G 2 . ? -5.10769  7.12114   -13.71700 1.000 36.31130 ? 239 HOH C O     1 
HETATM 808 O O     . HOH G 2 . ? -13.57731 9.37787   1.38643   1.000 37.19805 ? 240 HOH C O     1 
HETATM 809 O O     . HOH G 2 . ? -13.60963 15.59827  9.85064   1.000 45.47118 ? 241 HOH C O     1 
HETATM 810 O O     . HOH G 2 . ? -2.87818  8.89553   -13.95782 1.000 29.52500 ? 242 HOH C O     1 
HETATM 811 O O     . HOH G 2 . ? -6.19188  8.86049   -12.61974 1.000 22.58156 ? 243 HOH C O     1 
HETATM 812 O O     . HOH G 2 . ? -3.55657  -0.76908  -5.10507  1.000 28.14009 ? 244 HOH C O     1 
HETATM 813 O O     . HOH G 2 . ? -20.75058 12.40188  4.02931   1.000 39.24826 ? 245 HOH C O     1 
HETATM 814 O O     . HOH G 2 . ? -9.35915  12.28523  -7.19694  1.000 35.85581 ? 246 HOH C O     1 
HETATM 815 O O     . HOH G 2 . ? -9.36795  1.16230   8.26134   1.000 32.53263 ? 247 HOH C O     1 
HETATM 816 O O     . HOH H 2 . ? -7.81477  -6.76395  1.96874   1.000 27.05545 ? 301 HOH D O     1 
HETATM 817 O O     . HOH H 2 . ? 2.61460   8.85565   10.83244  1.000 36.11168 ? 302 HOH D O     1 
HETATM 818 O O     . HOH H 2 . ? -15.01315 -1.85607  -7.55125  1.000 28.76626 ? 303 HOH D O     1 
HETATM 819 O O     . HOH H 2 . ? 0.65617   6.86198   3.05214   1.000 36.85514 ? 304 HOH D O     1 
HETATM 820 O O     . HOH H 2 . ? -20.73617 4.45476   1.60968   1.000 33.01429 ? 305 HOH D O     1 
HETATM 821 O O     . HOH H 2 . ? -16.38392 7.09475   -3.17890  1.000 32.18763 ? 306 HOH D O     1 
HETATM 822 O O     . HOH H 2 . ? -8.56496  2.52366   4.86203   1.000 20.76703 ? 307 HOH D O     1 
HETATM 823 O O     . HOH H 2 . ? -7.40982  13.39314  11.60541  1.000 22.37050 ? 308 HOH D O     1 
HETATM 824 O O     . HOH H 2 . ? -2.49028  11.39158  6.64093   1.000 27.91849 ? 309 HOH D O     1 
HETATM 825 O O     . HOH H 2 . ? -11.23865 -4.25304  -4.59329  1.000 23.72111 ? 310 HOH D O     1 
HETATM 826 O O     . HOH H 2 . ? -21.18544 -0.22982  0.21168   1.000 43.83075 ? 311 HOH D O     1 
HETATM 827 O O     . HOH H 2 . ? -11.14533 3.83965   2.22198   1.000 26.59314 ? 312 HOH D O     1 
HETATM 828 O O     . HOH H 2 . ? -17.86045 -2.32478  -5.88248  1.000 29.06843 ? 313 HOH D O     1 
HETATM 829 O O     . HOH H 2 . ? -1.84048  2.98836   -0.93838  1.000 31.38004 ? 314 HOH D O     1 
HETATM 830 O O     . HOH H 2 . ? -21.79792 3.24214   -6.67432  1.000 38.98170 ? 315 HOH D O     1 
HETATM 831 O O     . HOH H 2 . ? -18.06465 -2.53376  1.60462   1.000 30.51912 ? 316 HOH D O     1 
HETATM 832 O O     . HOH H 2 . ? -8.78468  3.61582   10.29279  0.50  22.98471 ? 317 HOH D O     1 
HETATM 833 O O     . HOH H 2 . ? -12.80065 1.64370   0.39643   1.000 21.37180 ? 318 HOH D O     1 
HETATM 834 O O     . HOH H 2 . ? -10.40515 -2.01724  -5.69031  1.000 20.99179 ? 319 HOH D O     1 
HETATM 835 O O     . HOH H 2 . ? -4.00329  1.66295   7.34309   1.000 24.29069 ? 320 HOH D O     1 
HETATM 836 O O     . HOH H 2 . ? -5.63152  4.52291   10.29761  1.000 20.06313 ? 321 HOH D O     1 
HETATM 837 O O     . HOH H 2 . ? -2.20870  -4.93127  5.79036   1.000 38.53918 ? 322 HOH D O     1 
HETATM 838 O O     . HOH H 2 . ? -0.01805  -1.83122  7.65419   1.000 33.88545 ? 323 HOH D O     1 
HETATM 839 O O     . HOH H 2 . ? -10.87333 -0.11929  2.59882   1.000 27.63423 ? 324 HOH D O     1 
HETATM 840 O O     . HOH H 2 . ? -20.77591 -1.34804  -2.35618  1.000 42.75318 ? 325 HOH D O     1 
HETATM 841 O O     . HOH H 2 . ? -3.09817  5.95956   13.33913  1.000 31.53460 ? 326 HOH D O     1 
HETATM 842 O O     . HOH H 2 . ? -14.98156 3.22405   1.08462   1.000 31.06442 ? 327 HOH D O     1 
HETATM 843 O O     . HOH H 2 . ? -7.86657  -0.12736  4.44088   1.000 26.99831 ? 328 HOH D O     1 
HETATM 844 O O     . HOH H 2 . ? -12.05327 5.36230   -0.42155  1.000 28.80713 ? 329 HOH D O     1 
HETATM 845 O O     . HOH H 2 . ? -5.12086  -1.15558  -2.94686  1.000 22.07473 ? 330 HOH D O     1 
HETATM 846 O O     . HOH H 2 . ? -2.67354  3.88741   10.38482  1.000 25.55624 ? 331 HOH D O     1 
HETATM 847 O O     . HOH H 2 . ? -12.43276 7.38821   -5.32256  1.000 30.00088 ? 332 HOH D O     1 
HETATM 848 O O     . HOH H 2 . ? -9.58471  13.73403  10.08915  1.000 30.12284 ? 333 HOH D O     1 
HETATM 849 O O     . HOH H 2 . ? -17.77092 4.18493   2.12816   1.000 37.45510 ? 334 HOH D O     1 
HETATM 850 O O     . HOH H 2 . ? -3.33013  14.03870  9.44496   1.000 25.15718 ? 335 HOH D O     1 
HETATM 851 O O     . HOH H 2 . ? -17.40808 6.42989   1.31587   1.000 34.12336 ? 336 HOH D O     1 
HETATM 852 O O     . HOH H 2 . ? -2.61758  -1.56838  -1.80131  1.000 31.53979 ? 337 HOH D O     1 
HETATM 853 O O     . HOH H 2 . ? -6.45595  2.65280   8.50953   1.000 35.47547 ? 338 HOH D O     1 
HETATM 854 O O     . HOH H 2 . ? 4.55373   3.75952   7.83058   1.000 37.01000 ? 339 HOH D O     1 
HETATM 855 O O     . HOH H 2 . ? -20.48024 8.58646   1.62218   1.000 44.90255 ? 340 HOH D O     1 
HETATM 856 O O     . HOH H 2 . ? -15.34367 -3.80158  -6.08487  1.000 31.04824 ? 341 HOH D O     1 
HETATM 857 O O     . HOH H 2 . ? -21.54200 -2.28877  1.40378   1.000 41.05983 ? 342 HOH D O     1 
HETATM 858 O O     . HOH H 2 . ? -22.93931 7.43625   -8.61143  1.000 31.79603 ? 343 HOH D O     1 
HETATM 859 O O     . HOH H 2 . ? -9.25743  -5.47217  -4.39986  1.000 34.46034 ? 344 HOH D O     1 
HETATM 860 O O     . HOH H 2 . ? -7.37087  -7.03845  -2.34099  1.000 59.51289 ? 345 HOH D O     1 
HETATM 861 O O     . HOH H 2 . ? -4.18613  -0.70909  9.53168   1.000 36.55890 ? 346 HOH D O     1 
HETATM 862 O O     . HOH H 2 . ? -15.07680 5.62748   0.48240   1.000 28.38586 ? 347 HOH D O     1 
HETATM 863 O O     . HOH H 2 . ? 0.81171   10.65020  3.87890   1.000 38.48626 ? 348 HOH D O     1 
HETATM 864 O O     . HOH H 2 . ? -4.81903  -5.39048  6.59789   1.000 34.45545 ? 349 HOH D O     1 
HETATM 865 O O     . HOH H 2 . ? -13.32997 3.11097   3.28472   1.000 30.61587 ? 350 HOH D O     1 
HETATM 866 O O     . HOH H 2 . ? -7.31986  -0.07306  9.37020   0.50  39.19378 ? 351 HOH D O     1 
# 
